data_7WIM
#
_entry.id   7WIM
#
_cell.length_a   53.058
_cell.length_b   203.914
_cell.length_c   94.547
_cell.angle_alpha   90.00
_cell.angle_beta   96.14
_cell.angle_gamma   90.00
#
_symmetry.space_group_name_H-M   'P 1 21 1'
#
loop_
_entity.id
_entity.type
_entity.pdbx_description
1 polymer 'Peptidyl-prolyl cis-trans isomerase FKBP43'
2 water water
#
_entity_poly.entity_id   1
_entity_poly.type   'polypeptide(L)'
_entity_poly.pdbx_seq_one_letter_code
;MAFWGVEVKPGKTFTLKNNEATGIRRLHLSQATLGHGTATNRSILQCNVGNKSPLLLCVLTPDKVDSCQLNLEFEETDEV
IFSVIGPRSVHLTGYFLGRSTGFRPNDDESLEHHHHHH
;
_entity_poly.pdbx_strand_id   A,B,C,D,E,F,G,H,I,J,K,L,M,N,O,P,Q,R,S,T
#
# COMPACT_ATOMS: atom_id res chain seq x y z
N ALA A 2 -43.47 -31.65 12.39
CA ALA A 2 -42.59 -31.25 13.48
C ALA A 2 -42.83 -29.80 13.86
N PHE A 3 -42.94 -28.94 12.84
CA PHE A 3 -43.08 -27.50 13.07
C PHE A 3 -44.32 -27.22 13.91
N TRP A 4 -44.21 -26.23 14.78
CA TRP A 4 -45.31 -25.83 15.65
C TRP A 4 -45.28 -24.33 15.84
N GLY A 5 -46.47 -23.75 15.98
CA GLY A 5 -46.56 -22.32 16.23
C GLY A 5 -47.97 -21.84 16.50
N VAL A 6 -48.08 -20.74 17.24
CA VAL A 6 -49.37 -20.15 17.55
C VAL A 6 -49.18 -18.66 17.79
N GLU A 7 -50.17 -17.87 17.38
CA GLU A 7 -50.22 -16.45 17.69
C GLU A 7 -51.02 -16.27 18.98
N VAL A 8 -50.36 -15.79 20.03
CA VAL A 8 -51.03 -15.48 21.28
C VAL A 8 -51.41 -14.00 21.26
N LYS A 9 -52.72 -13.74 21.26
CA LYS A 9 -53.26 -12.41 21.09
C LYS A 9 -53.09 -11.59 22.37
N PRO A 10 -53.08 -10.25 22.25
CA PRO A 10 -52.79 -9.39 23.41
C PRO A 10 -53.66 -9.62 24.63
N GLY A 11 -54.85 -10.21 24.46
CA GLY A 11 -55.74 -10.37 25.58
C GLY A 11 -56.19 -11.80 25.82
N LYS A 12 -55.59 -12.75 25.11
CA LYS A 12 -56.03 -14.15 25.15
C LYS A 12 -54.91 -15.04 25.67
N THR A 13 -55.32 -16.16 26.27
CA THR A 13 -54.43 -17.14 26.86
C THR A 13 -54.32 -18.36 25.96
N PHE A 14 -53.09 -18.87 25.80
CA PHE A 14 -52.87 -20.14 25.11
C PHE A 14 -52.39 -21.24 26.05
N THR A 15 -52.96 -22.42 25.87
CA THR A 15 -52.54 -23.65 26.55
C THR A 15 -52.17 -24.66 25.48
N LEU A 16 -51.27 -25.58 25.81
CA LEU A 16 -50.86 -26.62 24.88
C LEU A 16 -51.79 -27.82 25.02
N LYS A 17 -52.44 -28.19 23.92
CA LYS A 17 -53.35 -29.32 23.89
C LYS A 17 -53.31 -30.02 22.53
N ILE A 24 -48.89 -32.32 21.68
CA ILE A 24 -48.80 -33.38 20.70
C ILE A 24 -47.52 -34.18 20.93
N ARG A 25 -46.47 -33.51 21.37
CA ARG A 25 -45.20 -34.15 21.70
C ARG A 25 -44.42 -33.21 22.62
N ARG A 26 -43.21 -33.63 22.97
CA ARG A 26 -42.26 -32.78 23.67
C ARG A 26 -41.99 -31.55 22.82
N LEU A 27 -42.49 -30.39 23.26
CA LEU A 27 -42.44 -29.18 22.44
C LEU A 27 -41.19 -28.37 22.75
N HIS A 28 -40.45 -28.00 21.71
CA HIS A 28 -39.31 -27.09 21.83
C HIS A 28 -39.77 -25.72 21.34
N LEU A 29 -39.91 -24.78 22.28
CA LEU A 29 -40.26 -23.40 21.95
C LEU A 29 -38.97 -22.66 21.62
N SER A 30 -38.85 -22.21 20.37
CA SER A 30 -37.60 -21.65 19.85
C SER A 30 -37.62 -20.13 19.76
N GLN A 31 -38.70 -19.54 19.27
CA GLN A 31 -38.67 -18.15 18.84
C GLN A 31 -39.98 -17.46 19.21
N ALA A 32 -39.85 -16.20 19.63
CA ALA A 32 -41.01 -15.34 19.85
C ALA A 32 -40.86 -14.10 18.98
N THR A 33 -41.88 -13.81 18.17
CA THR A 33 -41.84 -12.70 17.23
C THR A 33 -43.02 -11.78 17.48
N LEU A 34 -42.77 -10.47 17.52
CA LEU A 34 -43.84 -9.52 17.73
C LEU A 34 -44.76 -9.50 16.52
N GLY A 35 -46.06 -9.43 16.77
CA GLY A 35 -47.04 -9.47 15.70
C GLY A 35 -47.27 -8.10 15.10
N HIS A 36 -48.15 -8.08 14.09
CA HIS A 36 -48.40 -6.84 13.36
C HIS A 36 -49.11 -5.82 14.24
N GLY A 37 -48.88 -4.56 13.94
CA GLY A 37 -49.49 -3.47 14.69
C GLY A 37 -48.65 -2.22 14.61
N THR A 38 -49.25 -1.12 15.07
CA THR A 38 -48.58 0.19 15.09
C THR A 38 -48.19 0.63 16.48
N ALA A 39 -48.72 -0.03 17.51
CA ALA A 39 -48.45 0.33 18.89
C ALA A 39 -46.96 0.20 19.22
N THR A 40 -46.45 1.16 19.98
CA THR A 40 -45.05 1.20 20.36
C THR A 40 -44.78 0.64 21.76
N ASN A 41 -45.82 0.36 22.53
CA ASN A 41 -45.64 -0.17 23.88
C ASN A 41 -45.14 -1.61 23.82
N ARG A 42 -44.47 -2.02 24.90
CA ARG A 42 -43.86 -3.33 24.96
C ARG A 42 -44.91 -4.42 25.10
N SER A 43 -44.54 -5.63 24.69
CA SER A 43 -45.34 -6.82 24.92
C SER A 43 -44.51 -7.81 25.74
N ILE A 44 -45.12 -8.42 26.75
CA ILE A 44 -44.44 -9.35 27.63
C ILE A 44 -45.09 -10.72 27.48
N LEU A 45 -44.25 -11.75 27.32
CA LEU A 45 -44.70 -13.13 27.27
C LEU A 45 -44.53 -13.76 28.66
N GLN A 46 -45.60 -14.34 29.18
CA GLN A 46 -45.65 -14.87 30.54
C GLN A 46 -46.11 -16.32 30.52
N CYS A 47 -45.70 -17.03 31.57
CA CYS A 47 -45.88 -18.47 31.67
C CYS A 47 -46.38 -18.85 33.06
N ASN A 48 -47.39 -19.71 33.10
CA ASN A 48 -47.95 -20.21 34.36
C ASN A 48 -47.87 -21.73 34.40
N LYS A 52 -48.66 -21.09 42.50
CA LYS A 52 -47.79 -20.92 41.34
C LYS A 52 -47.80 -19.47 40.84
N SER A 53 -46.72 -18.73 41.13
CA SER A 53 -46.61 -17.37 40.61
C SER A 53 -46.03 -17.39 39.20
N PRO A 54 -46.54 -16.56 38.29
CA PRO A 54 -46.15 -16.60 36.88
C PRO A 54 -44.77 -16.01 36.59
N LEU A 55 -44.11 -16.62 35.61
CA LEU A 55 -42.75 -16.26 35.21
C LEU A 55 -42.72 -15.58 33.84
N LEU A 56 -41.89 -14.54 33.73
CA LEU A 56 -41.67 -13.84 32.48
C LEU A 56 -40.73 -14.62 31.57
N LEU A 57 -41.11 -14.81 30.31
CA LEU A 57 -40.28 -15.50 29.34
C LEU A 57 -39.44 -14.56 28.50
N CYS A 58 -40.00 -13.43 28.07
CA CYS A 58 -39.27 -12.42 27.32
C CYS A 58 -40.15 -11.17 27.20
N VAL A 59 -39.51 -10.08 26.81
CA VAL A 59 -40.20 -8.82 26.54
C VAL A 59 -39.76 -8.36 25.16
N LEU A 60 -40.73 -8.04 24.31
CA LEU A 60 -40.49 -7.58 22.96
C LEU A 60 -40.92 -6.12 22.85
N THR A 61 -40.00 -5.28 22.39
CA THR A 61 -40.26 -3.86 22.27
C THR A 61 -40.29 -3.49 20.80
N PRO A 62 -41.39 -2.89 20.31
CA PRO A 62 -41.48 -2.56 18.89
C PRO A 62 -40.31 -1.69 18.43
N ASP A 63 -39.78 -2.04 17.26
CA ASP A 63 -38.70 -1.32 16.59
C ASP A 63 -37.39 -1.35 17.37
N LYS A 64 -37.28 -2.21 18.38
CA LYS A 64 -36.05 -2.34 19.14
C LYS A 64 -35.68 -3.82 19.27
N VAL A 65 -36.55 -4.61 19.89
CA VAL A 65 -36.39 -6.05 20.00
C VAL A 65 -37.68 -6.66 19.46
N ASP A 66 -37.72 -6.92 18.14
CA ASP A 66 -38.94 -7.40 17.50
C ASP A 66 -39.10 -8.91 17.56
N SER A 67 -38.03 -9.64 17.87
CA SER A 67 -38.10 -11.08 18.07
C SER A 67 -36.93 -11.52 18.93
N CYS A 68 -37.07 -12.68 19.56
CA CYS A 68 -35.96 -13.20 20.35
C CYS A 68 -36.08 -14.71 20.53
N GLN A 69 -34.92 -15.34 20.72
CA GLN A 69 -34.81 -16.76 20.99
C GLN A 69 -35.32 -17.11 22.38
N LEU A 70 -35.95 -18.28 22.51
CA LEU A 70 -36.34 -18.82 23.81
C LEU A 70 -35.66 -20.15 24.07
N ASN A 71 -35.97 -21.19 23.31
CA ASN A 71 -35.36 -22.53 23.45
C ASN A 71 -35.68 -23.12 24.82
N LEU A 72 -36.97 -23.21 25.10
CA LEU A 72 -37.52 -23.89 26.27
C LEU A 72 -38.18 -25.18 25.81
N GLU A 73 -38.42 -26.10 26.75
CA GLU A 73 -39.10 -27.34 26.39
C GLU A 73 -40.27 -27.57 27.32
N PHE A 74 -41.41 -27.93 26.73
CA PHE A 74 -42.68 -28.11 27.41
C PHE A 74 -43.31 -29.45 27.05
N GLU A 75 -44.33 -29.80 27.83
CA GLU A 75 -45.15 -30.98 27.64
C GLU A 75 -46.57 -30.62 28.05
N GLU A 76 -47.56 -31.25 27.41
CA GLU A 76 -48.94 -31.00 27.79
C GLU A 76 -49.21 -31.37 29.24
N THR A 77 -48.34 -32.23 29.79
CA THR A 77 -48.45 -32.64 31.20
C THR A 77 -48.17 -31.44 32.11
N ASP A 78 -47.68 -30.35 31.53
CA ASP A 78 -47.26 -29.20 32.38
C ASP A 78 -48.38 -28.17 32.46
N GLU A 79 -48.26 -27.22 33.39
CA GLU A 79 -49.28 -26.15 33.51
C GLU A 79 -49.49 -25.56 32.12
N VAL A 80 -48.42 -25.02 31.54
CA VAL A 80 -48.49 -24.56 30.13
C VAL A 80 -49.59 -23.54 29.93
N ILE A 81 -49.57 -22.46 30.67
CA ILE A 81 -50.55 -21.40 30.35
C ILE A 81 -49.76 -20.15 29.93
N PHE A 82 -49.72 -19.93 28.63
CA PHE A 82 -49.02 -18.79 28.08
C PHE A 82 -49.96 -17.59 27.95
N SER A 83 -49.44 -16.41 28.29
CA SER A 83 -50.23 -15.19 28.16
C SER A 83 -49.32 -14.08 27.64
N VAL A 84 -49.96 -13.10 27.02
CA VAL A 84 -49.26 -11.93 26.48
C VAL A 84 -49.90 -10.69 27.09
N ILE A 85 -49.11 -9.86 27.75
CA ILE A 85 -49.58 -8.59 28.27
C ILE A 85 -48.92 -7.47 27.46
N GLY A 86 -49.74 -6.67 26.79
CA GLY A 86 -49.24 -5.65 25.90
C GLY A 86 -50.17 -5.46 24.72
N PRO A 87 -49.85 -4.49 23.85
CA PRO A 87 -50.78 -4.14 22.77
C PRO A 87 -50.71 -5.04 21.55
N ARG A 88 -49.63 -5.79 21.37
CA ARG A 88 -49.44 -6.57 20.15
C ARG A 88 -49.26 -8.05 20.49
N SER A 89 -49.72 -8.90 19.58
CA SER A 89 -49.66 -10.35 19.79
C SER A 89 -48.22 -10.85 19.69
N VAL A 90 -48.01 -12.09 20.10
CA VAL A 90 -46.70 -12.73 20.02
C VAL A 90 -46.86 -14.07 19.29
N HIS A 91 -46.11 -14.23 18.20
CA HIS A 91 -46.07 -15.48 17.46
C HIS A 91 -45.00 -16.36 18.08
N LEU A 92 -45.42 -17.46 18.68
CA LEU A 92 -44.50 -18.47 19.21
C LEU A 92 -44.28 -19.53 18.15
N THR A 93 -43.02 -19.84 17.87
CA THR A 93 -42.67 -20.87 16.90
C THR A 93 -41.61 -21.79 17.47
N GLY A 94 -41.66 -23.04 17.03
CA GLY A 94 -40.78 -24.09 17.52
C GLY A 94 -41.05 -25.41 16.83
N TYR A 95 -40.73 -26.52 17.50
CA TYR A 95 -40.87 -27.82 16.88
C TYR A 95 -41.01 -28.89 17.94
N PHE A 96 -41.68 -29.99 17.58
CA PHE A 96 -41.82 -31.13 18.47
C PHE A 96 -40.60 -32.03 18.37
N LEU A 97 -40.29 -32.71 19.47
CA LEU A 97 -39.14 -33.60 19.52
C LEU A 97 -39.52 -35.00 19.08
N ALA B 2 -41.44 -31.03 32.39
CA ALA B 2 -40.12 -30.68 31.87
C ALA B 2 -39.75 -29.25 32.24
N PHE B 3 -40.72 -28.35 32.09
CA PHE B 3 -40.48 -26.93 32.32
C PHE B 3 -39.99 -26.67 33.75
N TRP B 4 -39.10 -25.70 33.88
CA TRP B 4 -38.56 -25.29 35.18
C TRP B 4 -38.33 -23.79 35.14
N GLY B 5 -38.55 -23.14 36.27
CA GLY B 5 -38.29 -21.71 36.35
C GLY B 5 -38.46 -21.14 37.74
N VAL B 6 -37.74 -20.05 38.01
CA VAL B 6 -37.81 -19.38 39.30
C VAL B 6 -37.42 -17.92 39.12
N GLU B 7 -38.07 -17.04 39.87
CA GLU B 7 -37.69 -15.64 39.93
C GLU B 7 -36.72 -15.43 41.10
N VAL B 8 -35.50 -15.02 40.77
CA VAL B 8 -34.49 -14.71 41.77
C VAL B 8 -34.58 -13.21 42.05
N LYS B 9 -35.05 -12.88 43.25
CA LYS B 9 -35.31 -11.48 43.58
C LYS B 9 -33.99 -10.75 43.84
N PRO B 10 -33.98 -9.43 43.74
CA PRO B 10 -32.74 -8.67 43.92
C PRO B 10 -32.15 -8.91 45.30
N GLY B 11 -30.84 -9.18 45.33
CA GLY B 11 -30.15 -9.45 46.57
C GLY B 11 -30.51 -10.75 47.24
N LYS B 12 -31.44 -11.53 46.68
CA LYS B 12 -31.86 -12.80 47.26
C LYS B 12 -31.12 -13.95 46.58
N THR B 13 -31.35 -15.16 47.08
CA THR B 13 -30.66 -16.34 46.59
C THR B 13 -31.66 -17.46 46.34
N PHE B 14 -31.48 -18.16 45.22
CA PHE B 14 -32.18 -19.41 44.96
C PHE B 14 -31.17 -20.54 45.02
N THR B 15 -31.56 -21.68 45.58
CA THR B 15 -30.67 -22.83 45.68
C THR B 15 -31.25 -23.98 44.87
N LEU B 16 -30.45 -24.50 43.96
CA LEU B 16 -30.78 -25.70 43.20
C LEU B 16 -30.16 -26.88 43.95
N LYS B 17 -31.05 -27.73 44.42
CA LYS B 17 -30.58 -28.85 45.24
C LYS B 17 -30.87 -30.15 44.50
N ASN B 18 -29.87 -31.02 44.41
CA ASN B 18 -30.07 -32.34 43.77
C ASN B 18 -29.71 -33.38 44.83
N ASN B 19 -30.67 -34.24 45.17
CA ASN B 19 -30.35 -35.32 46.13
C ASN B 19 -31.48 -36.36 46.09
N GLU B 20 -31.79 -36.98 47.23
CA GLU B 20 -32.78 -38.07 47.24
C GLU B 20 -32.22 -39.24 46.44
N ILE B 24 -31.54 -37.57 41.20
CA ILE B 24 -30.56 -36.63 40.68
C ILE B 24 -30.87 -36.34 39.20
N ARG B 25 -31.27 -35.11 38.92
CA ARG B 25 -31.68 -34.71 37.59
C ARG B 25 -30.70 -33.69 37.00
N ARG B 26 -30.78 -33.52 35.68
CA ARG B 26 -29.94 -32.59 34.95
C ARG B 26 -30.81 -31.45 34.44
N LEU B 27 -30.54 -30.25 34.95
CA LEU B 27 -31.33 -29.06 34.62
C LEU B 27 -30.65 -28.28 33.50
N HIS B 28 -31.40 -27.95 32.46
CA HIS B 28 -30.92 -27.08 31.38
C HIS B 28 -31.48 -25.68 31.60
N LEU B 29 -30.61 -24.76 31.98
CA LEU B 29 -30.95 -23.35 32.14
C LEU B 29 -30.88 -22.66 30.79
N SER B 30 -32.02 -22.14 30.33
CA SER B 30 -32.16 -21.63 28.97
C SER B 30 -32.15 -20.10 28.89
N GLN B 31 -32.88 -19.43 29.77
CA GLN B 31 -33.22 -18.03 29.55
C GLN B 31 -33.19 -17.25 30.85
N ALA B 32 -32.68 -16.02 30.79
CA ALA B 32 -32.78 -15.07 31.89
C ALA B 32 -33.47 -13.82 31.40
N THR B 33 -34.55 -13.42 32.10
CA THR B 33 -35.36 -12.29 31.69
C THR B 33 -35.46 -11.29 32.84
N LEU B 34 -35.28 -10.00 32.53
CA LEU B 34 -35.35 -8.98 33.57
C LEU B 34 -36.78 -8.85 34.08
N GLY B 35 -36.92 -8.71 35.40
CA GLY B 35 -38.23 -8.62 36.02
C GLY B 35 -38.76 -7.21 36.05
N HIS B 36 -39.96 -7.09 36.60
CA HIS B 36 -40.64 -5.80 36.60
C HIS B 36 -39.92 -4.81 37.52
N GLY B 37 -40.07 -3.54 37.20
CA GLY B 37 -39.46 -2.46 37.96
C GLY B 37 -39.17 -1.29 37.05
N THR B 38 -38.88 -0.14 37.68
CA THR B 38 -38.56 1.08 36.96
C THR B 38 -37.09 1.45 37.07
N ALA B 39 -36.32 0.76 37.90
CA ALA B 39 -34.89 1.05 38.04
C ALA B 39 -34.16 0.80 36.73
N THR B 40 -33.23 1.69 36.40
CA THR B 40 -32.49 1.60 35.15
C THR B 40 -31.11 0.95 35.32
N ASN B 41 -30.67 0.72 36.55
CA ASN B 41 -29.38 0.07 36.77
C ASN B 41 -29.44 -1.40 36.37
N ARG B 42 -28.28 -1.95 36.02
CA ARG B 42 -28.20 -3.30 35.52
C ARG B 42 -28.39 -4.33 36.64
N SER B 43 -28.80 -5.53 36.25
CA SER B 43 -28.86 -6.69 37.14
C SER B 43 -27.93 -7.77 36.60
N ILE B 44 -27.17 -8.38 37.50
CA ILE B 44 -26.18 -9.40 37.16
C ILE B 44 -26.62 -10.71 37.79
N LEU B 45 -26.57 -11.78 37.01
CA LEU B 45 -26.86 -13.13 37.49
C LEU B 45 -25.57 -13.83 37.86
N GLN B 46 -25.51 -14.38 39.06
CA GLN B 46 -24.29 -14.93 39.64
C GLN B 46 -24.53 -16.35 40.10
N CYS B 47 -23.46 -17.16 40.08
CA CYS B 47 -23.57 -18.58 40.36
C CYS B 47 -22.43 -19.03 41.27
N ASN B 48 -22.77 -19.78 42.32
CA ASN B 48 -21.82 -20.35 43.26
C ASN B 48 -22.08 -21.84 43.37
N VAL B 49 -21.02 -22.63 43.56
CA VAL B 49 -21.13 -24.04 43.87
C VAL B 49 -20.35 -24.28 45.15
N GLY B 50 -21.04 -24.56 46.24
CA GLY B 50 -20.36 -24.63 47.52
C GLY B 50 -19.87 -23.25 47.93
N ASN B 51 -18.69 -23.23 48.56
CA ASN B 51 -18.11 -21.99 49.05
C ASN B 51 -17.07 -21.39 48.10
N LYS B 52 -17.12 -21.74 46.82
CA LYS B 52 -16.16 -21.19 45.88
C LYS B 52 -16.58 -19.79 45.44
N SER B 53 -15.67 -19.12 44.72
CA SER B 53 -15.91 -17.74 44.33
C SER B 53 -16.98 -17.69 43.25
N PRO B 54 -17.83 -16.65 43.26
CA PRO B 54 -18.95 -16.61 42.32
C PRO B 54 -18.54 -16.27 40.90
N LEU B 55 -19.23 -16.89 39.95
CA LEU B 55 -19.03 -16.67 38.52
C LEU B 55 -20.23 -15.93 37.95
N LEU B 56 -19.96 -14.94 37.09
CA LEU B 56 -21.03 -14.18 36.45
C LEU B 56 -21.62 -14.99 35.30
N LEU B 57 -22.95 -15.11 35.30
CA LEU B 57 -23.66 -15.85 34.25
C LEU B 57 -24.17 -14.95 33.13
N CYS B 58 -24.68 -13.77 33.45
CA CYS B 58 -25.14 -12.84 32.42
C CYS B 58 -25.41 -11.48 33.06
N VAL B 59 -25.56 -10.48 32.20
CA VAL B 59 -25.86 -9.11 32.60
C VAL B 59 -27.08 -8.64 31.83
N LEU B 60 -28.09 -8.15 32.55
CA LEU B 60 -29.33 -7.63 31.98
C LEU B 60 -29.42 -6.14 32.26
N THR B 61 -29.60 -5.35 31.21
CA THR B 61 -29.72 -3.91 31.33
C THR B 61 -31.13 -3.48 30.94
N PRO B 62 -31.86 -2.79 31.82
CA PRO B 62 -33.24 -2.40 31.50
C PRO B 62 -33.31 -1.60 30.20
N ASP B 63 -34.29 -1.96 29.37
CA ASP B 63 -34.61 -1.29 28.11
C ASP B 63 -33.47 -1.36 27.09
N LYS B 64 -32.48 -2.22 27.31
CA LYS B 64 -31.40 -2.40 26.35
C LYS B 64 -31.20 -3.90 26.08
N VAL B 65 -30.86 -4.65 27.12
CA VAL B 65 -30.74 -6.09 27.07
C VAL B 65 -31.62 -6.64 28.19
N ASP B 66 -32.91 -6.86 27.88
CA ASP B 66 -33.87 -7.25 28.89
C ASP B 66 -33.92 -8.76 29.13
N SER B 67 -33.38 -9.56 28.22
CA SER B 67 -33.31 -11.00 28.41
C SER B 67 -32.17 -11.53 27.55
N CYS B 68 -31.69 -12.71 27.92
CA CYS B 68 -30.62 -13.32 27.15
C CYS B 68 -30.59 -14.83 27.37
N GLN B 69 -30.07 -15.51 26.34
CA GLN B 69 -29.90 -16.95 26.37
C GLN B 69 -28.76 -17.32 27.32
N LEU B 70 -28.90 -18.44 28.01
CA LEU B 70 -27.84 -18.96 28.86
C LEU B 70 -27.35 -20.32 28.41
N ASN B 71 -28.23 -21.32 28.31
CA ASN B 71 -27.87 -22.65 27.86
C ASN B 71 -26.75 -23.24 28.70
N LEU B 72 -26.94 -23.22 30.00
CA LEU B 72 -26.04 -23.90 30.94
C LEU B 72 -26.73 -25.17 31.42
N GLU B 73 -25.94 -26.10 31.93
CA GLU B 73 -26.50 -27.34 32.43
C GLU B 73 -25.91 -27.66 33.80
N PHE B 74 -26.77 -28.14 34.68
CA PHE B 74 -26.33 -28.41 36.07
C PHE B 74 -26.73 -29.84 36.48
N GLU B 75 -25.81 -30.57 37.10
CA GLU B 75 -26.05 -31.96 37.56
C GLU B 75 -24.98 -32.19 38.60
N GLU B 76 -25.08 -31.48 39.71
CA GLU B 76 -24.01 -31.52 40.67
C GLU B 76 -24.42 -32.22 41.93
N THR B 77 -23.43 -32.66 42.67
CA THR B 77 -23.65 -33.23 43.99
C THR B 77 -23.92 -32.13 45.02
N ASP B 78 -23.26 -30.99 44.87
CA ASP B 78 -23.38 -29.88 45.80
C ASP B 78 -24.49 -28.94 45.39
N GLU B 79 -24.98 -28.16 46.35
CA GLU B 79 -25.98 -27.16 46.05
C GLU B 79 -25.43 -26.11 45.10
N VAL B 80 -26.29 -25.59 44.24
CA VAL B 80 -25.94 -24.49 43.34
C VAL B 80 -26.69 -23.25 43.80
N ILE B 81 -25.97 -22.16 44.06
CA ILE B 81 -26.55 -20.94 44.60
C ILE B 81 -26.57 -19.90 43.48
N PHE B 82 -27.77 -19.56 43.02
CA PHE B 82 -27.96 -18.45 42.10
C PHE B 82 -28.29 -17.21 42.90
N SER B 83 -27.70 -16.09 42.50
CA SER B 83 -27.96 -14.82 43.16
C SER B 83 -28.04 -13.73 42.12
N VAL B 84 -28.71 -12.64 42.48
CA VAL B 84 -28.89 -11.50 41.59
C VAL B 84 -28.35 -10.27 42.29
N ILE B 85 -27.43 -9.57 41.63
CA ILE B 85 -26.90 -8.31 42.13
C ILE B 85 -27.46 -7.21 41.25
N GLY B 86 -28.26 -6.32 41.84
CA GLY B 86 -28.92 -5.29 41.08
C GLY B 86 -30.31 -4.97 41.63
N PRO B 87 -30.97 -3.99 41.03
CA PRO B 87 -32.24 -3.51 41.60
C PRO B 87 -33.46 -4.33 41.19
N ARG B 88 -33.37 -5.13 40.13
CA ARG B 88 -34.53 -5.84 39.60
C ARG B 88 -34.25 -7.34 39.55
N SER B 89 -35.31 -8.12 39.74
CA SER B 89 -35.20 -9.57 39.79
C SER B 89 -34.87 -10.15 38.42
N VAL B 90 -34.50 -11.44 38.41
CA VAL B 90 -34.20 -12.15 37.17
C VAL B 90 -35.02 -13.43 37.15
N HIS B 91 -35.84 -13.59 36.11
CA HIS B 91 -36.61 -14.81 35.90
C HIS B 91 -35.76 -15.79 35.11
N LEU B 92 -35.38 -16.90 35.76
CA LEU B 92 -34.66 -17.99 35.10
C LEU B 92 -35.65 -19.04 34.64
N THR B 93 -35.52 -19.44 33.38
CA THR B 93 -36.37 -20.50 32.83
C THR B 93 -35.52 -21.50 32.07
N GLY B 94 -36.00 -22.74 32.05
CA GLY B 94 -35.30 -23.85 31.42
C GLY B 94 -36.09 -25.14 31.52
N TYR B 95 -35.39 -26.28 31.46
CA TYR B 95 -36.07 -27.56 31.45
C TYR B 95 -35.12 -28.64 31.95
N PHE B 96 -35.70 -29.70 32.52
CA PHE B 96 -34.93 -30.85 32.97
C PHE B 96 -34.63 -31.78 31.80
N LEU B 97 -33.51 -32.50 31.92
CA LEU B 97 -32.99 -33.43 30.91
C LEU B 97 -32.43 -32.64 29.73
N ALA C 2 -25.25 -31.76 3.98
CA ALA C 2 -26.10 -31.40 5.10
C ALA C 2 -26.59 -29.96 4.98
N PHE C 3 -25.72 -29.08 4.49
CA PHE C 3 -26.03 -27.66 4.41
C PHE C 3 -27.24 -27.43 3.52
N TRP C 4 -28.05 -26.44 3.89
CA TRP C 4 -29.23 -26.07 3.14
C TRP C 4 -29.40 -24.57 3.20
N GLY C 5 -29.90 -23.99 2.12
CA GLY C 5 -30.14 -22.57 2.10
C GLY C 5 -30.85 -22.07 0.86
N VAL C 6 -31.57 -20.96 1.00
CA VAL C 6 -32.26 -20.35 -0.13
C VAL C 6 -32.44 -18.87 0.17
N GLU C 7 -32.33 -18.04 -0.87
CA GLU C 7 -32.66 -16.63 -0.77
C GLU C 7 -34.13 -16.46 -1.17
N VAL C 8 -34.94 -16.00 -0.23
CA VAL C 8 -36.35 -15.73 -0.50
C VAL C 8 -36.47 -14.27 -0.90
N LYS C 9 -36.87 -14.04 -2.15
CA LYS C 9 -36.97 -12.70 -2.68
C LYS C 9 -38.20 -11.99 -2.10
N PRO C 10 -38.21 -10.65 -2.08
CA PRO C 10 -39.35 -9.91 -1.51
C PRO C 10 -40.70 -10.33 -2.08
N GLY C 11 -40.82 -10.28 -3.41
CA GLY C 11 -42.08 -10.63 -4.04
C GLY C 11 -42.14 -12.07 -4.51
N LYS C 12 -41.69 -13.00 -3.67
CA LYS C 12 -41.65 -14.41 -4.06
C LYS C 12 -41.90 -15.28 -2.84
N THR C 13 -42.21 -16.55 -3.11
CA THR C 13 -42.48 -17.55 -2.09
C THR C 13 -41.62 -18.78 -2.35
N PHE C 14 -41.06 -19.36 -1.29
CA PHE C 14 -40.35 -20.63 -1.38
C PHE C 14 -41.19 -21.73 -0.74
N THR C 15 -41.19 -22.91 -1.36
CA THR C 15 -41.94 -24.06 -0.87
C THR C 15 -40.97 -25.19 -0.53
N LEU C 16 -41.11 -25.72 0.68
CA LEU C 16 -40.30 -26.86 1.11
C LEU C 16 -41.00 -28.18 0.80
N ARG C 25 -35.82 -35.22 4.66
CA ARG C 25 -36.43 -35.23 6.01
C ARG C 25 -35.86 -34.10 6.85
N ARG C 26 -35.99 -34.16 8.17
CA ARG C 26 -36.06 -32.96 9.07
C ARG C 26 -35.02 -31.90 8.70
N LEU C 27 -35.48 -30.70 8.37
CA LEU C 27 -34.58 -29.57 8.07
C LEU C 27 -34.48 -28.68 9.29
N HIS C 28 -33.27 -28.41 9.75
CA HIS C 28 -33.07 -27.44 10.85
C HIS C 28 -32.79 -26.09 10.22
N LEU C 29 -33.75 -25.19 10.28
CA LEU C 29 -33.58 -23.81 9.84
C LEU C 29 -32.87 -23.03 10.94
N SER C 30 -31.68 -22.55 10.65
CA SER C 30 -30.79 -21.97 11.65
C SER C 30 -30.76 -20.45 11.66
N GLN C 31 -30.68 -19.81 10.49
CA GLN C 31 -30.31 -18.40 10.43
C GLN C 31 -31.09 -17.69 9.35
N ALA C 32 -31.49 -16.45 9.63
CA ALA C 32 -32.08 -15.56 8.64
C ALA C 32 -31.24 -14.29 8.54
N THR C 33 -30.79 -13.96 7.33
CA THR C 33 -29.92 -12.81 7.12
C THR C 33 -30.52 -11.89 6.07
N LEU C 34 -30.54 -10.58 6.36
CA LEU C 34 -31.09 -9.63 5.41
C LEU C 34 -30.22 -9.52 4.17
N GLY C 35 -30.85 -9.45 3.00
CA GLY C 35 -30.14 -9.41 1.75
C GLY C 35 -29.74 -8.00 1.36
N HIS C 36 -29.04 -7.90 0.24
CA HIS C 36 -28.49 -6.62 -0.20
C HIS C 36 -29.59 -5.67 -0.66
N GLY C 37 -29.30 -4.38 -0.55
CA GLY C 37 -30.26 -3.35 -0.89
C GLY C 37 -30.01 -2.10 -0.09
N THR C 38 -30.65 -1.01 -0.54
CA THR C 38 -30.52 0.28 0.11
C THR C 38 -31.77 0.65 0.91
N ALA C 39 -32.85 -0.12 0.79
CA ALA C 39 -34.10 0.16 1.48
C ALA C 39 -33.91 0.07 2.99
N THR C 40 -34.55 1.00 3.72
CA THR C 40 -34.46 1.05 5.16
C THR C 40 -35.64 0.38 5.87
N ASN C 41 -36.70 0.05 5.14
CA ASN C 41 -37.85 -0.57 5.77
C ASN C 41 -37.54 -2.01 6.17
N ARG C 42 -38.25 -2.48 7.19
CA ARG C 42 -38.02 -3.82 7.73
C ARG C 42 -38.55 -4.89 6.79
N SER C 43 -38.01 -6.09 6.94
CA SER C 43 -38.50 -7.28 6.25
C SER C 43 -38.96 -8.29 7.28
N ILE C 44 -40.11 -8.91 7.02
CA ILE C 44 -40.69 -9.89 7.93
C ILE C 44 -40.70 -11.22 7.22
N LEU C 45 -40.25 -12.26 7.93
CA LEU C 45 -40.28 -13.63 7.41
C LEU C 45 -41.54 -14.31 7.93
N GLN C 46 -42.30 -14.91 7.02
CA GLN C 46 -43.61 -15.45 7.30
C GLN C 46 -43.65 -16.90 6.84
N CYS C 47 -44.45 -17.71 7.52
CA CYS C 47 -44.50 -19.14 7.28
C CYS C 47 -45.95 -19.61 7.28
N ASN C 48 -46.32 -20.24 6.17
CA ASN C 48 -47.71 -20.76 6.02
C ASN C 48 -47.62 -22.27 5.82
N VAL C 49 -48.02 -23.02 6.85
CA VAL C 49 -48.01 -24.49 6.76
C VAL C 49 -49.42 -24.95 6.46
N GLY C 50 -49.75 -25.12 5.18
CA GLY C 50 -51.08 -25.62 4.79
C GLY C 50 -52.11 -24.53 4.86
N ASN C 51 -53.36 -24.91 5.05
CA ASN C 51 -54.45 -23.91 5.10
C ASN C 51 -54.32 -23.10 6.38
N LYS C 52 -53.36 -23.43 7.23
CA LYS C 52 -53.24 -22.77 8.56
C LYS C 52 -52.92 -21.29 8.42
N SER C 53 -53.24 -20.52 9.46
CA SER C 53 -53.01 -19.06 9.43
C SER C 53 -51.51 -18.79 9.42
N PRO C 54 -51.03 -17.68 8.84
CA PRO C 54 -49.57 -17.51 8.76
C PRO C 54 -48.96 -17.08 10.09
N LEU C 55 -47.77 -17.61 10.36
CA LEU C 55 -47.01 -17.31 11.56
C LEU C 55 -45.75 -16.53 11.21
N LEU C 56 -45.48 -15.48 11.97
CA LEU C 56 -44.27 -14.69 11.78
C LEU C 56 -43.07 -15.40 12.42
N LEU C 57 -41.99 -15.54 11.65
CA LEU C 57 -40.79 -16.20 12.15
C LEU C 57 -39.75 -15.23 12.70
N CYS C 58 -39.55 -14.09 12.06
CA CYS C 58 -38.61 -13.08 12.56
C CYS C 58 -38.79 -11.79 11.77
N VAL C 59 -38.19 -10.72 12.30
CA VAL C 59 -38.19 -9.40 11.69
C VAL C 59 -36.75 -8.92 11.60
N LEU C 60 -36.35 -8.50 10.40
CA LEU C 60 -35.01 -7.98 10.16
C LEU C 60 -35.12 -6.51 9.80
N THR C 61 -34.38 -5.67 10.51
CA THR C 61 -34.39 -4.23 10.25
C THR C 61 -33.03 -3.82 9.74
N PRO C 62 -32.95 -3.21 8.55
CA PRO C 62 -31.64 -2.84 7.99
C PRO C 62 -30.83 -1.95 8.94
N ASP C 63 -29.54 -2.28 9.05
CA ASP C 63 -28.56 -1.55 9.85
C ASP C 63 -28.88 -1.58 11.34
N LYS C 64 -29.81 -2.43 11.78
CA LYS C 64 -30.13 -2.57 13.19
C LYS C 64 -30.13 -4.04 13.57
N VAL C 65 -31.01 -4.83 12.94
CA VAL C 65 -31.04 -6.27 13.12
C VAL C 65 -30.93 -6.87 11.71
N ASP C 66 -29.70 -7.11 11.26
CA ASP C 66 -29.45 -7.57 9.90
C ASP C 66 -29.53 -9.08 9.77
N SER C 67 -29.46 -9.81 10.88
CA SER C 67 -29.62 -11.26 10.86
C SER C 67 -30.04 -11.70 12.26
N CYS C 68 -30.64 -12.88 12.32
CA CYS C 68 -31.04 -13.44 13.60
C CYS C 68 -31.20 -14.95 13.53
N GLN C 69 -31.00 -15.58 14.69
CA GLN C 69 -31.19 -17.01 14.86
C GLN C 69 -32.68 -17.37 14.79
N LEU C 70 -32.96 -18.54 14.21
CA LEU C 70 -34.31 -19.09 14.19
C LEU C 70 -34.37 -20.42 14.92
N ASN C 71 -33.63 -21.42 14.45
CA ASN C 71 -33.56 -22.74 15.09
C ASN C 71 -34.94 -23.39 15.12
N LEU C 72 -35.53 -23.51 13.94
CA LEU C 72 -36.81 -24.18 13.73
C LEU C 72 -36.56 -25.51 13.03
N GLU C 73 -37.51 -26.41 13.08
CA GLU C 73 -37.39 -27.69 12.39
C GLU C 73 -38.62 -28.09 11.63
N PHE C 74 -38.44 -28.75 10.52
CA PHE C 74 -39.53 -29.18 9.70
C PHE C 74 -39.33 -30.57 9.20
N GLU C 75 -40.36 -31.38 9.31
CA GLU C 75 -40.52 -32.57 8.48
C GLU C 75 -41.98 -32.84 8.25
N GLU C 76 -42.52 -32.18 7.27
CA GLU C 76 -43.95 -32.06 7.19
C GLU C 76 -44.63 -32.68 5.99
N THR C 77 -45.44 -33.70 6.24
CA THR C 77 -46.24 -34.26 5.13
C THR C 77 -46.91 -33.09 4.42
N ASP C 78 -46.99 -31.95 5.10
CA ASP C 78 -47.67 -30.76 4.52
C ASP C 78 -46.66 -29.82 3.88
N GLU C 79 -47.10 -29.01 2.92
CA GLU C 79 -46.20 -28.08 2.20
C GLU C 79 -45.92 -26.84 3.08
N VAL C 80 -44.64 -26.51 3.30
CA VAL C 80 -44.31 -25.31 4.07
C VAL C 80 -43.94 -24.20 3.10
N ILE C 81 -44.65 -23.07 3.20
CA ILE C 81 -44.45 -21.93 2.31
C ILE C 81 -43.85 -20.79 3.12
N PHE C 82 -42.60 -20.43 2.80
CA PHE C 82 -41.95 -19.27 3.36
C PHE C 82 -42.16 -18.08 2.43
N SER C 83 -42.42 -16.92 3.03
CA SER C 83 -42.61 -15.69 2.29
C SER C 83 -41.93 -14.54 3.03
N VAL C 84 -41.62 -13.49 2.28
CA VAL C 84 -40.98 -12.30 2.82
C VAL C 84 -41.85 -11.11 2.49
N ILE C 85 -42.25 -10.34 3.50
CA ILE C 85 -42.96 -9.08 3.28
C ILE C 85 -42.01 -7.96 3.65
N GLY C 86 -41.68 -7.13 2.67
CA GLY C 86 -40.70 -6.09 2.85
C GLY C 86 -39.89 -5.87 1.59
N PRO C 87 -39.00 -4.89 1.61
CA PRO C 87 -38.29 -4.52 0.37
C PRO C 87 -37.07 -5.36 0.06
N ARG C 88 -36.51 -6.09 1.03
CA ARG C 88 -35.26 -6.80 0.82
C ARG C 88 -35.43 -8.28 1.08
N SER C 89 -34.65 -9.09 0.35
CA SER C 89 -34.75 -10.54 0.44
C SER C 89 -34.21 -11.03 1.77
N VAL C 90 -34.48 -12.30 2.08
CA VAL C 90 -33.98 -12.92 3.29
C VAL C 90 -33.28 -14.22 2.92
N HIS C 91 -32.01 -14.33 3.29
CA HIS C 91 -31.25 -15.56 3.08
C HIS C 91 -31.51 -16.48 4.27
N LEU C 92 -32.17 -17.60 4.00
CA LEU C 92 -32.41 -18.65 5.00
C LEU C 92 -31.31 -19.69 4.88
N THR C 93 -30.69 -20.03 6.02
CA THR C 93 -29.66 -21.06 6.03
C THR C 93 -29.91 -22.03 7.18
N GLY C 94 -29.47 -23.26 6.98
CA GLY C 94 -29.68 -24.30 7.97
C GLY C 94 -29.06 -25.59 7.49
N TYR C 95 -29.57 -26.71 7.99
CA TYR C 95 -28.97 -28.00 7.66
C TYR C 95 -29.99 -29.11 7.87
N PHE C 96 -29.79 -30.21 7.15
CA PHE C 96 -30.62 -31.39 7.31
C PHE C 96 -30.13 -32.23 8.49
N LEU C 97 -31.07 -32.95 9.10
CA LEU C 97 -30.86 -33.79 10.29
C LEU C 97 -30.73 -32.92 11.54
N ALA D 2 -14.04 -31.95 18.21
CA ALA D 2 -12.80 -31.20 18.42
C ALA D 2 -12.93 -29.77 17.88
N PHE D 3 -12.25 -28.85 18.54
CA PHE D 3 -12.32 -27.44 18.18
C PHE D 3 -11.86 -27.21 16.76
N TRP D 4 -12.49 -26.24 16.09
CA TRP D 4 -12.13 -25.86 14.73
C TRP D 4 -12.28 -24.35 14.60
N GLY D 5 -11.41 -23.74 13.81
CA GLY D 5 -11.51 -22.31 13.57
C GLY D 5 -10.53 -21.77 12.57
N VAL D 6 -10.90 -20.66 11.91
CA VAL D 6 -10.04 -20.03 10.93
C VAL D 6 -10.40 -18.56 10.83
N GLU D 7 -9.40 -17.71 10.61
CA GLU D 7 -9.61 -16.29 10.32
C GLU D 7 -9.68 -16.10 8.82
N VAL D 8 -10.82 -15.65 8.32
CA VAL D 8 -11.00 -15.33 6.90
C VAL D 8 -10.71 -13.85 6.72
N LYS D 9 -9.62 -13.55 6.01
CA LYS D 9 -9.17 -12.19 5.81
C LYS D 9 -10.12 -11.44 4.86
N PRO D 10 -10.07 -10.10 4.87
CA PRO D 10 -10.94 -9.34 3.97
C PRO D 10 -10.60 -9.62 2.50
N GLY D 11 -11.63 -9.94 1.73
CA GLY D 11 -11.45 -10.21 0.31
C GLY D 11 -10.86 -11.56 -0.01
N LYS D 12 -10.72 -12.45 0.97
CA LYS D 12 -10.12 -13.76 0.78
C LYS D 12 -11.17 -14.85 0.97
N THR D 13 -10.72 -16.09 0.81
CA THR D 13 -11.61 -17.25 0.81
C THR D 13 -11.01 -18.34 1.67
N PHE D 14 -11.84 -18.99 2.46
CA PHE D 14 -11.45 -20.24 3.10
C PHE D 14 -12.27 -21.35 2.49
N THR D 15 -11.63 -22.49 2.22
CA THR D 15 -12.34 -23.62 1.65
C THR D 15 -12.30 -24.78 2.63
N LEU D 16 -13.48 -25.28 2.98
CA LEU D 16 -13.64 -26.45 3.82
C LEU D 16 -13.74 -27.66 2.89
N LYS D 17 -12.80 -28.58 3.08
CA LYS D 17 -12.81 -29.85 2.32
C LYS D 17 -13.17 -30.97 3.29
N ASN D 18 -13.99 -31.92 2.85
CA ASN D 18 -14.32 -33.10 3.68
C ASN D 18 -13.84 -34.32 2.89
N ASN D 19 -12.53 -34.46 2.72
CA ASN D 19 -12.00 -35.56 1.90
C ASN D 19 -11.49 -36.64 2.82
N GLU D 20 -10.25 -36.50 3.29
CA GLU D 20 -9.65 -37.54 4.16
C GLU D 20 -9.45 -36.96 5.55
N ILE D 24 -14.10 -38.21 6.55
CA ILE D 24 -15.33 -37.46 6.35
C ILE D 24 -15.91 -37.05 7.71
N ARG D 25 -16.03 -35.74 7.92
CA ARG D 25 -16.42 -35.20 9.21
C ARG D 25 -17.56 -34.20 9.04
N ARG D 26 -18.33 -34.02 10.12
CA ARG D 26 -19.44 -33.07 10.16
C ARG D 26 -19.04 -31.90 11.04
N LEU D 27 -18.97 -30.71 10.45
CA LEU D 27 -18.52 -29.51 11.14
C LEU D 27 -19.72 -28.70 11.64
N HIS D 28 -19.68 -28.32 12.92
CA HIS D 28 -20.66 -27.42 13.49
C HIS D 28 -20.04 -26.03 13.60
N LEU D 29 -20.50 -25.11 12.77
CA LEU D 29 -20.08 -23.72 12.79
C LEU D 29 -20.91 -22.97 13.84
N SER D 30 -20.24 -22.46 14.87
CA SER D 30 -20.89 -21.88 16.03
C SER D 30 -20.88 -20.36 16.04
N GLN D 31 -19.75 -19.72 15.72
CA GLN D 31 -19.55 -18.32 16.05
C GLN D 31 -18.78 -17.61 14.96
N ALA D 32 -19.18 -16.37 14.68
CA ALA D 32 -18.41 -15.47 13.81
C ALA D 32 -18.09 -14.20 14.58
N THR D 33 -16.80 -13.85 14.63
CA THR D 33 -16.33 -12.70 15.40
C THR D 33 -15.53 -11.75 14.51
N LEU D 34 -15.81 -10.46 14.61
CA LEU D 34 -15.12 -9.47 13.81
C LEU D 34 -13.66 -9.34 14.25
N GLY D 35 -12.75 -9.23 13.27
CA GLY D 35 -11.33 -9.17 13.56
C GLY D 35 -10.85 -7.75 13.85
N HIS D 36 -9.56 -7.66 14.16
CA HIS D 36 -8.95 -6.39 14.56
C HIS D 36 -8.88 -5.42 13.38
N GLY D 37 -9.09 -4.15 13.67
CA GLY D 37 -9.06 -3.13 12.65
C GLY D 37 -9.74 -1.86 13.12
N THR D 38 -9.53 -0.80 12.35
CA THR D 38 -10.08 0.51 12.66
C THR D 38 -11.24 0.91 11.76
N ALA D 39 -11.54 0.12 10.73
CA ALA D 39 -12.59 0.44 9.79
C ALA D 39 -13.97 0.24 10.41
N THR D 40 -14.88 1.15 10.11
CA THR D 40 -16.25 1.08 10.63
C THR D 40 -17.23 0.46 9.67
N ASN D 41 -16.83 0.19 8.43
CA ASN D 41 -17.75 -0.43 7.48
C ASN D 41 -17.99 -1.89 7.87
N ARG D 42 -19.15 -2.40 7.48
CA ARG D 42 -19.56 -3.73 7.88
C ARG D 42 -18.80 -4.81 7.13
N SER D 43 -18.80 -6.01 7.72
CA SER D 43 -18.28 -7.21 7.06
C SER D 43 -19.43 -8.21 6.94
N ILE D 44 -19.50 -8.84 5.77
CA ILE D 44 -20.55 -9.81 5.46
C ILE D 44 -19.89 -11.16 5.27
N LEU D 45 -20.43 -12.19 5.92
CA LEU D 45 -19.95 -13.55 5.79
C LEU D 45 -20.81 -14.29 4.77
N GLN D 46 -20.15 -14.93 3.81
CA GLN D 46 -20.79 -15.51 2.64
C GLN D 46 -20.39 -16.97 2.49
N CYS D 47 -21.29 -17.76 1.90
CA CYS D 47 -21.10 -19.20 1.80
C CYS D 47 -21.51 -19.71 0.42
N ASN D 48 -20.68 -20.56 -0.18
CA ASN D 48 -21.11 -21.20 -1.46
C ASN D 48 -20.63 -22.64 -1.50
N VAL D 49 -21.55 -23.59 -1.42
CA VAL D 49 -21.16 -25.02 -1.61
C VAL D 49 -21.36 -25.33 -3.09
N GLY D 50 -20.25 -25.22 -3.85
CA GLY D 50 -20.33 -25.39 -5.31
C GLY D 50 -20.00 -24.07 -5.97
N ASN D 51 -20.29 -23.91 -7.26
CA ASN D 51 -20.09 -22.59 -7.91
C ASN D 51 -21.49 -22.03 -7.86
N LYS D 52 -22.21 -22.28 -6.77
CA LYS D 52 -23.59 -21.84 -6.74
C LYS D 52 -23.66 -20.38 -6.30
N SER D 53 -24.86 -19.83 -6.37
CA SER D 53 -25.04 -18.42 -5.97
C SER D 53 -24.81 -18.28 -4.47
N PRO D 54 -24.02 -17.30 -4.04
CA PRO D 54 -23.63 -17.23 -2.64
C PRO D 54 -24.80 -16.84 -1.73
N LEU D 55 -24.83 -17.44 -0.55
CA LEU D 55 -25.83 -17.14 0.47
C LEU D 55 -25.18 -16.42 1.63
N LEU D 56 -25.84 -15.39 2.13
CA LEU D 56 -25.33 -14.63 3.26
C LEU D 56 -25.57 -15.38 4.56
N LEU D 57 -24.52 -15.51 5.37
CA LEU D 57 -24.60 -16.17 6.67
C LEU D 57 -24.81 -15.21 7.83
N CYS D 58 -24.16 -14.06 7.81
CA CYS D 58 -24.35 -13.07 8.87
C CYS D 58 -23.67 -11.77 8.48
N VAL D 59 -24.01 -10.72 9.23
CA VAL D 59 -23.45 -9.39 9.04
C VAL D 59 -22.89 -8.90 10.38
N LEU D 60 -21.64 -8.48 10.37
CA LEU D 60 -20.97 -7.95 11.55
C LEU D 60 -20.67 -6.47 11.33
N THR D 61 -21.15 -5.63 12.25
CA THR D 61 -20.94 -4.19 12.14
C THR D 61 -20.05 -3.74 13.29
N PRO D 62 -18.91 -3.10 12.99
CA PRO D 62 -18.01 -2.65 14.06
C PRO D 62 -18.71 -1.75 15.06
N ASP D 63 -18.43 -1.99 16.34
CA ASP D 63 -18.93 -1.23 17.48
C ASP D 63 -20.45 -1.32 17.64
N LYS D 64 -21.10 -2.25 16.94
CA LYS D 64 -22.53 -2.49 17.10
C LYS D 64 -22.81 -3.98 17.23
N VAL D 65 -22.45 -4.74 16.20
CA VAL D 65 -22.59 -6.20 16.21
C VAL D 65 -21.21 -6.76 15.87
N ASP D 66 -20.39 -6.99 16.90
CA ASP D 66 -19.01 -7.43 16.70
C ASP D 66 -18.87 -8.94 16.60
N SER D 67 -19.89 -9.70 17.01
CA SER D 67 -19.88 -11.15 16.85
C SER D 67 -21.32 -11.63 16.87
N CYS D 68 -21.53 -12.83 16.32
CA CYS D 68 -22.87 -13.41 16.34
C CYS D 68 -22.82 -14.93 16.18
N GLN D 69 -23.86 -15.57 16.73
CA GLN D 69 -24.05 -17.01 16.62
C GLN D 69 -24.44 -17.40 15.20
N LEU D 70 -23.97 -18.58 14.78
CA LEU D 70 -24.34 -19.13 13.48
C LEU D 70 -25.05 -20.46 13.64
N ASN D 71 -24.41 -21.47 14.22
CA ASN D 71 -25.01 -22.78 14.47
C ASN D 71 -25.48 -23.43 13.17
N LEU D 72 -24.59 -23.46 12.19
CA LEU D 72 -24.79 -24.18 10.94
C LEU D 72 -24.00 -25.48 10.97
N GLU D 73 -24.34 -26.39 10.11
CA GLU D 73 -23.68 -27.68 10.02
C GLU D 73 -23.36 -28.09 8.61
N PHE D 74 -22.16 -28.60 8.43
CA PHE D 74 -21.70 -29.02 7.14
C PHE D 74 -21.21 -30.47 7.08
N GLU D 75 -21.68 -31.22 6.10
CA GLU D 75 -21.23 -32.56 5.81
C GLU D 75 -21.44 -32.85 4.34
N GLU D 76 -20.62 -32.28 3.52
CA GLU D 76 -20.83 -32.24 2.10
C GLU D 76 -19.76 -32.98 1.37
N THR D 77 -20.05 -33.47 0.18
CA THR D 77 -19.03 -34.05 -0.68
C THR D 77 -18.29 -32.96 -1.46
N ASP D 78 -19.01 -31.93 -1.88
CA ASP D 78 -18.41 -30.78 -2.53
C ASP D 78 -17.73 -29.87 -1.52
N GLU D 79 -16.81 -29.05 -2.01
CA GLU D 79 -16.13 -28.08 -1.16
C GLU D 79 -17.11 -26.99 -0.72
N VAL D 80 -16.85 -26.43 0.46
CA VAL D 80 -17.62 -25.29 0.97
C VAL D 80 -16.69 -24.08 1.02
N ILE D 81 -17.07 -23.00 0.35
CA ILE D 81 -16.23 -21.81 0.24
C ILE D 81 -16.86 -20.69 1.05
N PHE D 82 -16.19 -20.30 2.13
CA PHE D 82 -16.55 -19.14 2.92
C PHE D 82 -15.78 -17.93 2.43
N SER D 83 -16.46 -16.78 2.36
CA SER D 83 -15.82 -15.55 1.91
C SER D 83 -16.28 -14.39 2.78
N VAL D 84 -15.48 -13.34 2.80
CA VAL D 84 -15.76 -12.14 3.59
C VAL D 84 -15.77 -10.95 2.65
N ILE D 85 -16.86 -10.19 2.67
CA ILE D 85 -16.92 -8.92 1.94
C ILE D 85 -16.91 -7.81 2.95
N GLY D 86 -15.87 -6.98 2.91
CA GLY D 86 -15.72 -5.92 3.87
C GLY D 86 -14.27 -5.67 4.25
N PRO D 87 -14.04 -4.65 5.08
CA PRO D 87 -12.66 -4.24 5.38
C PRO D 87 -11.98 -5.04 6.48
N ARG D 88 -12.72 -5.78 7.31
CA ARG D 88 -12.13 -6.48 8.45
C ARG D 88 -12.41 -7.98 8.36
N SER D 89 -11.47 -8.76 8.87
CA SER D 89 -11.56 -10.21 8.80
C SER D 89 -12.67 -10.73 9.70
N VAL D 90 -13.01 -12.00 9.50
CA VAL D 90 -14.02 -12.69 10.30
C VAL D 90 -13.41 -13.98 10.83
N HIS D 91 -13.38 -14.14 12.15
CA HIS D 91 -12.92 -15.35 12.80
C HIS D 91 -14.10 -16.30 12.91
N LEU D 92 -14.03 -17.42 12.21
CA LEU D 92 -15.05 -18.47 12.30
C LEU D 92 -14.58 -19.52 13.29
N THR D 93 -15.46 -19.88 14.24
CA THR D 93 -15.14 -20.91 15.21
C THR D 93 -16.31 -21.89 15.33
N GLY D 94 -15.96 -23.12 15.67
CA GLY D 94 -16.95 -24.18 15.79
C GLY D 94 -16.27 -25.46 16.23
N TYR D 95 -16.91 -26.58 15.92
CA TYR D 95 -16.38 -27.86 16.39
C TYR D 95 -16.90 -28.99 15.51
N PHE D 96 -16.12 -30.07 15.46
CA PHE D 96 -16.53 -31.27 14.74
C PHE D 96 -17.43 -32.14 15.60
N LEU D 97 -18.29 -32.90 14.93
CA LEU D 97 -19.29 -33.78 15.55
C LEU D 97 -20.46 -32.96 16.08
N ALA E 2 -21.37 -31.28 36.44
CA ALA E 2 -21.43 -30.90 35.03
C ALA E 2 -20.98 -29.46 34.82
N PHE E 3 -21.44 -28.56 35.69
CA PHE E 3 -21.14 -27.14 35.52
C PHE E 3 -19.65 -26.90 35.54
N TRP E 4 -19.21 -25.92 34.74
CA TRP E 4 -17.81 -25.56 34.63
C TRP E 4 -17.73 -24.05 34.44
N GLY E 5 -16.66 -23.46 34.99
CA GLY E 5 -16.45 -22.04 34.81
C GLY E 5 -15.13 -21.55 35.36
N VAL E 6 -14.63 -20.46 34.79
CA VAL E 6 -13.39 -19.85 35.24
C VAL E 6 -13.42 -18.37 34.87
N GLU E 7 -12.86 -17.54 35.75
CA GLU E 7 -12.65 -16.14 35.42
C GLU E 7 -11.26 -15.98 34.83
N VAL E 8 -11.19 -15.59 33.57
CA VAL E 8 -9.93 -15.31 32.90
C VAL E 8 -9.66 -13.82 33.05
N LYS E 9 -8.49 -13.50 33.58
CA LYS E 9 -8.17 -12.08 33.88
C LYS E 9 -7.29 -11.42 32.83
N PRO E 10 -7.43 -10.10 32.68
CA PRO E 10 -6.75 -9.35 31.64
C PRO E 10 -5.27 -9.60 31.38
N GLY E 11 -4.55 -10.08 32.36
CA GLY E 11 -3.15 -10.39 32.02
C GLY E 11 -2.88 -11.87 32.17
N LYS E 12 -3.86 -12.59 32.67
CA LYS E 12 -3.65 -14.02 32.94
C LYS E 12 -4.25 -14.85 31.80
N THR E 13 -3.94 -16.14 31.81
CA THR E 13 -4.43 -17.05 30.76
C THR E 13 -4.97 -18.29 31.44
N PHE E 14 -5.97 -18.90 30.84
CA PHE E 14 -6.47 -20.19 31.32
C PHE E 14 -6.06 -21.25 30.33
N THR E 15 -5.62 -22.40 30.83
CA THR E 15 -5.24 -23.49 29.95
C THR E 15 -6.11 -24.70 30.27
N LEU E 16 -6.69 -25.31 29.28
CA LEU E 16 -7.45 -26.48 29.54
C LEU E 16 -6.68 -27.76 29.17
N LYS E 17 -6.16 -28.52 30.11
CA LYS E 17 -5.44 -29.71 29.69
C LYS E 17 -6.16 -30.84 30.28
N ASN E 18 -5.59 -32.01 30.13
CA ASN E 18 -6.20 -33.17 30.70
C ASN E 18 -5.49 -33.66 31.96
N ALA E 21 -5.14 -38.94 33.42
CA ALA E 21 -5.09 -37.87 32.40
C ALA E 21 -4.82 -38.52 31.05
N THR E 22 -5.15 -39.80 30.94
CA THR E 22 -5.08 -40.43 29.60
C THR E 22 -6.42 -40.17 28.92
N GLY E 23 -7.50 -40.05 29.70
CA GLY E 23 -8.82 -39.76 29.15
C GLY E 23 -9.02 -38.28 28.90
N ILE E 24 -9.83 -37.94 27.89
CA ILE E 24 -10.04 -36.51 27.53
C ILE E 24 -11.52 -36.19 27.70
N ARG E 25 -11.82 -35.22 28.53
CA ARG E 25 -13.23 -34.86 28.62
C ARG E 25 -13.61 -33.84 27.55
N ARG E 26 -14.90 -33.78 27.24
CA ARG E 26 -15.39 -32.85 26.22
C ARG E 26 -16.15 -31.72 26.92
N LEU E 27 -15.63 -30.51 26.80
CA LEU E 27 -16.17 -29.34 27.47
C LEU E 27 -17.01 -28.52 26.50
N HIS E 28 -18.23 -28.17 26.91
CA HIS E 28 -19.08 -27.26 26.15
C HIS E 28 -19.00 -25.87 26.78
N LEU E 29 -18.33 -24.95 26.10
CA LEU E 29 -18.23 -23.56 26.52
C LEU E 29 -19.45 -22.81 26.00
N SER E 30 -20.25 -22.29 26.92
CA SER E 30 -21.56 -21.71 26.62
C SER E 30 -21.57 -20.19 26.61
N GLN E 31 -20.94 -19.55 27.59
CA GLN E 31 -21.22 -18.14 27.84
C GLN E 31 -19.94 -17.42 28.24
N ALA E 32 -19.81 -16.18 27.76
CA ALA E 32 -18.76 -15.27 28.22
C ALA E 32 -19.42 -14.01 28.76
N THR E 33 -19.10 -13.65 30.00
CA THR E 33 -19.72 -12.50 30.66
C THR E 33 -18.64 -11.54 31.12
N LEU E 34 -18.84 -10.25 30.86
CA LEU E 34 -17.85 -9.25 31.27
C LEU E 34 -17.85 -9.13 32.79
N GLY E 35 -16.64 -9.03 33.36
CA GLY E 35 -16.49 -8.94 34.80
C GLY E 35 -16.63 -7.51 35.30
N HIS E 36 -16.54 -7.36 36.62
CA HIS E 36 -16.75 -6.06 37.24
C HIS E 36 -15.59 -5.12 36.92
N GLY E 37 -15.92 -3.84 36.80
CA GLY E 37 -14.92 -2.83 36.51
C GLY E 37 -15.57 -1.55 36.06
N THR E 38 -14.74 -0.50 36.01
CA THR E 38 -15.17 0.83 35.57
C THR E 38 -14.68 1.19 34.18
N ALA E 39 -13.70 0.46 33.66
CA ALA E 39 -13.14 0.72 32.34
C ALA E 39 -14.20 0.60 31.25
N THR E 40 -14.13 1.49 30.27
CA THR E 40 -15.09 1.51 29.17
C THR E 40 -14.59 0.81 27.92
N ASN E 41 -13.30 0.46 27.86
CA ASN E 41 -12.75 -0.20 26.70
C ASN E 41 -13.21 -1.67 26.65
N ARG E 42 -13.23 -2.21 25.44
CA ARG E 42 -13.71 -3.56 25.20
C ARG E 42 -12.70 -4.60 25.68
N SER E 43 -13.20 -5.80 25.93
CA SER E 43 -12.38 -6.97 26.21
C SER E 43 -12.63 -8.02 25.14
N ILE E 44 -11.58 -8.64 24.65
CA ILE E 44 -11.66 -9.62 23.57
C ILE E 44 -11.21 -10.96 24.13
N LEU E 45 -11.98 -12.01 23.84
CA LEU E 45 -11.61 -13.36 24.25
C LEU E 45 -10.90 -14.04 23.08
N GLN E 46 -9.72 -14.59 23.36
CA GLN E 46 -8.82 -15.10 22.35
C GLN E 46 -8.46 -16.55 22.69
N CYS E 47 -8.22 -17.35 21.66
CA CYS E 47 -8.01 -18.77 21.84
C CYS E 47 -6.85 -19.26 20.97
N ASN E 48 -5.97 -20.05 21.56
CA ASN E 48 -4.83 -20.65 20.89
C ASN E 48 -4.86 -22.15 21.12
N VAL E 49 -4.88 -22.92 20.04
CA VAL E 49 -4.76 -24.38 20.12
C VAL E 49 -3.37 -24.74 19.64
N GLY E 50 -2.51 -25.05 20.59
CA GLY E 50 -1.11 -25.30 20.23
C GLY E 50 -0.42 -24.01 19.86
N ASN E 51 0.21 -24.00 18.70
CA ASN E 51 0.99 -22.81 18.28
C ASN E 51 0.21 -22.15 17.15
N LYS E 52 -0.89 -22.77 16.74
CA LYS E 52 -1.73 -22.17 15.68
C LYS E 52 -2.07 -20.72 16.01
N SER E 53 -2.20 -19.90 14.98
CA SER E 53 -2.53 -18.48 15.10
C SER E 53 -3.76 -18.29 16.00
N PRO E 54 -3.80 -17.22 16.80
CA PRO E 54 -4.91 -17.06 17.75
C PRO E 54 -6.21 -16.67 17.04
N LEU E 55 -7.32 -17.23 17.53
CA LEU E 55 -8.64 -16.97 17.01
C LEU E 55 -9.48 -16.19 18.01
N LEU E 56 -10.19 -15.18 17.53
CA LEU E 56 -11.08 -14.41 18.38
C LEU E 56 -12.39 -15.17 18.59
N LEU E 57 -12.80 -15.30 19.85
CA LEU E 57 -14.04 -16.00 20.18
C LEU E 57 -15.21 -15.04 20.32
N CYS E 58 -14.97 -13.88 20.93
CA CYS E 58 -16.02 -12.88 21.07
C CYS E 58 -15.40 -11.57 21.56
N VAL E 59 -16.19 -10.51 21.45
CA VAL E 59 -15.82 -9.18 21.89
C VAL E 59 -16.92 -8.65 22.82
N LEU E 60 -16.52 -8.20 24.00
CA LEU E 60 -17.44 -7.68 25.00
C LEU E 60 -17.18 -6.19 25.18
N THR E 61 -18.23 -5.37 25.04
CA THR E 61 -18.13 -3.93 25.20
C THR E 61 -18.93 -3.53 26.44
N PRO E 62 -18.32 -2.88 27.42
CA PRO E 62 -19.06 -2.50 28.62
C PRO E 62 -20.30 -1.67 28.30
N ASP E 63 -21.41 -2.01 28.95
CA ASP E 63 -22.69 -1.31 28.86
C ASP E 63 -23.30 -1.38 27.46
N LYS E 64 -22.79 -2.24 26.59
CA LYS E 64 -23.37 -2.41 25.26
C LYS E 64 -23.57 -3.89 24.98
N VAL E 65 -22.49 -4.67 24.98
CA VAL E 65 -22.54 -6.12 24.85
C VAL E 65 -21.78 -6.68 26.05
N ASP E 66 -22.49 -6.89 27.16
CA ASP E 66 -21.86 -7.30 28.41
C ASP E 66 -21.70 -8.81 28.54
N SER E 67 -22.41 -9.59 27.74
CA SER E 67 -22.24 -11.04 27.74
C SER E 67 -22.69 -11.57 26.39
N CYS E 68 -22.20 -12.76 26.04
CA CYS E 68 -22.61 -13.35 24.77
C CYS E 68 -22.42 -14.86 24.77
N GLN E 69 -23.25 -15.51 23.95
CA GLN E 69 -23.20 -16.95 23.74
C GLN E 69 -21.96 -17.33 22.94
N LEU E 70 -21.40 -18.48 23.27
CA LEU E 70 -20.29 -19.07 22.53
C LEU E 70 -20.68 -20.42 21.94
N ASN E 71 -21.00 -21.40 22.78
CA ASN E 71 -21.43 -22.73 22.32
C ASN E 71 -20.35 -23.40 21.48
N LEU E 72 -19.12 -23.32 21.96
CA LEU E 72 -18.01 -24.07 21.40
C LEU E 72 -17.82 -25.36 22.20
N GLU E 73 -17.15 -26.33 21.59
CA GLU E 73 -16.87 -27.58 22.26
C GLU E 73 -15.42 -27.96 22.06
N PHE E 74 -14.81 -28.44 23.14
CA PHE E 74 -13.37 -28.77 23.16
C PHE E 74 -13.13 -30.20 23.64
N GLU E 75 -12.44 -31.04 22.86
CA GLU E 75 -12.02 -32.43 23.23
C GLU E 75 -10.69 -32.61 22.51
N GLU E 76 -9.64 -31.96 22.99
CA GLU E 76 -8.37 -31.92 22.22
C GLU E 76 -7.18 -32.66 22.84
N THR E 77 -6.26 -33.13 21.98
CA THR E 77 -5.01 -33.72 22.44
C THR E 77 -3.96 -32.66 22.72
N ASP E 78 -4.15 -31.45 22.20
CA ASP E 78 -3.27 -30.32 22.48
C ASP E 78 -3.92 -29.41 23.51
N GLU E 79 -3.07 -28.72 24.29
CA GLU E 79 -3.57 -27.79 25.29
C GLU E 79 -4.26 -26.61 24.61
N VAL E 80 -5.31 -26.09 25.26
CA VAL E 80 -6.06 -24.95 24.74
C VAL E 80 -5.83 -23.77 25.65
N ILE E 81 -5.36 -22.65 25.09
CA ILE E 81 -5.03 -21.46 25.87
C ILE E 81 -6.05 -20.38 25.57
N PHE E 82 -6.87 -20.03 26.56
CA PHE E 82 -7.75 -18.88 26.50
C PHE E 82 -7.05 -17.68 27.13
N SER E 83 -7.21 -16.52 26.49
CA SER E 83 -6.61 -15.29 26.99
C SER E 83 -7.61 -14.15 26.79
N VAL E 84 -7.41 -13.09 27.57
CA VAL E 84 -8.28 -11.92 27.53
C VAL E 84 -7.42 -10.71 27.22
N ILE E 85 -7.78 -9.97 26.17
CA ILE E 85 -7.13 -8.71 25.84
C ILE E 85 -8.10 -7.58 26.17
N GLY E 86 -7.73 -6.74 27.12
CA GLY E 86 -8.62 -5.70 27.57
C GLY E 86 -8.48 -5.43 29.06
N PRO E 87 -9.22 -4.43 29.55
CA PRO E 87 -9.05 -4.02 30.96
C PRO E 87 -9.81 -4.85 31.97
N ARG E 88 -10.84 -5.60 31.55
CA ARG E 88 -11.71 -6.30 32.47
C ARG E 88 -11.71 -7.80 32.18
N SER E 89 -11.89 -8.59 33.25
CA SER E 89 -11.86 -10.03 33.14
C SER E 89 -13.10 -10.56 32.40
N VAL E 90 -13.04 -11.83 32.03
CA VAL E 90 -14.14 -12.51 31.35
C VAL E 90 -14.47 -13.79 32.10
N HIS E 91 -15.71 -13.92 32.53
CA HIS E 91 -16.20 -15.13 33.17
C HIS E 91 -16.67 -16.08 32.08
N LEU E 92 -15.96 -17.20 31.92
CA LEU E 92 -16.36 -18.25 31.00
C LEU E 92 -17.15 -19.28 31.78
N THR E 93 -18.32 -19.65 31.25
CA THR E 93 -19.15 -20.67 31.87
C THR E 93 -19.65 -21.65 30.82
N GLY E 94 -19.87 -22.89 31.26
CA GLY E 94 -20.28 -23.97 30.39
C GLY E 94 -20.48 -25.26 31.16
N TYR E 95 -20.36 -26.39 30.48
CA TYR E 95 -20.61 -27.67 31.14
C TYR E 95 -19.89 -28.76 30.38
N PHE E 96 -19.53 -29.83 31.09
CA PHE E 96 -18.93 -31.01 30.46
C PHE E 96 -20.02 -31.91 29.90
N LEU E 97 -19.68 -32.63 28.83
CA LEU E 97 -20.63 -33.52 28.20
C LEU E 97 -20.55 -34.92 28.83
N ALA F 2 -13.38 11.37 20.67
CA ALA F 2 -14.47 12.00 19.93
C ALA F 2 -14.73 13.42 20.40
N PHE F 3 -14.98 14.32 19.45
CA PHE F 3 -15.16 15.73 19.72
C PHE F 3 -16.35 15.96 20.66
N TRP F 4 -16.22 16.98 21.51
CA TRP F 4 -17.27 17.37 22.43
C TRP F 4 -17.27 18.89 22.56
N GLY F 5 -18.45 19.47 22.73
CA GLY F 5 -18.56 20.89 22.92
C GLY F 5 -19.96 21.38 23.22
N VAL F 6 -20.07 22.52 23.91
CA VAL F 6 -21.37 23.10 24.22
C VAL F 6 -21.18 24.61 24.42
N GLU F 7 -22.18 25.38 23.99
CA GLU F 7 -22.23 26.80 24.29
C GLU F 7 -23.01 27.03 25.57
N VAL F 8 -22.34 27.56 26.58
CA VAL F 8 -22.98 27.90 27.85
C VAL F 8 -23.43 29.35 27.76
N LYS F 9 -24.74 29.56 27.78
CA LYS F 9 -25.30 30.89 27.59
C LYS F 9 -25.11 31.74 28.85
N PRO F 10 -25.13 33.07 28.70
CA PRO F 10 -24.84 33.95 29.85
C PRO F 10 -25.64 33.66 31.11
N GLY F 11 -26.87 33.17 30.99
CA GLY F 11 -27.69 32.96 32.18
C GLY F 11 -27.92 31.51 32.55
N LYS F 12 -27.60 30.60 31.63
CA LYS F 12 -27.93 29.20 31.82
C LYS F 12 -26.78 28.44 32.48
N THR F 13 -27.02 27.17 32.78
CA THR F 13 -26.08 26.28 33.42
C THR F 13 -25.97 25.01 32.58
N PHE F 14 -24.74 24.50 32.43
CA PHE F 14 -24.55 23.19 31.81
C PHE F 14 -24.15 22.15 32.85
N THR F 15 -24.74 20.98 32.74
CA THR F 15 -24.46 19.84 33.61
C THR F 15 -23.96 18.71 32.73
N LEU F 16 -22.87 18.07 33.15
CA LEU F 16 -22.34 16.95 32.37
C LEU F 16 -23.09 15.68 32.75
N LYS F 17 -23.59 14.98 31.73
CA LYS F 17 -24.48 13.84 31.96
C LYS F 17 -23.71 12.67 32.56
N ASN F 18 -24.28 12.18 33.64
CA ASN F 18 -23.78 11.10 34.46
C ASN F 18 -24.57 9.85 34.19
N ASN F 19 -24.15 9.08 33.21
CA ASN F 19 -24.93 7.93 32.79
C ASN F 19 -24.93 6.90 33.85
N GLU F 20 -25.76 5.92 33.63
CA GLU F 20 -25.83 4.81 34.51
C GLU F 20 -24.98 3.88 33.76
N THR F 22 -21.63 1.60 34.70
CA THR F 22 -20.43 0.77 34.78
C THR F 22 -19.33 1.39 34.01
N GLY F 23 -19.63 2.03 32.90
CA GLY F 23 -18.60 2.65 32.10
C GLY F 23 -18.54 4.10 32.45
N ILE F 24 -17.38 4.58 32.85
CA ILE F 24 -17.19 5.97 33.26
C ILE F 24 -16.39 6.66 32.17
N ARG F 25 -17.07 7.45 31.33
CA ARG F 25 -16.37 8.22 30.31
C ARG F 25 -15.64 9.40 30.93
N ARG F 26 -14.49 9.73 30.34
CA ARG F 26 -13.63 10.79 30.82
C ARG F 26 -13.55 11.88 29.78
N LEU F 27 -13.94 13.10 30.16
CA LEU F 27 -13.99 14.25 29.26
C LEU F 27 -12.78 15.14 29.47
N HIS F 28 -12.10 15.48 28.37
CA HIS F 28 -11.01 16.45 28.39
C HIS F 28 -11.54 17.79 27.86
N LEU F 29 -11.67 18.75 28.75
CA LEU F 29 -12.08 20.11 28.39
C LEU F 29 -10.82 20.88 27.99
N SER F 30 -10.77 21.31 26.73
CA SER F 30 -9.57 21.88 26.16
C SER F 30 -9.59 23.41 26.07
N GLN F 31 -10.71 23.99 25.62
CA GLN F 31 -10.70 25.38 25.18
C GLN F 31 -12.00 26.07 25.58
N ALA F 32 -11.89 27.33 25.99
CA ALA F 32 -13.05 28.18 26.22
C ALA F 32 -12.92 29.42 25.34
N THR F 33 -13.96 29.68 24.54
CA THR F 33 -13.93 30.79 23.60
C THR F 33 -15.14 31.69 23.83
N LEU F 34 -14.91 33.00 23.83
CA LEU F 34 -15.99 33.95 24.04
C LEU F 34 -16.91 33.94 22.83
N GLY F 35 -18.22 34.01 23.08
CA GLY F 35 -19.20 33.95 22.02
C GLY F 35 -19.47 35.32 21.41
N HIS F 36 -20.35 35.31 20.40
CA HIS F 36 -20.64 36.54 19.67
C HIS F 36 -21.39 37.53 20.54
N GLY F 37 -21.28 38.80 20.19
CA GLY F 37 -21.93 39.86 20.92
C GLY F 37 -21.15 41.15 20.84
N THR F 38 -21.80 42.24 21.24
CA THR F 38 -21.20 43.56 21.24
C THR F 38 -20.74 44.02 22.61
N ALA F 39 -21.19 43.36 23.67
CA ALA F 39 -20.86 43.74 25.03
C ALA F 39 -19.36 43.72 25.27
N THR F 40 -18.87 44.71 26.03
CA THR F 40 -17.46 44.83 26.35
C THR F 40 -17.12 44.27 27.73
N ASN F 41 -18.13 43.97 28.55
CA ASN F 41 -17.88 43.44 29.88
C ASN F 41 -17.37 42.01 29.82
N ARG F 42 -16.64 41.61 30.86
CA ARG F 42 -16.02 40.31 30.91
C ARG F 42 -17.04 39.20 31.15
N SER F 43 -16.68 37.99 30.76
CA SER F 43 -17.44 36.79 31.09
C SER F 43 -16.55 35.87 31.89
N ILE F 44 -17.09 35.28 32.96
CA ILE F 44 -16.34 34.40 33.84
C ILE F 44 -16.92 33.00 33.73
N LEU F 45 -16.05 32.03 33.47
CA LEU F 45 -16.45 30.63 33.46
C LEU F 45 -16.04 30.00 34.79
N GLN F 46 -17.03 29.45 35.49
CA GLN F 46 -16.87 28.90 36.83
C GLN F 46 -17.52 27.52 36.88
N CYS F 47 -17.07 26.70 37.82
CA CYS F 47 -17.50 25.31 37.93
C CYS F 47 -17.77 24.98 39.39
N ASN F 48 -18.86 24.25 39.64
CA ASN F 48 -19.26 23.84 40.98
C ASN F 48 -19.31 22.32 41.06
N VAL F 49 -18.65 21.76 42.07
CA VAL F 49 -18.61 20.32 42.27
C VAL F 49 -19.69 19.99 43.32
N GLY F 50 -20.90 19.73 42.84
CA GLY F 50 -22.00 19.41 43.72
C GLY F 50 -22.43 20.59 44.57
N ASN F 51 -22.22 20.48 45.89
CA ASN F 51 -22.58 21.52 46.84
C ASN F 51 -21.37 22.31 47.32
N LYS F 52 -20.23 22.20 46.64
CA LYS F 52 -19.02 22.89 47.04
C LYS F 52 -18.98 24.30 46.47
N SER F 53 -18.08 25.11 47.00
CA SER F 53 -17.97 26.50 46.59
C SER F 53 -17.45 26.58 45.15
N PRO F 54 -17.85 27.61 44.40
CA PRO F 54 -17.49 27.67 42.98
C PRO F 54 -16.02 27.98 42.77
N LEU F 55 -15.43 27.34 41.77
CA LEU F 55 -14.06 27.59 41.37
C LEU F 55 -14.07 28.28 40.03
N LEU F 56 -13.28 29.34 39.89
CA LEU F 56 -13.20 30.05 38.62
C LEU F 56 -12.31 29.26 37.67
N LEU F 57 -12.83 29.00 36.46
CA LEU F 57 -12.02 28.28 35.49
C LEU F 57 -11.29 29.27 34.59
N CYS F 58 -11.94 30.36 34.20
CA CYS F 58 -11.24 31.37 33.42
C CYS F 58 -12.07 32.63 33.31
N VAL F 59 -11.42 33.70 32.87
CA VAL F 59 -12.05 35.00 32.63
C VAL F 59 -11.71 35.42 31.22
N LEU F 60 -12.73 35.73 30.44
CA LEU F 60 -12.58 36.16 29.05
C LEU F 60 -13.03 37.61 28.94
N THR F 61 -12.17 38.46 28.39
CA THR F 61 -12.47 39.87 28.23
C THR F 61 -12.58 40.18 26.75
N PRO F 62 -13.71 40.72 26.28
CA PRO F 62 -13.86 41.00 24.85
C PRO F 62 -12.73 41.87 24.32
N ASP F 63 -12.22 41.50 23.16
CA ASP F 63 -11.17 42.22 22.44
C ASP F 63 -9.85 42.28 23.19
N LYS F 64 -9.69 41.47 24.25
CA LYS F 64 -8.44 41.41 24.99
C LYS F 64 -8.00 39.95 25.16
N VAL F 65 -8.83 39.17 25.86
CA VAL F 65 -8.61 37.73 26.02
C VAL F 65 -9.91 37.06 25.58
N ASP F 66 -10.00 36.74 24.29
CA ASP F 66 -11.24 36.21 23.73
C ASP F 66 -11.37 34.70 23.86
N SER F 67 -10.28 34.00 24.16
CA SER F 67 -10.33 32.56 24.41
C SER F 67 -9.09 32.16 25.21
N CYS F 68 -9.19 31.02 25.87
CA CYS F 68 -8.04 30.50 26.60
C CYS F 68 -8.14 28.99 26.79
N GLN F 69 -6.96 28.38 26.92
CA GLN F 69 -6.83 26.96 27.19
C GLN F 69 -7.27 26.63 28.61
N LEU F 70 -7.88 25.45 28.76
CA LEU F 70 -8.21 24.92 30.07
C LEU F 70 -7.51 23.59 30.33
N ASN F 71 -7.77 22.57 29.50
CA ASN F 71 -7.11 21.27 29.60
C ASN F 71 -7.35 20.64 30.98
N LEU F 72 -8.62 20.62 31.38
CA LEU F 72 -9.06 19.95 32.59
C LEU F 72 -9.71 18.62 32.20
N GLU F 73 -9.80 17.71 33.16
CA GLU F 73 -10.44 16.44 32.87
C GLU F 73 -11.47 16.11 33.94
N PHE F 74 -12.63 15.65 33.49
CA PHE F 74 -13.75 15.32 34.35
C PHE F 74 -14.21 13.89 34.07
N GLU F 75 -14.94 13.35 35.03
CA GLU F 75 -15.56 12.04 34.90
C GLU F 75 -17.05 12.23 35.10
N GLU F 76 -17.85 11.40 34.43
CA GLU F 76 -19.30 11.50 34.58
C GLU F 76 -19.72 11.49 36.04
N THR F 77 -18.99 10.76 36.88
CA THR F 77 -19.29 10.64 38.29
C THR F 77 -18.93 11.89 39.10
N ASP F 78 -18.23 12.85 38.52
CA ASP F 78 -17.78 14.00 39.30
C ASP F 78 -18.93 14.94 39.67
N GLU F 79 -20.02 14.95 38.91
CA GLU F 79 -21.16 15.83 39.17
C GLU F 79 -20.72 17.30 39.23
N VAL F 80 -20.54 17.92 38.06
CA VAL F 80 -19.94 19.24 37.94
C VAL F 80 -20.86 20.13 37.11
N ILE F 81 -21.19 21.30 37.65
CA ILE F 81 -22.07 22.26 37.00
C ILE F 81 -21.23 23.42 36.51
N PHE F 82 -21.17 23.61 35.19
CA PHE F 82 -20.48 24.74 34.59
C PHE F 82 -21.45 25.90 34.43
N SER F 83 -20.99 27.11 34.75
CA SER F 83 -21.80 28.30 34.61
C SER F 83 -20.94 29.46 34.12
N VAL F 84 -21.63 30.43 33.51
CA VAL F 84 -21.03 31.63 32.95
C VAL F 84 -21.71 32.84 33.57
N ILE F 85 -20.92 33.74 34.14
CA ILE F 85 -21.41 35.02 34.65
C ILE F 85 -20.89 36.12 33.74
N GLY F 86 -21.81 36.85 33.11
CA GLY F 86 -21.43 37.87 32.16
C GLY F 86 -22.41 37.99 31.03
N PRO F 87 -22.18 38.95 30.13
CA PRO F 87 -23.16 39.24 29.07
C PRO F 87 -23.07 38.33 27.85
N ARG F 88 -21.95 37.63 27.66
CA ARG F 88 -21.75 36.83 26.45
C ARG F 88 -21.49 35.37 26.82
N SER F 89 -21.92 34.48 25.93
CA SER F 89 -21.81 33.04 26.17
C SER F 89 -20.35 32.59 26.07
N VAL F 90 -20.11 31.35 26.51
CA VAL F 90 -18.77 30.74 26.43
C VAL F 90 -18.91 29.39 25.75
N HIS F 91 -18.18 29.21 24.64
CA HIS F 91 -18.13 27.95 23.91
C HIS F 91 -17.03 27.08 24.54
N LEU F 92 -17.44 25.98 25.16
CA LEU F 92 -16.51 24.99 25.70
C LEU F 92 -16.30 23.90 24.66
N THR F 93 -15.03 23.58 24.39
CA THR F 93 -14.70 22.51 23.46
C THR F 93 -13.63 21.61 24.06
N GLY F 94 -13.68 20.34 23.67
CA GLY F 94 -12.78 19.31 24.16
C GLY F 94 -13.07 17.97 23.52
N TYR F 95 -12.72 16.88 24.19
CA TYR F 95 -12.90 15.56 23.58
C TYR F 95 -12.94 14.50 24.67
N PHE F 96 -13.61 13.39 24.38
CA PHE F 96 -13.64 12.25 25.29
C PHE F 96 -12.40 11.40 25.08
N LEU F 97 -11.96 10.74 26.16
CA LEU F 97 -10.76 9.92 26.10
C LEU F 97 -11.10 8.48 25.72
N ALA G 2 -12.55 12.66 38.94
CA ALA G 2 -11.16 12.97 38.62
C ALA G 2 -10.85 14.43 38.90
N PHE G 3 -11.85 15.30 38.71
CA PHE G 3 -11.65 16.73 38.87
C PHE G 3 -11.15 17.06 40.28
N TRP G 4 -10.27 18.05 40.36
CA TRP G 4 -9.72 18.52 41.62
C TRP G 4 -9.55 20.02 41.52
N GLY G 5 -9.76 20.72 42.63
CA GLY G 5 -9.56 22.16 42.63
C GLY G 5 -9.73 22.80 43.99
N VAL G 6 -9.04 23.93 44.19
CA VAL G 6 -9.14 24.67 45.44
C VAL G 6 -8.78 26.12 45.18
N GLU G 7 -9.44 27.03 45.89
CA GLU G 7 -9.08 28.44 45.88
C GLU G 7 -8.08 28.69 47.00
N VAL G 8 -6.86 29.10 46.63
CA VAL G 8 -5.84 29.44 47.59
C VAL G 8 -5.93 30.94 47.84
N LYS G 9 -6.32 31.32 49.05
CA LYS G 9 -6.58 32.70 49.42
C LYS G 9 -5.27 33.44 49.68
N PRO G 10 -5.29 34.77 49.57
CA PRO G 10 -4.08 35.56 49.89
C PRO G 10 -3.63 35.33 51.32
N GLY G 11 -2.39 34.91 51.48
CA GLY G 11 -1.83 34.67 52.79
C GLY G 11 -2.24 33.37 53.44
N LYS G 12 -2.92 32.49 52.71
CA LYS G 12 -3.33 31.19 53.24
C LYS G 12 -2.62 30.08 52.50
N THR G 13 -2.63 28.89 53.12
CA THR G 13 -1.94 27.72 52.59
C THR G 13 -2.92 26.57 52.39
N PHE G 14 -2.77 25.89 51.26
CA PHE G 14 -3.44 24.61 51.05
C PHE G 14 -2.39 23.51 51.06
N THR G 15 -2.70 22.39 51.69
CA THR G 15 -1.76 21.29 51.74
C THR G 15 -2.34 20.09 51.01
N LEU G 16 -1.60 19.58 50.04
CA LEU G 16 -1.92 18.35 49.34
C LEU G 16 -1.23 17.23 50.08
N LYS G 17 -2.03 16.32 50.62
CA LYS G 17 -1.56 15.18 51.40
C LYS G 17 -1.82 13.89 50.63
N ASN G 18 -1.18 12.83 51.09
CA ASN G 18 -1.35 11.50 50.51
C ASN G 18 -1.60 10.52 51.64
N ASN G 19 -2.77 9.89 51.63
CA ASN G 19 -3.15 8.96 52.68
C ASN G 19 -2.49 7.60 52.46
N GLU G 20 -2.72 6.69 53.39
CA GLU G 20 -2.19 5.34 53.30
C GLU G 20 -3.31 4.31 53.37
N ILE G 24 -2.04 6.26 47.58
CA ILE G 24 -1.31 7.38 46.98
C ILE G 24 -1.83 7.62 45.56
N ARG G 25 -2.06 8.89 45.23
CA ARG G 25 -2.59 9.28 43.93
C ARG G 25 -1.64 10.28 43.28
N ARG G 26 -1.81 10.48 41.97
CA ARG G 26 -1.02 11.42 41.20
C ARG G 26 -1.93 12.52 40.69
N LEU G 27 -1.70 13.73 41.16
CA LEU G 27 -2.51 14.90 40.82
C LEU G 27 -1.86 15.68 39.69
N HIS G 28 -2.65 15.99 38.66
CA HIS G 28 -2.22 16.84 37.55
C HIS G 28 -2.78 18.25 37.71
N LEU G 29 -1.89 19.20 37.96
CA LEU G 29 -2.24 20.62 38.03
C LEU G 29 -2.24 21.22 36.62
N SER G 30 -3.41 21.69 36.19
CA SER G 30 -3.66 22.19 34.85
C SER G 30 -3.76 23.72 34.76
N GLN G 31 -4.48 24.37 35.66
CA GLN G 31 -4.89 25.76 35.44
C GLN G 31 -4.84 26.58 36.73
N ALA G 32 -4.37 27.83 36.61
CA ALA G 32 -4.45 28.79 37.70
C ALA G 32 -5.17 30.04 37.21
N THR G 33 -6.21 30.46 37.92
CA THR G 33 -7.00 31.61 37.52
C THR G 33 -7.07 32.61 38.66
N LEU G 34 -6.87 33.90 38.36
CA LEU G 34 -6.90 34.93 39.38
C LEU G 34 -8.33 35.10 39.89
N GLY G 35 -8.46 35.26 41.21
CA GLY G 35 -9.77 35.38 41.82
C GLY G 35 -10.28 36.81 41.81
N HIS G 36 -11.49 36.98 42.34
CA HIS G 36 -12.15 38.28 42.31
C HIS G 36 -11.43 39.27 43.22
N GLY G 37 -11.37 40.51 42.78
CA GLY G 37 -10.66 41.53 43.52
C GLY G 37 -10.57 42.80 42.71
N THR G 38 -10.12 43.86 43.36
CA THR G 38 -9.99 45.15 42.73
C THR G 38 -8.55 45.65 42.69
N ALA G 39 -7.64 44.95 43.35
CA ALA G 39 -6.22 45.28 43.36
C ALA G 39 -5.56 44.99 42.02
N THR G 40 -4.59 45.83 41.66
CA THR G 40 -3.84 45.70 40.42
C THR G 40 -2.50 45.00 40.63
N ASN G 41 -2.08 44.77 41.86
CA ASN G 41 -0.81 44.12 42.13
C ASN G 41 -0.89 42.63 41.78
N ARG G 42 0.26 42.07 41.43
CA ARG G 42 0.31 40.68 40.98
C ARG G 42 0.14 39.72 42.15
N SER G 43 -0.29 38.51 41.82
CA SER G 43 -0.35 37.39 42.75
C SER G 43 0.54 36.27 42.23
N ILE G 44 1.32 35.68 43.13
CA ILE G 44 2.28 34.64 42.78
C ILE G 44 1.85 33.35 43.46
N LEU G 45 1.85 32.26 42.70
CA LEU G 45 1.55 30.94 43.22
C LEU G 45 2.87 30.26 43.60
N GLN G 46 2.93 29.74 44.81
CA GLN G 46 4.15 29.26 45.42
C GLN G 46 3.95 27.83 45.92
N CYS G 47 5.05 27.07 45.92
CA CYS G 47 5.01 25.65 46.23
C CYS G 47 6.16 25.27 47.14
N ASN G 48 5.86 24.54 48.21
CA ASN G 48 6.84 24.03 49.16
C ASN G 48 6.64 22.54 49.30
N VAL G 49 7.73 21.80 49.50
CA VAL G 49 7.66 20.38 49.82
C VAL G 49 8.46 20.19 51.10
N GLY G 50 7.81 20.39 52.24
CA GLY G 50 8.42 20.19 53.53
C GLY G 50 9.61 21.09 53.81
N ASN G 51 9.35 22.33 54.22
CA ASN G 51 10.37 23.22 54.77
C ASN G 51 11.49 23.58 53.80
N LYS G 52 11.43 23.11 52.54
CA LYS G 52 12.41 23.54 51.57
C LYS G 52 12.12 24.98 51.14
N SER G 53 13.04 25.56 50.38
CA SER G 53 12.85 26.91 49.90
C SER G 53 11.74 26.94 48.86
N PRO G 54 10.79 27.87 48.95
CA PRO G 54 9.62 27.82 48.07
C PRO G 54 9.98 28.13 46.63
N LEU G 55 9.30 27.45 45.71
CA LEU G 55 9.47 27.63 44.28
C LEU G 55 8.21 28.28 43.71
N LEU G 56 8.40 29.29 42.85
CA LEU G 56 7.29 29.98 42.22
C LEU G 56 6.74 29.14 41.07
N LEU G 57 5.42 28.96 41.05
CA LEU G 57 4.77 28.18 40.00
C LEU G 57 4.25 29.04 38.85
N CYS G 58 3.70 30.21 39.13
CA CYS G 58 3.24 31.12 38.10
C CYS G 58 2.92 32.47 38.72
N VAL G 59 2.76 33.47 37.87
CA VAL G 59 2.41 34.83 38.29
C VAL G 59 1.19 35.30 37.51
N LEU G 60 0.18 35.77 38.22
CA LEU G 60 -1.05 36.28 37.64
C LEU G 60 -1.12 37.79 37.88
N THR G 61 -1.29 38.56 36.82
CA THR G 61 -1.35 40.00 36.91
C THR G 61 -2.74 40.49 36.53
N PRO G 62 -3.42 41.23 37.41
CA PRO G 62 -4.79 41.70 37.11
C PRO G 62 -4.83 42.47 35.80
N ASP G 63 -5.86 42.17 35.00
CA ASP G 63 -6.15 42.83 33.73
C ASP G 63 -5.06 42.62 32.69
N LYS G 64 -4.13 41.70 32.92
CA LYS G 64 -3.09 41.41 31.94
C LYS G 64 -2.98 39.91 31.71
N VAL G 65 -2.64 39.17 32.78
CA VAL G 65 -2.57 37.71 32.75
C VAL G 65 -3.46 37.23 33.89
N ASP G 66 -4.75 37.04 33.62
CA ASP G 66 -5.72 36.67 34.64
C ASP G 66 -5.79 35.18 34.90
N SER G 67 -5.24 34.37 34.00
CA SER G 67 -5.15 32.94 34.18
C SER G 67 -4.00 32.45 33.34
N CYS G 68 -3.48 31.27 33.70
CA CYS G 68 -2.41 30.69 32.92
C CYS G 68 -2.40 29.18 33.08
N GLN G 69 -1.94 28.51 32.03
CA GLN G 69 -1.82 27.08 32.01
C GLN G 69 -0.67 26.58 32.87
N LEU G 70 -0.92 25.47 33.54
CA LEU G 70 0.09 24.72 34.26
C LEU G 70 0.13 23.33 33.64
N ASN G 71 1.26 22.65 33.84
CA ASN G 71 1.36 21.26 33.43
C ASN G 71 2.24 20.59 34.47
N LEU G 72 1.78 20.58 35.72
CA LEU G 72 2.58 20.03 36.80
C LEU G 72 1.92 18.76 37.32
N GLU G 73 2.72 17.89 37.93
CA GLU G 73 2.19 16.66 38.50
C GLU G 73 2.83 16.41 39.85
N PHE G 74 2.02 15.91 40.76
CA PHE G 74 2.45 15.62 42.09
C PHE G 74 2.09 14.22 42.52
N GLU G 75 3.01 13.55 43.16
CA GLU G 75 2.81 12.22 43.67
C GLU G 75 3.85 12.00 44.73
N GLU G 76 3.73 12.69 45.85
CA GLU G 76 4.80 12.79 46.82
C GLU G 76 4.54 12.05 48.14
N THR G 77 5.59 11.61 48.80
CA THR G 77 5.44 11.07 50.13
C THR G 77 5.31 12.18 51.17
N ASP G 78 5.96 13.32 50.93
CA ASP G 78 5.83 14.48 51.81
C ASP G 78 4.60 15.30 51.42
N GLU G 79 4.16 16.14 52.35
CA GLU G 79 3.08 17.06 52.06
C GLU G 79 3.55 18.15 51.11
N VAL G 80 2.64 18.63 50.27
CA VAL G 80 2.94 19.73 49.35
C VAL G 80 2.11 20.92 49.77
N ILE G 81 2.76 22.05 50.04
CA ILE G 81 2.09 23.23 50.56
C ILE G 81 2.08 24.29 49.47
N PHE G 82 0.88 24.62 48.97
CA PHE G 82 0.69 25.72 48.04
C PHE G 82 0.32 26.97 48.83
N SER G 83 0.90 28.10 48.42
CA SER G 83 0.63 29.38 49.05
C SER G 83 0.53 30.45 47.97
N VAL G 84 -0.12 31.55 48.30
CA VAL G 84 -0.31 32.66 47.37
C VAL G 84 0.26 33.93 48.00
N ILE G 85 1.14 34.61 47.27
CA ILE G 85 1.68 35.90 47.70
C ILE G 85 1.05 36.97 46.82
N GLY G 86 0.28 37.86 47.43
CA GLY G 86 -0.41 38.87 46.67
C GLY G 86 -1.78 39.19 47.22
N PRO G 87 -2.46 40.17 46.61
CA PRO G 87 -3.74 40.64 47.17
C PRO G 87 -4.94 39.79 46.77
N ARG G 88 -4.83 38.98 45.73
CA ARG G 88 -5.97 38.23 45.19
C ARG G 88 -5.67 36.74 45.21
N SER G 89 -6.74 35.95 45.37
CA SER G 89 -6.62 34.50 45.46
C SER G 89 -6.26 33.90 44.11
N VAL G 90 -5.90 32.62 44.14
CA VAL G 90 -5.62 31.86 42.93
C VAL G 90 -6.44 30.58 42.98
N HIS G 91 -7.30 30.38 41.98
CA HIS G 91 -8.08 29.16 41.84
C HIS G 91 -7.23 28.16 41.06
N LEU G 92 -6.81 27.09 41.75
CA LEU G 92 -6.07 26.00 41.12
C LEU G 92 -7.04 24.89 40.73
N THR G 93 -6.94 24.43 39.48
CA THR G 93 -7.76 23.34 39.01
C THR G 93 -6.90 22.33 38.27
N GLY G 94 -7.34 21.08 38.31
CA GLY G 94 -6.62 19.99 37.70
C GLY G 94 -7.37 18.71 37.89
N TYR G 95 -6.64 17.59 37.84
CA TYR G 95 -7.31 16.30 37.91
C TYR G 95 -6.33 15.23 38.36
N PHE G 96 -6.88 14.19 38.97
CA PHE G 96 -6.08 13.03 39.37
C PHE G 96 -5.87 12.09 38.20
N LEU G 97 -4.75 11.38 38.24
CA LEU G 97 -4.27 10.46 37.19
C LEU G 97 -3.66 11.27 36.06
N ALA H 2 2.69 11.77 10.35
CA ALA H 2 1.83 12.18 11.45
C ALA H 2 1.33 13.61 11.26
N PHE H 3 2.20 14.49 10.76
CA PHE H 3 1.85 15.89 10.64
C PHE H 3 0.63 16.08 9.75
N TRP H 4 -0.19 17.06 10.11
CA TRP H 4 -1.39 17.41 9.37
C TRP H 4 -1.57 18.91 9.45
N GLY H 5 -2.09 19.48 8.37
CA GLY H 5 -2.36 20.90 8.36
C GLY H 5 -3.06 21.39 7.11
N VAL H 6 -3.80 22.49 7.25
CA VAL H 6 -4.52 23.08 6.12
C VAL H 6 -4.72 24.57 6.40
N GLU H 7 -4.65 25.38 5.35
CA GLU H 7 -5.00 26.79 5.43
C GLU H 7 -6.47 26.95 5.08
N VAL H 8 -7.27 27.39 6.03
CA VAL H 8 -8.69 27.66 5.80
C VAL H 8 -8.80 29.14 5.46
N LYS H 9 -9.21 29.41 4.22
CA LYS H 9 -9.27 30.76 3.67
C LYS H 9 -10.54 31.48 4.15
N PRO H 10 -10.52 32.81 4.15
CA PRO H 10 -11.71 33.56 4.55
C PRO H 10 -12.92 33.20 3.70
N GLY H 11 -14.03 32.86 4.37
CA GLY H 11 -15.23 32.47 3.67
C GLY H 11 -15.17 31.13 2.99
N LYS H 12 -14.06 30.41 3.10
CA LYS H 12 -13.94 29.06 2.58
C LYS H 12 -14.09 28.05 3.71
N THR H 13 -14.56 26.85 3.36
CA THR H 13 -14.79 25.79 4.31
C THR H 13 -13.85 24.63 4.03
N PHE H 14 -13.29 24.06 5.09
CA PHE H 14 -12.55 22.82 4.99
C PHE H 14 -13.36 21.70 5.61
N THR H 15 -13.37 20.54 4.97
CA THR H 15 -14.10 19.40 5.48
C THR H 15 -13.10 18.30 5.80
N LEU H 16 -13.11 17.85 7.05
CA LEU H 16 -12.32 16.73 7.53
C LEU H 16 -13.20 15.49 7.42
N LYS H 17 -12.81 14.60 6.51
CA LYS H 17 -13.50 13.35 6.27
C LYS H 17 -12.69 12.20 6.87
N ASN H 18 -13.39 11.14 7.24
CA ASN H 18 -12.79 9.97 7.87
C ASN H 18 -13.17 8.75 7.04
N ASN H 19 -12.18 8.13 6.39
CA ASN H 19 -12.41 7.03 5.46
C ASN H 19 -13.24 5.90 6.07
N GLY H 23 -9.94 2.58 7.94
CA GLY H 23 -9.17 3.79 7.70
C GLY H 23 -9.67 4.99 8.47
N ILE H 24 -10.05 4.76 9.73
CA ILE H 24 -10.53 5.80 10.62
C ILE H 24 -9.35 6.25 11.48
N ARG H 25 -9.01 7.54 11.40
CA ARG H 25 -7.87 8.11 12.10
C ARG H 25 -8.34 9.15 13.11
N ARG H 26 -7.52 9.34 14.14
CA ARG H 26 -7.79 10.30 15.21
C ARG H 26 -6.83 11.48 15.06
N LEU H 27 -7.38 12.65 14.76
CA LEU H 27 -6.60 13.85 14.50
C LEU H 27 -6.49 14.70 15.76
N HIS H 28 -5.26 15.09 16.10
CA HIS H 28 -5.02 16.05 17.18
C HIS H 28 -4.75 17.41 16.56
N LEU H 29 -5.72 18.32 16.70
CA LEU H 29 -5.58 19.70 16.23
C LEU H 29 -4.87 20.51 17.31
N SER H 30 -3.68 21.02 16.97
CA SER H 30 -2.79 21.64 17.95
C SER H 30 -2.81 23.16 17.92
N GLN H 31 -2.75 23.77 16.73
CA GLN H 31 -2.41 25.19 16.62
C GLN H 31 -3.22 25.86 15.53
N ALA H 32 -3.64 27.09 15.78
CA ALA H 32 -4.25 27.96 14.77
C ALA H 32 -3.44 29.23 14.67
N THR H 33 -3.00 29.57 13.45
CA THR H 33 -2.15 30.73 13.23
C THR H 33 -2.77 31.63 12.16
N LEU H 34 -2.80 32.93 12.43
CA LEU H 34 -3.38 33.87 11.48
C LEU H 34 -2.52 33.97 10.23
N GLY H 35 -3.16 34.03 9.07
CA GLY H 35 -2.46 34.08 7.81
C GLY H 35 -2.07 35.49 7.41
N HIS H 36 -1.40 35.59 6.27
CA HIS H 36 -0.86 36.87 5.81
C HIS H 36 -1.99 37.81 5.41
N GLY H 37 -1.70 39.10 5.50
CA GLY H 37 -2.65 40.12 5.11
C GLY H 37 -2.37 41.44 5.80
N THR H 38 -3.07 42.47 5.33
CA THR H 38 -2.98 43.80 5.90
C THR H 38 -4.21 44.19 6.72
N ALA H 39 -5.25 43.34 6.71
CA ALA H 39 -6.49 43.64 7.41
C ALA H 39 -6.31 43.57 8.91
N THR H 40 -6.96 44.50 9.62
CA THR H 40 -6.86 44.57 11.07
C THR H 40 -8.03 43.91 11.79
N ASN H 41 -9.10 43.55 11.08
CA ASN H 41 -10.23 42.90 11.71
C ASN H 41 -9.89 41.46 12.08
N ARG H 42 -10.58 40.95 13.10
CA ARG H 42 -10.31 39.62 13.64
C ARG H 42 -10.86 38.53 12.73
N SER H 43 -10.31 37.33 12.89
CA SER H 43 -10.82 36.13 12.24
C SER H 43 -11.26 35.14 13.32
N ILE H 44 -12.42 34.52 13.10
CA ILE H 44 -13.00 33.58 14.06
C ILE H 44 -13.03 32.20 13.42
N LEU H 45 -12.57 31.19 14.17
CA LEU H 45 -12.58 29.81 13.72
C LEU H 45 -13.78 29.07 14.30
N GLN H 46 -14.53 28.38 13.44
CA GLN H 46 -15.78 27.72 13.79
C GLN H 46 -15.71 26.27 13.36
N CYS H 47 -16.44 25.42 14.08
CA CYS H 47 -16.40 23.98 13.87
C CYS H 47 -17.80 23.40 13.93
N ASN H 48 -18.13 22.54 12.96
CA ASN H 48 -19.40 21.84 12.89
C ASN H 48 -19.13 20.35 12.78
N VAL H 49 -19.78 19.54 13.60
CA VAL H 49 -19.71 18.09 13.47
C VAL H 49 -21.06 17.62 12.98
N GLY H 50 -21.14 17.28 11.69
CA GLY H 50 -22.43 16.99 11.10
C GLY H 50 -23.27 18.25 10.96
N ASN H 51 -24.57 18.12 11.20
CA ASN H 51 -25.49 19.23 11.06
C ASN H 51 -25.72 19.98 12.37
N LYS H 52 -24.80 19.85 13.32
CA LYS H 52 -24.94 20.49 14.62
C LYS H 52 -24.58 21.97 14.52
N SER H 53 -25.00 22.73 15.53
CA SER H 53 -24.74 24.15 15.56
C SER H 53 -23.25 24.41 15.70
N PRO H 54 -22.72 25.45 15.06
CA PRO H 54 -21.27 25.67 15.10
C PRO H 54 -20.81 26.18 16.45
N LEU H 55 -19.63 25.71 16.87
CA LEU H 55 -19.00 26.12 18.11
C LEU H 55 -17.73 26.91 17.78
N LEU H 56 -17.51 28.00 18.51
CA LEU H 56 -16.33 28.81 18.29
C LEU H 56 -15.12 28.12 18.91
N LEU H 57 -14.06 27.97 18.12
CA LEU H 57 -12.83 27.34 18.58
C LEU H 57 -11.80 28.36 19.06
N CYS H 58 -11.67 29.49 18.37
CA CYS H 58 -10.75 30.53 18.79
C CYS H 58 -10.99 31.79 17.97
N VAL H 59 -10.41 32.89 18.45
CA VAL H 59 -10.47 34.19 17.80
C VAL H 59 -9.03 34.70 17.66
N LEU H 60 -8.65 35.09 16.45
CA LEU H 60 -7.32 35.63 16.18
C LEU H 60 -7.46 37.09 15.79
N THR H 61 -6.73 37.96 16.50
CA THR H 61 -6.75 39.39 16.22
C THR H 61 -5.39 39.80 15.67
N PRO H 62 -5.34 40.38 14.47
CA PRO H 62 -4.04 40.77 13.90
C PRO H 62 -3.26 41.68 14.83
N ASP H 63 -1.96 41.40 14.96
CA ASP H 63 -1.01 42.16 15.77
C ASP H 63 -1.32 42.14 17.26
N LYS H 64 -2.22 41.27 17.70
CA LYS H 64 -2.52 41.14 19.12
C LYS H 64 -2.49 39.66 19.53
N VAL H 65 -3.36 38.86 18.92
CA VAL H 65 -3.38 37.41 19.13
C VAL H 65 -3.26 36.78 17.74
N ASP H 66 -2.03 36.56 17.27
CA ASP H 66 -1.80 36.08 15.93
C ASP H 66 -1.84 34.56 15.81
N SER H 67 -1.72 33.84 16.91
CA SER H 67 -1.84 32.39 16.91
C SER H 67 -2.20 31.93 18.32
N CYS H 68 -2.77 30.74 18.40
CA CYS H 68 -3.14 30.18 19.69
C CYS H 68 -3.26 28.67 19.63
N GLN H 69 -3.03 28.04 20.78
CA GLN H 69 -3.19 26.61 20.96
C GLN H 69 -4.68 26.24 20.95
N LEU H 70 -4.98 25.06 20.39
CA LEU H 70 -6.32 24.51 20.43
C LEU H 70 -6.39 23.19 21.17
N ASN H 71 -5.58 22.21 20.77
CA ASN H 71 -5.47 20.92 21.45
C ASN H 71 -6.84 20.22 21.55
N LEU H 72 -7.46 20.04 20.39
CA LEU H 72 -8.70 19.30 20.25
C LEU H 72 -8.40 17.98 19.55
N GLU H 73 -9.32 17.03 19.69
CA GLU H 73 -9.13 15.71 19.12
C GLU H 73 -10.38 15.23 18.38
N PHE H 74 -10.20 14.83 17.13
CA PHE H 74 -11.31 14.35 16.32
C PHE H 74 -11.19 12.93 15.85
N GLU H 75 -12.27 12.17 15.97
CA GLU H 75 -12.41 10.79 15.52
C GLU H 75 -13.87 10.49 15.27
N GLU H 76 -14.47 11.15 14.28
CA GLU H 76 -15.93 11.09 14.15
C GLU H 76 -16.48 10.24 12.99
N THR H 77 -17.74 9.81 13.13
CA THR H 77 -18.43 9.11 12.06
C THR H 77 -19.02 10.07 11.04
N ASP H 78 -19.22 11.33 11.42
CA ASP H 78 -19.67 12.37 10.51
C ASP H 78 -18.49 13.23 10.07
N GLU H 79 -18.75 14.08 9.08
CA GLU H 79 -17.73 14.99 8.58
C GLU H 79 -17.64 16.20 9.48
N VAL H 80 -16.43 16.74 9.63
CA VAL H 80 -16.19 17.91 10.47
C VAL H 80 -15.87 19.10 9.57
N ILE H 81 -16.63 20.17 9.71
CA ILE H 81 -16.50 21.33 8.84
C ILE H 81 -15.89 22.47 9.65
N PHE H 82 -14.68 22.85 9.28
CA PHE H 82 -14.01 24.02 9.82
C PHE H 82 -14.27 25.21 8.91
N SER H 83 -14.55 26.36 9.51
CA SER H 83 -14.78 27.58 8.73
C SER H 83 -14.14 28.77 9.43
N VAL H 84 -13.85 29.80 8.64
CA VAL H 84 -13.23 31.02 9.13
C VAL H 84 -14.10 32.20 8.71
N ILE H 85 -14.51 33.01 9.68
CA ILE H 85 -15.21 34.26 9.40
C ILE H 85 -14.29 35.42 9.73
N GLY H 86 -13.98 36.22 8.71
CA GLY H 86 -13.04 37.31 8.86
C GLY H 86 -12.23 37.53 7.60
N PRO H 87 -11.38 38.55 7.58
CA PRO H 87 -10.68 38.90 6.34
C PRO H 87 -9.43 38.08 6.07
N ARG H 88 -8.87 37.40 7.06
CA ARG H 88 -7.60 36.69 6.89
C ARG H 88 -7.77 35.20 7.22
N SER H 89 -6.99 34.38 6.53
CA SER H 89 -7.07 32.93 6.66
C SER H 89 -6.53 32.47 8.02
N VAL H 90 -6.79 31.21 8.33
CA VAL H 90 -6.28 30.57 9.54
C VAL H 90 -5.60 29.27 9.15
N HIS H 91 -4.33 29.13 9.51
CA HIS H 91 -3.55 27.92 9.30
C HIS H 91 -3.78 26.99 10.48
N LEU H 92 -4.43 25.85 10.23
CA LEU H 92 -4.62 24.81 11.23
C LEU H 92 -3.51 23.78 11.11
N THR H 93 -2.86 23.46 12.23
CA THR H 93 -1.83 22.44 12.24
C THR H 93 -2.03 21.50 13.43
N GLY H 94 -1.60 20.26 13.24
CA GLY H 94 -1.74 19.21 14.23
C GLY H 94 -1.11 17.91 13.76
N TYR H 95 -1.57 16.77 14.29
CA TYR H 95 -0.95 15.49 13.96
C TYR H 95 -1.94 14.37 14.22
N PHE H 96 -1.79 13.27 13.49
CA PHE H 96 -2.62 12.10 13.72
C PHE H 96 -2.05 11.26 14.85
N LEU H 97 -2.96 10.58 15.56
CA LEU H 97 -2.69 9.77 16.75
C LEU H 97 -2.51 10.67 17.97
N ALA I 2 14.36 12.13 24.21
CA ALA I 2 15.59 12.90 24.36
C ALA I 2 15.40 14.32 23.81
N PHE I 3 16.06 15.28 24.45
CA PHE I 3 15.91 16.68 24.07
C PHE I 3 16.35 16.89 22.63
N TRP I 4 15.67 17.81 21.94
CA TRP I 4 15.99 18.17 20.57
C TRP I 4 15.76 19.66 20.38
N GLY I 5 16.59 20.28 19.55
CA GLY I 5 16.43 21.69 19.27
C GLY I 5 17.38 22.22 18.21
N VAL I 6 16.97 23.27 17.52
CA VAL I 6 17.79 23.91 16.49
C VAL I 6 17.42 25.38 16.42
N GLU I 7 18.41 26.22 16.13
CA GLU I 7 18.17 27.63 15.85
C GLU I 7 18.02 27.80 14.34
N VAL I 8 16.84 28.24 13.91
CA VAL I 8 16.58 28.52 12.50
C VAL I 8 16.86 30.00 12.27
N LYS I 9 17.91 30.29 11.51
CA LYS I 9 18.37 31.65 11.27
C LYS I 9 17.45 32.38 10.29
N PRO I 10 17.43 33.71 10.33
CA PRO I 10 16.50 34.47 9.48
C PRO I 10 16.76 34.20 8.00
N GLY I 11 15.70 33.80 7.30
CA GLY I 11 15.79 33.52 5.88
C GLY I 11 16.44 32.18 5.54
N LYS I 12 16.79 31.39 6.54
CA LYS I 12 17.40 30.08 6.34
C LYS I 12 16.37 28.99 6.62
N THR I 13 16.81 27.74 6.51
CA THR I 13 15.94 26.58 6.61
C THR I 13 16.61 25.50 7.43
N PHE I 14 15.83 24.83 8.27
CA PHE I 14 16.27 23.59 8.88
C PHE I 14 15.45 22.46 8.27
N THR I 15 16.11 21.34 8.00
CA THR I 15 15.40 20.19 7.44
C THR I 15 15.48 19.05 8.44
N LEU I 16 14.32 18.53 8.81
CA LEU I 16 14.18 17.37 9.66
C LEU I 16 14.09 16.14 8.76
N LYS I 17 15.12 15.32 8.80
CA LYS I 17 15.15 14.04 8.09
C LYS I 17 14.79 12.92 9.07
N ASN I 18 14.48 11.75 8.49
CA ASN I 18 14.07 10.59 9.27
C ASN I 18 14.72 9.36 8.62
N ASN I 19 16.04 9.26 8.74
CA ASN I 19 16.79 8.17 8.14
C ASN I 19 17.32 7.21 9.21
N THR I 22 19.16 3.63 12.78
CA THR I 22 18.67 4.08 11.48
C THR I 22 17.14 4.15 11.48
N GLY I 23 16.55 3.85 12.63
CA GLY I 23 15.11 3.75 12.73
C GLY I 23 14.40 5.09 12.60
N ILE I 24 13.08 4.99 12.48
CA ILE I 24 12.21 6.15 12.32
C ILE I 24 11.83 6.67 13.71
N ARG I 25 11.97 7.98 13.92
CA ARG I 25 11.68 8.61 15.19
C ARG I 25 10.56 9.63 15.05
N ARG I 26 9.81 9.81 16.13
CA ARG I 26 8.69 10.74 16.20
C ARG I 26 9.12 11.92 17.06
N LEU I 27 9.22 13.10 16.44
CA LEU I 27 9.64 14.31 17.13
C LEU I 27 8.45 15.09 17.63
N HIS I 28 8.49 15.49 18.90
CA HIS I 28 7.49 16.38 19.50
C HIS I 28 8.09 17.77 19.58
N LEU I 29 7.59 18.67 18.74
CA LEU I 29 7.99 20.08 18.75
C LEU I 29 7.15 20.82 19.78
N SER I 30 7.82 21.36 20.80
CA SER I 30 7.16 21.93 21.97
C SER I 30 7.12 23.46 21.95
N GLN I 31 8.23 24.10 21.61
CA GLN I 31 8.40 25.51 21.90
C GLN I 31 9.13 26.21 20.77
N ALA I 32 8.70 27.43 20.45
CA ALA I 32 9.43 28.31 19.55
C ALA I 32 9.73 29.61 20.28
N THR I 33 11.01 29.98 20.32
CA THR I 33 11.47 31.15 21.08
C THR I 33 12.27 32.09 20.19
N LEU I 34 12.00 33.39 20.30
CA LEU I 34 12.70 34.37 19.48
C LEU I 34 14.16 34.46 19.89
N GLY I 35 15.05 34.55 18.90
CA GLY I 35 16.47 34.62 19.15
C GLY I 35 16.96 36.04 19.41
N HIS I 36 18.25 36.14 19.67
CA HIS I 36 18.86 37.42 20.03
C HIS I 36 18.86 38.37 18.84
N GLY I 37 18.75 39.66 19.14
CA GLY I 37 18.77 40.68 18.12
C GLY I 37 18.10 41.95 18.60
N THR I 38 18.39 43.04 17.90
CA THR I 38 17.81 44.33 18.17
C THR I 38 16.62 44.63 17.25
N ALA I 39 16.19 43.64 16.46
CA ALA I 39 15.14 43.85 15.47
C ALA I 39 13.76 43.84 16.12
N THR I 40 12.91 44.76 15.68
CA THR I 40 11.56 44.88 16.22
C THR I 40 10.50 44.23 15.35
N ASN I 41 10.82 43.89 14.11
CA ASN I 41 9.83 43.26 13.24
C ASN I 41 9.61 41.79 13.64
N ARG I 42 8.43 41.29 13.31
CA ARG I 42 8.03 39.95 13.72
C ARG I 42 8.74 38.88 12.89
N SER I 43 8.78 37.68 13.45
CA SER I 43 9.27 36.49 12.76
C SER I 43 8.15 35.46 12.69
N ILE I 44 8.04 34.80 11.54
CA ILE I 44 7.00 33.81 11.29
C ILE I 44 7.68 32.46 11.08
N LEU I 45 7.17 31.44 11.76
CA LEU I 45 7.66 30.07 11.63
C LEU I 45 6.80 29.30 10.63
N GLN I 46 7.45 28.66 9.66
CA GLN I 46 6.78 28.04 8.52
C GLN I 46 7.23 26.60 8.37
N CYS I 47 6.35 25.76 7.81
CA CYS I 47 6.59 24.33 7.72
C CYS I 47 6.15 23.80 6.36
N ASN I 48 7.01 23.00 5.73
CA ASN I 48 6.75 22.37 4.44
C ASN I 48 6.96 20.86 4.58
N VAL I 49 6.02 20.07 4.06
CA VAL I 49 6.25 18.63 3.96
C VAL I 49 6.40 18.29 2.49
N GLY I 50 7.61 18.38 1.98
CA GLY I 50 7.90 17.99 0.60
C GLY I 50 7.22 18.84 -0.44
N ASN I 51 7.78 20.02 -0.70
CA ASN I 51 7.40 20.88 -1.84
C ASN I 51 5.92 21.23 -1.86
N LYS I 52 5.22 21.12 -0.73
CA LYS I 52 3.84 21.56 -0.67
C LYS I 52 3.78 23.02 -0.23
N SER I 53 2.58 23.59 -0.32
CA SER I 53 2.41 24.99 0.05
C SER I 53 2.67 25.17 1.55
N PRO I 54 3.41 26.21 1.93
CA PRO I 54 3.84 26.34 3.33
C PRO I 54 2.69 26.69 4.27
N LEU I 55 2.74 26.12 5.46
CA LEU I 55 1.77 26.38 6.52
C LEU I 55 2.45 27.13 7.66
N LEU I 56 1.78 28.17 8.15
CA LEU I 56 2.30 28.96 9.25
C LEU I 56 2.10 28.23 10.57
N LEU I 57 3.17 28.14 11.35
CA LEU I 57 3.12 27.48 12.66
C LEU I 57 2.90 28.45 13.81
N CYS I 58 3.54 29.62 13.78
CA CYS I 58 3.35 30.61 14.83
C CYS I 58 4.00 31.92 14.41
N VAL I 59 3.67 32.98 15.16
CA VAL I 59 4.21 34.32 14.95
C VAL I 59 4.80 34.81 16.26
N LEU I 60 6.06 35.25 16.20
CA LEU I 60 6.78 35.78 17.35
C LEU I 60 7.04 37.27 17.12
N THR I 61 6.61 38.10 18.07
CA THR I 61 6.80 39.54 17.98
C THR I 61 7.76 40.00 19.08
N PRO I 62 8.87 40.65 18.74
CA PRO I 62 9.82 41.08 19.77
C PRO I 62 9.15 41.97 20.82
N ASP I 63 9.49 41.70 22.09
CA ASP I 63 9.03 42.45 23.24
C ASP I 63 7.53 42.38 23.45
N LYS I 64 6.84 41.47 22.73
CA LYS I 64 5.41 41.26 22.91
C LYS I 64 5.12 39.78 23.04
N VAL I 65 5.45 39.01 22.01
CA VAL I 65 5.32 37.55 22.02
C VAL I 65 6.69 36.99 21.65
N ASP I 66 7.53 36.76 22.66
CA ASP I 66 8.90 36.31 22.42
C ASP I 66 9.03 34.81 22.28
N SER I 67 8.03 34.04 22.72
CA SER I 67 8.02 32.60 22.55
C SER I 67 6.58 32.12 22.63
N CYS I 68 6.34 30.91 22.11
CA CYS I 68 5.01 30.33 22.21
C CYS I 68 5.08 28.81 22.07
N GLN I 69 4.09 28.17 22.68
CA GLN I 69 3.92 26.72 22.63
C GLN I 69 3.47 26.31 21.24
N LEU I 70 3.94 25.14 20.81
CA LEU I 70 3.51 24.57 19.53
C LEU I 70 2.81 23.24 19.70
N ASN I 71 3.49 22.24 20.29
N ASN I 71 3.46 22.24 20.31
CA ASN I 71 2.95 20.91 20.56
CA ASN I 71 2.87 20.92 20.55
C ASN I 71 2.49 20.23 19.27
C ASN I 71 2.45 20.27 19.23
N LEU I 72 3.42 20.14 18.33
CA LEU I 72 3.23 19.44 17.07
C LEU I 72 4.04 18.16 17.10
N GLU I 73 3.65 17.20 16.26
CA GLU I 73 4.30 15.90 16.20
C GLU I 73 4.62 15.52 14.77
N PHE I 74 5.86 15.09 14.56
CA PHE I 74 6.33 14.69 13.26
C PHE I 74 6.90 13.29 13.21
N GLU I 75 6.48 12.54 12.21
CA GLU I 75 6.91 11.19 11.97
C GLU I 75 6.74 10.87 10.50
N GLU I 76 7.50 11.50 9.65
CA GLU I 76 7.21 11.49 8.22
C GLU I 76 8.28 10.69 7.48
N THR I 77 7.86 10.09 6.36
CA THR I 77 8.81 9.53 5.43
C THR I 77 9.49 10.61 4.61
N ASP I 78 8.76 11.68 4.30
CA ASP I 78 9.33 12.82 3.60
C ASP I 78 10.10 13.71 4.57
N GLU I 79 10.81 14.66 4.02
CA GLU I 79 11.56 15.61 4.77
C GLU I 79 10.64 16.72 5.25
N VAL I 80 10.91 17.26 6.43
CA VAL I 80 10.12 18.37 6.94
C VAL I 80 11.02 19.61 6.93
N ILE I 81 10.58 20.66 6.25
CA ILE I 81 11.39 21.86 6.08
C ILE I 81 10.79 22.99 6.91
N PHE I 82 11.49 23.39 7.96
CA PHE I 82 11.14 24.55 8.76
C PHE I 82 11.88 25.77 8.21
N SER I 83 11.17 26.89 8.13
CA SER I 83 11.79 28.13 7.67
C SER I 83 11.26 29.30 8.50
N VAL I 84 12.03 30.37 8.51
CA VAL I 84 11.70 31.57 9.28
C VAL I 84 11.67 32.77 8.33
N ILE I 85 10.57 33.50 8.35
CA ILE I 85 10.45 34.75 7.60
C ILE I 85 10.46 35.90 8.61
N GLY I 86 11.49 36.74 8.53
CA GLY I 86 11.65 37.81 9.49
C GLY I 86 13.10 38.08 9.82
N PRO I 87 13.34 39.11 10.63
CA PRO I 87 14.73 39.54 10.88
C PRO I 87 15.47 38.77 11.96
N ARG I 88 14.78 38.03 12.83
CA ARG I 88 15.42 37.36 13.96
C ARG I 88 15.18 35.86 13.89
N SER I 89 16.16 35.11 14.40
CA SER I 89 16.10 33.66 14.35
C SER I 89 15.02 33.13 15.30
N VAL I 90 14.69 31.85 15.13
CA VAL I 90 13.71 31.17 15.96
C VAL I 90 14.34 29.88 16.48
N HIS I 91 14.42 29.75 17.80
CA HIS I 91 14.90 28.53 18.45
C HIS I 91 13.73 27.57 18.62
N LEU I 92 13.79 26.44 17.92
CA LEU I 92 12.81 25.38 18.07
C LEU I 92 13.33 24.36 19.07
N THR I 93 12.49 24.00 20.04
CA THR I 93 12.85 22.99 21.03
C THR I 93 11.71 22.01 21.21
N GLY I 94 12.10 20.79 21.56
CA GLY I 94 11.15 19.71 21.73
C GLY I 94 11.88 18.45 22.14
N TYR I 95 11.29 17.30 21.83
CA TYR I 95 11.87 16.05 22.27
C TYR I 95 11.34 14.91 21.40
N PHE I 96 12.14 13.85 21.30
CA PHE I 96 11.70 12.67 20.58
C PHE I 96 10.83 11.79 21.46
N LEU I 97 9.93 11.05 20.81
CA LEU I 97 8.93 10.17 21.43
C LEU I 97 7.73 11.00 21.88
N ALA J 2 7.13 13.00 42.40
CA ALA J 2 7.23 13.31 40.98
C ALA J 2 7.68 14.74 40.75
N PHE J 3 7.23 15.65 41.62
CA PHE J 3 7.52 17.07 41.44
C PHE J 3 9.02 17.33 41.44
N TRP J 4 9.43 18.31 40.62
CA TRP J 4 10.82 18.71 40.51
C TRP J 4 10.86 20.21 40.28
N GLY J 5 11.89 20.86 40.81
CA GLY J 5 12.05 22.28 40.60
C GLY J 5 13.35 22.84 41.14
N VAL J 6 13.81 23.93 40.55
CA VAL J 6 15.04 24.58 40.99
C VAL J 6 15.00 26.05 40.61
N GLU J 7 15.55 26.89 41.47
CA GLU J 7 15.73 28.31 41.16
C GLU J 7 17.11 28.53 40.57
N VAL J 8 17.16 28.98 39.32
CA VAL J 8 18.41 29.30 38.66
C VAL J 8 18.67 30.79 38.87
N LYS J 9 19.74 31.10 39.60
CA LYS J 9 20.08 32.46 39.97
C LYS J 9 20.66 33.22 38.78
N PRO J 10 20.58 34.56 38.80
CA PRO J 10 21.15 35.36 37.71
C PRO J 10 22.65 35.14 37.58
N GLY J 11 23.09 34.90 36.34
CA GLY J 11 24.49 34.62 36.10
C GLY J 11 24.98 33.30 36.61
N LYS J 12 24.10 32.46 37.15
CA LYS J 12 24.45 31.14 37.64
C LYS J 12 23.85 30.07 36.74
N THR J 13 24.22 28.83 37.04
CA THR J 13 23.90 27.69 36.18
C THR J 13 23.40 26.53 37.02
N PHE J 14 22.37 25.85 36.52
CA PHE J 14 21.95 24.58 37.09
C PHE J 14 22.36 23.46 36.15
N THR J 15 22.85 22.37 36.71
CA THR J 15 23.27 21.23 35.90
C THR J 15 22.41 20.03 36.24
N LEU J 16 21.77 19.45 35.27
CA LEU J 16 21.04 18.27 35.53
C LEU J 16 21.94 17.12 35.19
N LYS J 17 22.23 16.24 36.14
CA LYS J 17 23.09 15.11 35.72
C LYS J 17 22.38 13.81 36.03
N ASN J 18 23.09 12.71 35.86
CA ASN J 18 22.47 11.39 36.10
C ASN J 18 22.98 10.86 37.43
N GLU J 20 24.13 8.40 37.73
CA GLU J 20 25.23 7.50 37.32
C GLU J 20 24.76 6.06 37.46
N ALA J 21 23.63 5.86 38.09
CA ALA J 21 23.08 4.50 38.17
C ALA J 21 22.88 3.96 36.76
N THR J 22 22.44 2.72 36.65
CA THR J 22 22.08 2.18 35.33
C THR J 22 20.85 2.93 34.83
N GLY J 23 20.00 3.42 35.73
CA GLY J 23 18.73 3.97 35.27
C GLY J 23 18.83 5.46 34.93
N ILE J 24 18.13 5.85 33.86
CA ILE J 24 18.05 7.24 33.43
C ILE J 24 16.62 7.72 33.62
N ARG J 25 16.44 8.72 34.46
CA ARG J 25 15.12 9.30 34.69
C ARG J 25 14.78 10.29 33.58
N ARG J 26 13.49 10.39 33.27
CA ARG J 26 13.01 11.30 32.25
C ARG J 26 12.27 12.45 32.91
N LEU J 27 12.82 13.65 32.79
CA LEU J 27 12.28 14.85 33.41
C LEU J 27 11.41 15.61 32.42
N HIS J 28 10.20 15.96 32.84
CA HIS J 28 9.34 16.84 32.07
C HIS J 28 9.43 18.23 32.68
N LEU J 29 10.09 19.14 31.98
CA LEU J 29 10.20 20.53 32.39
C LEU J 29 8.98 21.29 31.89
N SER J 30 8.19 21.82 32.82
CA SER J 30 6.88 22.38 32.52
C SER J 30 6.87 23.90 32.47
N GLN J 31 7.50 24.58 33.43
CA GLN J 31 7.19 25.98 33.65
C GLN J 31 8.45 26.75 34.02
N ALA J 32 8.54 27.99 33.52
CA ALA J 32 9.56 28.93 33.95
C ALA J 32 8.87 30.18 34.51
N THR J 33 9.21 30.56 35.74
CA THR J 33 8.58 31.69 36.42
C THR J 33 9.64 32.66 36.89
N LEU J 34 9.41 33.95 36.66
CA LEU J 34 10.37 34.97 37.08
C LEU J 34 10.38 35.10 38.60
N GLY J 35 11.57 35.26 39.17
CA GLY J 35 11.73 35.35 40.61
C GLY J 35 11.54 36.77 41.14
N HIS J 36 11.63 36.90 42.45
CA HIS J 36 11.38 38.17 43.11
C HIS J 36 12.47 39.18 42.80
N GLY J 37 12.08 40.43 42.63
CA GLY J 37 13.01 41.52 42.36
C GLY J 37 12.29 42.73 41.82
N THR J 38 13.00 43.86 41.86
CA THR J 38 12.49 45.14 41.36
C THR J 38 13.00 45.47 39.97
N ALA J 39 14.00 44.74 39.48
CA ALA J 39 14.58 44.98 38.17
C ALA J 39 13.55 44.77 37.06
N THR J 40 13.58 45.67 36.07
CA THR J 40 12.64 45.62 34.95
C THR J 40 13.23 44.97 33.70
N ASN J 41 14.53 44.71 33.67
CA ASN J 41 15.14 44.09 32.50
C ASN J 41 14.72 42.62 32.39
N ARG J 42 14.73 42.11 31.16
CA ARG J 42 14.27 40.76 30.91
C ARG J 42 15.29 39.72 31.39
N SER J 43 14.80 38.51 31.62
CA SER J 43 15.65 37.35 31.91
C SER J 43 15.44 36.31 30.82
N ILE J 44 16.53 35.70 30.38
CA ILE J 44 16.52 34.72 29.30
C ILE J 44 16.96 33.38 29.87
N LEU J 45 16.20 32.33 29.58
CA LEU J 45 16.55 30.98 29.97
C LEU J 45 17.22 30.29 28.80
N GLN J 46 18.40 29.72 29.05
CA GLN J 46 19.25 29.17 28.02
C GLN J 46 19.61 27.74 28.38
N CYS J 47 19.84 26.91 27.36
CA CYS J 47 20.05 25.48 27.57
C CYS J 47 21.19 24.98 26.69
N ASN J 48 22.09 24.21 27.30
CA ASN J 48 23.23 23.59 26.61
C ASN J 48 23.17 22.09 26.85
N VAL J 49 23.13 21.31 25.78
CA VAL J 49 23.16 19.86 25.92
C VAL J 49 24.47 19.35 25.34
N GLY J 50 25.51 19.33 26.16
CA GLY J 50 26.83 18.90 25.72
C GLY J 50 27.66 20.02 25.14
N ASN J 51 28.35 19.76 24.04
CA ASN J 51 29.19 20.75 23.38
C ASN J 51 28.44 21.57 22.35
N LYS J 52 27.12 21.41 22.26
CA LYS J 52 26.35 22.09 21.22
C LYS J 52 26.09 23.55 21.62
N SER J 53 25.87 24.37 20.59
CA SER J 53 25.60 25.78 20.80
C SER J 53 24.33 25.97 21.64
N PRO J 54 24.25 27.05 22.40
CA PRO J 54 23.13 27.21 23.35
C PRO J 54 21.83 27.57 22.65
N LEU J 55 20.74 27.00 23.15
CA LEU J 55 19.41 27.26 22.64
C LEU J 55 18.59 28.04 23.67
N LEU J 56 17.88 29.06 23.21
CA LEU J 56 17.02 29.84 24.07
C LEU J 56 15.72 29.08 24.31
N LEU J 57 15.34 28.94 25.59
CA LEU J 57 14.12 28.26 25.94
C LEU J 57 12.95 29.22 26.11
N CYS J 58 13.18 30.38 26.70
CA CYS J 58 12.13 31.38 26.84
C CYS J 58 12.74 32.70 27.31
N VAL J 59 11.92 33.74 27.20
CA VAL J 59 12.27 35.09 27.64
C VAL J 59 11.16 35.56 28.55
N LEU J 60 11.53 36.02 29.75
CA LEU J 60 10.60 36.52 30.74
C LEU J 60 10.82 38.01 30.92
N THR J 61 9.75 38.80 30.78
CA THR J 61 9.85 40.24 30.93
C THR J 61 9.08 40.66 32.16
N PRO J 62 9.73 41.31 33.13
CA PRO J 62 9.03 41.73 34.35
C PRO J 62 7.81 42.58 34.02
N ASP J 63 6.71 42.28 34.71
CA ASP J 63 5.44 42.99 34.59
C ASP J 63 4.81 42.85 33.21
N LYS J 64 5.29 41.93 32.38
CA LYS J 64 4.69 41.69 31.08
C LYS J 64 4.47 40.20 30.84
N VAL J 65 5.55 39.43 30.82
CA VAL J 65 5.50 37.98 30.70
C VAL J 65 6.31 37.43 31.87
N ASP J 66 5.64 37.22 33.01
CA ASP J 66 6.32 36.81 34.24
C ASP J 66 6.51 35.31 34.37
N SER J 67 5.78 34.51 33.58
CA SER J 67 5.97 33.07 33.56
C SER J 67 5.48 32.53 32.23
N CYS J 68 5.97 31.34 31.87
CA CYS J 68 5.53 30.73 30.63
C CYS J 68 5.75 29.22 30.64
N GLN J 69 4.92 28.54 29.85
CA GLN J 69 5.01 27.10 29.66
C GLN J 69 6.24 26.74 28.84
N LEU J 70 6.85 25.60 29.17
CA LEU J 70 7.94 25.03 28.37
C LEU J 70 7.56 23.67 27.82
N ASN J 71 7.29 22.68 28.68
CA ASN J 71 6.88 21.34 28.27
C ASN J 71 7.93 20.65 27.40
N LEU J 72 9.17 20.74 27.86
CA LEU J 72 10.29 20.02 27.28
C LEU J 72 10.52 18.75 28.07
N GLU J 73 11.21 17.79 27.45
CA GLU J 73 11.52 16.55 28.15
C GLU J 73 12.99 16.21 27.96
N PHE J 74 13.62 15.84 29.04
CA PHE J 74 15.00 15.47 29.10
C PHE J 74 15.24 14.07 29.61
N GLU J 75 16.18 13.41 28.96
CA GLU J 75 16.55 12.03 29.24
C GLU J 75 17.90 11.75 28.62
N GLU J 76 18.94 12.46 29.05
CA GLU J 76 20.18 12.59 28.31
C GLU J 76 21.30 11.82 29.00
N THR J 77 22.16 11.20 28.20
CA THR J 77 23.42 10.68 28.71
C THR J 77 24.44 11.80 28.89
N ASP J 78 24.27 12.92 28.21
CA ASP J 78 25.09 14.10 28.39
C ASP J 78 24.43 15.03 29.41
N GLU J 79 25.26 15.76 30.14
CA GLU J 79 24.74 16.69 31.15
C GLU J 79 24.02 17.85 30.47
N VAL J 80 23.02 18.40 31.17
CA VAL J 80 22.23 19.51 30.65
C VAL J 80 22.51 20.74 31.50
N ILE J 81 22.92 21.83 30.86
CA ILE J 81 23.28 23.06 31.55
C ILE J 81 22.22 24.10 31.27
N PHE J 82 21.44 24.46 32.29
CA PHE J 82 20.50 25.56 32.21
C PHE J 82 21.18 26.81 32.78
N SER J 83 20.97 27.94 32.12
CA SER J 83 21.55 29.20 32.57
C SER J 83 20.54 30.32 32.42
N VAL J 84 20.73 31.38 33.19
CA VAL J 84 19.85 32.54 33.18
C VAL J 84 20.71 33.77 32.91
N ILE J 85 20.36 34.54 31.88
CA ILE J 85 20.99 35.82 31.61
C ILE J 85 19.99 36.91 31.94
N GLY J 86 20.34 37.78 32.88
CA GLY J 86 19.41 38.80 33.33
C GLY J 86 19.54 39.08 34.81
N PRO J 87 18.78 40.07 35.30
CA PRO J 87 18.93 40.49 36.70
C PRO J 87 18.17 39.64 37.70
N ARG J 88 17.17 38.88 37.28
CA ARG J 88 16.32 38.14 38.20
C ARG J 88 16.36 36.64 37.90
N SER J 89 16.22 35.84 38.96
CA SER J 89 16.31 34.40 38.84
C SER J 89 15.10 33.82 38.10
N VAL J 90 15.21 32.54 37.72
CA VAL J 90 14.13 31.83 37.05
C VAL J 90 13.85 30.53 37.79
N HIS J 91 12.61 30.37 38.24
CA HIS J 91 12.15 29.14 38.88
C HIS J 91 11.69 28.18 37.79
N LEU J 92 12.42 27.07 37.65
CA LEU J 92 12.04 26.00 36.74
C LEU J 92 11.27 24.96 37.53
N THR J 93 10.11 24.55 37.00
CA THR J 93 9.31 23.53 37.65
C THR J 93 8.83 22.49 36.63
N GLY J 94 8.65 21.27 37.12
CA GLY J 94 8.24 20.17 36.26
C GLY J 94 8.08 18.91 37.08
N TYR J 95 8.20 17.76 36.42
CA TYR J 95 7.98 16.52 37.13
C TYR J 95 8.67 15.37 36.38
N PHE J 96 9.04 14.35 37.13
CA PHE J 96 9.60 13.14 36.54
C PHE J 96 8.48 12.21 36.09
N LEU J 97 8.76 11.44 35.05
CA LEU J 97 7.78 10.52 34.48
C LEU J 97 7.85 9.16 35.19
N ALA K 2 14.37 -9.96 -20.88
CA ALA K 2 13.60 -8.80 -21.33
C ALA K 2 12.95 -9.07 -22.70
N PHE K 3 11.82 -8.41 -22.93
CA PHE K 3 11.04 -8.60 -24.14
C PHE K 3 11.85 -8.26 -25.38
N TRP K 4 11.59 -9.00 -26.47
CA TRP K 4 12.22 -8.76 -27.76
C TRP K 4 11.21 -9.07 -28.85
N GLY K 5 11.27 -8.30 -29.94
CA GLY K 5 10.39 -8.57 -31.06
C GLY K 5 10.66 -7.71 -32.28
N VAL K 6 10.33 -8.24 -33.46
CA VAL K 6 10.53 -7.50 -34.72
C VAL K 6 9.51 -8.00 -35.74
N GLU K 7 9.06 -7.09 -36.60
CA GLU K 7 8.24 -7.44 -37.75
C GLU K 7 9.13 -7.64 -38.97
N VAL K 8 9.15 -8.86 -39.50
CA VAL K 8 9.89 -9.17 -40.72
C VAL K 8 8.92 -9.03 -41.89
N LYS K 9 9.14 -8.00 -42.71
CA LYS K 9 8.31 -7.76 -43.88
C LYS K 9 8.73 -8.67 -45.02
N PRO K 10 7.77 -9.04 -45.90
CA PRO K 10 8.05 -10.02 -46.95
C PRO K 10 9.32 -9.77 -47.75
N GLY K 11 9.42 -8.60 -48.40
CA GLY K 11 10.54 -8.33 -49.27
C GLY K 11 11.88 -8.20 -48.57
N LYS K 12 11.87 -7.87 -47.28
CA LYS K 12 13.08 -7.56 -46.54
C LYS K 12 13.48 -8.73 -45.64
N THR K 13 14.70 -8.62 -45.10
CA THR K 13 15.33 -9.64 -44.29
C THR K 13 15.79 -9.04 -42.98
N PHE K 14 15.63 -9.79 -41.89
CA PHE K 14 16.17 -9.38 -40.59
C PHE K 14 17.38 -10.24 -40.25
N THR K 15 18.43 -9.62 -39.73
CA THR K 15 19.64 -10.34 -39.37
C THR K 15 19.88 -10.22 -37.87
N LEU K 16 20.03 -11.37 -37.21
CA LEU K 16 20.39 -11.42 -35.80
C LEU K 16 21.91 -11.57 -35.69
N LYS K 17 22.53 -10.65 -34.96
CA LYS K 17 23.98 -10.60 -34.80
C LYS K 17 24.69 -10.45 -36.14
N ARG K 26 21.54 -14.54 -25.11
CA ARG K 26 20.84 -15.69 -25.67
C ARG K 26 19.36 -15.37 -25.86
N LEU K 27 18.91 -15.37 -27.11
CA LEU K 27 17.55 -14.99 -27.46
C LEU K 27 16.67 -16.23 -27.62
N HIS K 28 15.53 -16.25 -26.94
CA HIS K 28 14.52 -17.29 -27.09
C HIS K 28 13.37 -16.72 -27.92
N LEU K 29 13.22 -17.23 -29.14
CA LEU K 29 12.12 -16.84 -30.02
C LEU K 29 10.90 -17.70 -29.67
N SER K 30 9.83 -17.06 -29.23
CA SER K 30 8.65 -17.75 -28.68
C SER K 30 7.50 -17.86 -29.67
N GLN K 31 7.16 -16.80 -30.39
CA GLN K 31 5.87 -16.74 -31.08
C GLN K 31 6.02 -16.09 -32.44
N ALA K 32 5.28 -16.62 -33.42
CA ALA K 32 5.19 -16.01 -34.74
C ALA K 32 3.73 -15.69 -35.04
N THR K 33 3.45 -14.43 -35.40
CA THR K 33 2.09 -14.00 -35.66
C THR K 33 2.01 -13.37 -37.04
N LEU K 34 1.00 -13.77 -37.81
CA LEU K 34 0.82 -13.20 -39.15
C LEU K 34 0.39 -11.75 -39.03
N GLY K 35 0.94 -10.90 -39.89
CA GLY K 35 0.64 -9.49 -39.84
C GLY K 35 -0.63 -9.16 -40.61
N HIS K 36 -1.00 -7.89 -40.56
CA HIS K 36 -2.25 -7.45 -41.17
C HIS K 36 -2.16 -7.53 -42.69
N GLY K 37 -3.33 -7.60 -43.32
CA GLY K 37 -3.41 -7.66 -44.76
C GLY K 37 -4.69 -8.35 -45.20
N THR K 38 -5.00 -8.19 -46.49
CA THR K 38 -6.15 -8.82 -47.11
C THR K 38 -5.80 -10.09 -47.88
N ALA K 39 -4.52 -10.41 -47.98
CA ALA K 39 -4.05 -11.53 -48.79
C ALA K 39 -4.32 -12.86 -48.10
N THR K 40 -4.74 -13.85 -48.89
CA THR K 40 -5.06 -15.18 -48.39
C THR K 40 -3.94 -16.19 -48.59
N ASN K 41 -2.90 -15.87 -49.36
CA ASN K 41 -1.82 -16.82 -49.56
C ASN K 41 -0.99 -16.95 -48.30
N ARG K 42 -0.35 -18.12 -48.15
CA ARG K 42 0.41 -18.40 -46.94
C ARG K 42 1.71 -17.61 -46.91
N SER K 43 2.24 -17.42 -45.70
CA SER K 43 3.56 -16.85 -45.50
C SER K 43 4.45 -17.86 -44.80
N ILE K 44 5.69 -17.97 -45.25
CA ILE K 44 6.64 -18.93 -44.70
C ILE K 44 7.80 -18.16 -44.08
N LEU K 45 8.17 -18.53 -42.86
CA LEU K 45 9.34 -17.95 -42.20
C LEU K 45 10.51 -18.89 -42.40
N GLN K 46 11.61 -18.36 -42.92
CA GLN K 46 12.78 -19.14 -43.31
C GLN K 46 14.01 -18.55 -42.65
N CYS K 47 15.00 -19.42 -42.42
CA CYS K 47 16.19 -19.02 -41.68
C CYS K 47 17.42 -19.59 -42.37
N ASN K 48 18.43 -18.74 -42.55
CA ASN K 48 19.69 -19.13 -43.15
C ASN K 48 20.85 -18.79 -42.22
N VAL K 49 21.92 -19.57 -42.33
CA VAL K 49 23.10 -19.39 -41.48
C VAL K 49 24.36 -19.47 -42.30
N LYS K 52 24.52 -21.62 -46.55
CA LYS K 52 23.77 -22.86 -46.30
C LYS K 52 22.38 -22.79 -46.89
N SER K 53 21.70 -23.93 -46.92
CA SER K 53 20.35 -24.00 -47.46
C SER K 53 19.35 -23.45 -46.45
N PRO K 54 18.30 -22.77 -46.92
CA PRO K 54 17.33 -22.18 -45.98
C PRO K 54 16.48 -23.25 -45.31
N LEU K 55 16.19 -23.03 -44.03
CA LEU K 55 15.36 -23.92 -43.23
C LEU K 55 14.03 -23.26 -42.89
N LEU K 56 12.95 -24.02 -43.02
CA LEU K 56 11.62 -23.52 -42.69
C LEU K 56 11.41 -23.56 -41.18
N LEU K 57 10.97 -22.44 -40.62
CA LEU K 57 10.65 -22.37 -39.20
C LEU K 57 9.16 -22.59 -38.93
N CYS K 58 8.29 -22.01 -39.76
CA CYS K 58 6.86 -22.22 -39.67
C CYS K 58 6.20 -21.58 -40.89
N VAL K 59 4.94 -21.94 -41.10
CA VAL K 59 4.12 -21.38 -42.16
C VAL K 59 2.79 -20.95 -41.54
N LEU K 60 2.40 -19.71 -41.80
CA LEU K 60 1.16 -19.13 -41.30
C LEU K 60 0.20 -18.91 -42.46
N THR K 61 -1.02 -19.43 -42.31
CA THR K 61 -2.05 -19.34 -43.33
C THR K 61 -3.18 -18.45 -42.85
N PRO K 62 -3.52 -17.40 -43.59
CA PRO K 62 -4.60 -16.50 -43.16
C PRO K 62 -5.90 -17.25 -42.91
N ASP K 63 -6.57 -16.89 -41.81
CA ASP K 63 -7.86 -17.43 -41.39
C ASP K 63 -7.81 -18.92 -41.06
N LYS K 64 -6.62 -19.50 -40.92
CA LYS K 64 -6.49 -20.89 -40.52
C LYS K 64 -5.49 -21.03 -39.38
N VAL K 65 -4.23 -20.65 -39.65
CA VAL K 65 -3.18 -20.62 -38.63
C VAL K 65 -2.61 -19.20 -38.65
N ASP K 66 -3.19 -18.32 -37.85
CA ASP K 66 -2.79 -16.91 -37.83
C ASP K 66 -1.61 -16.64 -36.93
N SER K 67 -1.28 -17.58 -36.05
CA SER K 67 -0.09 -17.49 -35.21
C SER K 67 0.28 -18.90 -34.80
N CYS K 68 1.53 -19.07 -34.39
CA CYS K 68 1.95 -20.39 -33.93
C CYS K 68 3.15 -20.26 -32.99
N GLN K 69 3.25 -21.23 -32.10
CA GLN K 69 4.33 -21.30 -31.15
C GLN K 69 5.65 -21.68 -31.81
N LEU K 70 6.71 -21.03 -31.36
CA LEU K 70 8.07 -21.38 -31.69
C LEU K 70 8.81 -21.66 -30.39
N ASN K 71 9.93 -22.35 -30.49
CA ASN K 71 10.75 -22.62 -29.31
C ASN K 71 12.20 -22.72 -29.76
N LEU K 72 12.70 -21.66 -30.37
CA LEU K 72 14.07 -21.64 -30.84
C LEU K 72 14.91 -20.73 -29.96
N GLU K 73 16.21 -21.02 -29.93
CA GLU K 73 17.18 -20.23 -29.19
C GLU K 73 18.36 -20.02 -30.10
N PHE K 74 18.80 -18.76 -30.14
CA PHE K 74 19.88 -18.34 -31.05
C PHE K 74 20.89 -17.56 -30.22
N GLU K 75 22.11 -18.06 -30.14
CA GLU K 75 23.11 -17.37 -29.29
C GLU K 75 24.06 -16.60 -30.20
N THR K 77 22.42 -19.54 -32.80
CA THR K 77 23.59 -19.48 -33.70
C THR K 77 24.01 -18.02 -33.83
N ASP K 78 25.17 -17.79 -34.43
CA ASP K 78 25.67 -16.43 -34.53
C ASP K 78 25.54 -15.98 -35.96
N GLU K 79 24.91 -14.81 -36.15
CA GLU K 79 24.64 -14.24 -37.47
C GLU K 79 23.64 -15.11 -38.24
N VAL K 80 22.35 -14.91 -37.97
CA VAL K 80 21.27 -15.71 -38.53
C VAL K 80 20.35 -14.79 -39.32
N ILE K 81 20.03 -15.16 -40.55
CA ILE K 81 19.23 -14.31 -41.43
C ILE K 81 17.82 -14.91 -41.51
N PHE K 82 16.85 -14.17 -40.95
CA PHE K 82 15.44 -14.50 -41.06
C PHE K 82 14.84 -13.81 -42.27
N SER K 83 13.99 -14.53 -43.00
CA SER K 83 13.30 -14.00 -44.16
C SER K 83 11.87 -14.52 -44.17
N VAL K 84 11.01 -13.78 -44.85
CA VAL K 84 9.60 -14.14 -44.98
C VAL K 84 9.27 -14.21 -46.46
N ILE K 85 8.72 -15.34 -46.89
CA ILE K 85 8.26 -15.51 -48.27
C ILE K 85 6.74 -15.56 -48.25
N GLY K 86 6.11 -14.60 -48.92
CA GLY K 86 4.67 -14.50 -48.89
C GLY K 86 4.19 -13.06 -48.91
N PRO K 87 2.88 -12.86 -48.94
CA PRO K 87 2.34 -11.49 -49.07
C PRO K 87 2.26 -10.73 -47.76
N ARG K 88 2.33 -11.40 -46.61
CA ARG K 88 2.15 -10.75 -45.32
C ARG K 88 3.39 -10.92 -44.45
N SER K 89 3.63 -9.91 -43.61
CA SER K 89 4.79 -9.91 -42.72
C SER K 89 4.59 -10.94 -41.60
N VAL K 90 5.67 -11.17 -40.85
CA VAL K 90 5.64 -12.07 -39.71
C VAL K 90 6.19 -11.32 -38.51
N HIS K 91 5.38 -11.20 -37.45
CA HIS K 91 5.83 -10.62 -36.20
C HIS K 91 6.44 -11.72 -35.36
N LEU K 92 7.75 -11.64 -35.14
CA LEU K 92 8.47 -12.55 -34.26
C LEU K 92 8.59 -11.92 -32.89
N THR K 93 8.23 -12.68 -31.85
CA THR K 93 8.35 -12.20 -30.48
C THR K 93 9.01 -13.26 -29.60
N GLY K 94 9.70 -12.79 -28.58
CA GLY K 94 10.42 -13.67 -27.68
C GLY K 94 11.09 -12.87 -26.59
N TYR K 95 12.16 -13.44 -26.01
CA TYR K 95 12.79 -12.79 -24.88
C TYR K 95 14.22 -13.29 -24.73
N PHE K 96 15.06 -12.45 -24.12
CA PHE K 96 16.43 -12.82 -23.82
C PHE K 96 16.49 -13.62 -22.52
N LEU K 97 17.49 -14.51 -22.44
CA LEU K 97 17.65 -15.36 -21.27
C LEU K 97 18.47 -14.65 -20.19
N ALA L 2 24.03 -22.09 -31.38
CA ALA L 2 22.97 -22.85 -30.71
C ALA L 2 21.96 -23.39 -31.71
N PHE L 3 21.60 -22.59 -32.71
CA PHE L 3 20.57 -22.98 -33.65
C PHE L 3 20.93 -24.27 -34.37
N TRP L 4 19.93 -25.10 -34.64
CA TRP L 4 20.12 -26.34 -35.36
C TRP L 4 18.89 -26.61 -36.22
N GLY L 5 19.12 -27.23 -37.38
CA GLY L 5 18.01 -27.61 -38.23
C GLY L 5 18.45 -28.41 -39.44
N VAL L 6 17.55 -29.25 -39.95
CA VAL L 6 17.83 -30.07 -41.12
C VAL L 6 16.51 -30.37 -41.83
N GLU L 7 16.57 -30.44 -43.16
CA GLU L 7 15.43 -30.88 -43.96
C GLU L 7 15.54 -32.38 -44.22
N VAL L 8 14.59 -33.15 -43.71
CA VAL L 8 14.52 -34.58 -43.94
C VAL L 8 13.60 -34.82 -45.14
N LYS L 9 14.15 -35.39 -46.21
CA LYS L 9 13.45 -35.49 -47.47
C LYS L 9 12.43 -36.63 -47.46
N PRO L 10 11.46 -36.61 -48.39
CA PRO L 10 10.27 -37.49 -48.27
C PRO L 10 10.55 -38.95 -47.96
N GLY L 11 11.50 -39.59 -48.63
CA GLY L 11 11.71 -41.01 -48.44
C GLY L 11 13.03 -41.35 -47.79
N LYS L 12 13.65 -40.39 -47.13
CA LYS L 12 15.01 -40.53 -46.64
C LYS L 12 15.04 -40.52 -45.11
N THR L 13 16.26 -40.63 -44.59
CA THR L 13 16.53 -40.70 -43.16
C THR L 13 17.61 -39.68 -42.80
N PHE L 14 17.42 -39.01 -41.68
CA PHE L 14 18.47 -38.22 -41.07
C PHE L 14 18.94 -38.93 -39.81
N THR L 15 20.25 -38.96 -39.59
CA THR L 15 20.77 -39.62 -38.41
C THR L 15 21.47 -38.57 -37.55
N LEU L 16 21.03 -38.49 -36.30
CA LEU L 16 21.66 -37.63 -35.30
C LEU L 16 22.69 -38.47 -34.58
N LYS L 17 23.96 -38.13 -34.81
CA LYS L 17 25.10 -38.73 -34.12
C LYS L 17 25.58 -37.78 -33.03
N ASN L 18 26.21 -38.36 -32.02
CA ASN L 18 26.72 -37.58 -30.89
C ASN L 18 28.20 -37.87 -30.61
N ASN L 19 28.90 -38.38 -31.62
CA ASN L 19 30.35 -38.71 -31.43
C ASN L 19 31.23 -37.78 -32.26
N GLU L 20 31.47 -36.56 -31.78
CA GLU L 20 32.39 -35.61 -32.46
C GLU L 20 32.70 -34.48 -31.48
N GLY L 23 32.35 -33.39 -27.29
CA GLY L 23 31.74 -34.49 -26.53
C GLY L 23 30.27 -34.62 -26.83
N ILE L 24 29.49 -35.19 -25.90
CA ILE L 24 28.03 -35.28 -26.19
C ILE L 24 27.44 -33.88 -26.17
N ARG L 25 26.46 -33.62 -27.04
CA ARG L 25 25.86 -32.35 -26.96
C ARG L 25 24.44 -32.72 -26.89
N ARG L 26 23.68 -31.96 -26.16
CA ARG L 26 22.25 -32.18 -25.96
C ARG L 26 21.46 -31.28 -26.91
N LEU L 27 20.69 -31.91 -27.79
CA LEU L 27 19.92 -31.22 -28.81
C LEU L 27 18.47 -31.09 -28.36
N HIS L 28 17.92 -29.88 -28.44
CA HIS L 28 16.50 -29.65 -28.21
C HIS L 28 15.83 -29.52 -29.57
N LEU L 29 15.05 -30.54 -29.92
CA LEU L 29 14.26 -30.52 -31.15
C LEU L 29 12.94 -29.82 -30.86
N SER L 30 12.71 -28.69 -31.52
CA SER L 30 11.61 -27.79 -31.18
C SER L 30 10.42 -27.90 -32.14
N GLN L 31 10.66 -27.96 -33.44
CA GLN L 31 9.61 -27.70 -34.41
C GLN L 31 9.75 -28.62 -35.61
N ALA L 32 8.61 -29.09 -36.13
CA ALA L 32 8.58 -29.81 -37.40
C ALA L 32 7.65 -29.06 -38.34
N THR L 33 8.16 -28.68 -39.51
CA THR L 33 7.41 -27.87 -40.47
C THR L 33 7.41 -28.55 -41.83
N LEU L 34 6.26 -28.56 -42.50
CA LEU L 34 6.17 -29.19 -43.81
C LEU L 34 6.99 -28.42 -44.84
N GLY L 35 7.76 -29.16 -45.62
CA GLY L 35 8.63 -28.53 -46.62
C GLY L 35 8.27 -28.91 -48.04
N HIS L 36 9.25 -28.86 -48.93
CA HIS L 36 9.04 -29.16 -50.37
C HIS L 36 8.63 -30.62 -50.58
N GLY L 37 7.81 -30.86 -51.60
CA GLY L 37 7.40 -32.24 -51.88
C GLY L 37 6.83 -32.43 -53.27
N ALA L 39 3.23 -33.88 -53.55
CA ALA L 39 1.79 -34.22 -53.50
C ALA L 39 1.02 -33.49 -52.40
N THR L 40 -0.05 -34.10 -51.89
CA THR L 40 -0.93 -33.44 -50.91
C THR L 40 -1.22 -34.42 -49.76
N ASN L 41 -0.73 -35.65 -49.87
CA ASN L 41 -0.84 -36.62 -48.79
C ASN L 41 -0.06 -36.15 -47.56
N ARG L 42 -0.42 -36.70 -46.41
CA ARG L 42 0.19 -36.32 -45.15
C ARG L 42 1.61 -36.88 -45.05
N SER L 43 2.42 -36.24 -44.21
CA SER L 43 3.75 -36.74 -43.90
C SER L 43 3.85 -37.03 -42.40
N ILE L 44 4.44 -38.17 -42.07
CA ILE L 44 4.58 -38.61 -40.69
C ILE L 44 6.06 -38.65 -40.34
N LEU L 45 6.41 -38.07 -39.19
CA LEU L 45 7.77 -38.08 -38.68
C LEU L 45 7.93 -39.22 -37.69
N GLN L 46 8.96 -40.03 -37.89
CA GLN L 46 9.19 -41.25 -37.13
C GLN L 46 10.59 -41.21 -36.56
N CYS L 47 10.77 -41.90 -35.43
CA CYS L 47 12.04 -41.89 -34.71
C CYS L 47 12.37 -43.32 -34.32
N ASN L 48 13.61 -43.73 -34.62
CA ASN L 48 14.12 -45.05 -34.31
C ASN L 48 15.43 -44.92 -33.55
N VAL L 49 15.63 -45.81 -32.58
CA VAL L 49 16.91 -45.97 -31.91
C VAL L 49 17.19 -47.47 -31.86
N GLY L 50 18.13 -47.93 -32.67
CA GLY L 50 18.47 -49.33 -32.68
C GLY L 50 17.31 -50.20 -33.14
N ASN L 51 17.21 -51.38 -32.54
CA ASN L 51 16.20 -52.38 -32.91
C ASN L 51 14.84 -52.12 -32.28
N LYS L 52 14.68 -51.04 -31.53
CA LYS L 52 13.38 -50.71 -30.95
C LYS L 52 12.40 -50.30 -32.06
N SER L 53 11.12 -50.57 -31.81
CA SER L 53 10.09 -50.22 -32.77
C SER L 53 10.03 -48.71 -32.96
N PRO L 54 9.74 -48.24 -34.17
CA PRO L 54 9.69 -46.79 -34.41
C PRO L 54 8.56 -46.12 -33.66
N LEU L 55 8.83 -44.92 -33.18
CA LEU L 55 7.84 -44.11 -32.48
C LEU L 55 7.44 -42.94 -33.37
N LEU L 56 6.14 -42.69 -33.46
CA LEU L 56 5.63 -41.57 -34.23
C LEU L 56 5.80 -40.28 -33.43
N LEU L 57 6.40 -39.27 -34.04
CA LEU L 57 6.58 -38.00 -33.36
C LEU L 57 5.48 -37.00 -33.69
N CYS L 58 5.05 -36.95 -34.94
CA CYS L 58 3.95 -36.06 -35.34
C CYS L 58 3.53 -36.38 -36.76
N VAL L 59 2.38 -35.85 -37.14
CA VAL L 59 1.84 -35.98 -38.48
C VAL L 59 1.47 -34.58 -38.98
N LEU L 60 1.95 -34.25 -40.17
CA LEU L 60 1.72 -32.95 -40.79
C LEU L 60 0.87 -33.13 -42.04
N THR L 61 -0.23 -32.39 -42.13
CA THR L 61 -1.14 -32.47 -43.25
C THR L 61 -1.11 -31.18 -44.06
N PRO L 62 -0.84 -31.24 -45.37
CA PRO L 62 -0.76 -30.02 -46.18
C PRO L 62 -2.04 -29.19 -46.08
N ASP L 63 -1.86 -27.88 -45.91
CA ASP L 63 -2.93 -26.89 -45.86
C ASP L 63 -3.85 -27.08 -44.66
N LYS L 64 -3.48 -27.92 -43.70
CA LYS L 64 -4.29 -28.10 -42.50
C LYS L 64 -3.44 -28.00 -41.24
N VAL L 65 -2.47 -28.90 -41.09
CA VAL L 65 -1.51 -28.86 -40.00
C VAL L 65 -0.12 -28.87 -40.65
N ASP L 66 0.38 -27.69 -40.98
CA ASP L 66 1.63 -27.56 -41.73
C ASP L 66 2.87 -27.55 -40.85
N SER L 67 2.71 -27.32 -39.55
CA SER L 67 3.83 -27.40 -38.62
C SER L 67 3.30 -27.67 -37.22
N CYS L 68 4.17 -28.19 -36.36
CA CYS L 68 3.77 -28.43 -34.99
C CYS L 68 4.99 -28.50 -34.08
N GLN L 69 4.74 -28.18 -32.81
CA GLN L 69 5.75 -28.24 -31.77
C GLN L 69 6.09 -29.69 -31.45
N LEU L 70 7.36 -29.94 -31.15
CA LEU L 70 7.80 -31.25 -30.68
C LEU L 70 8.40 -31.16 -29.29
N ASN L 71 9.42 -30.31 -29.10
CA ASN L 71 10.04 -30.08 -27.80
C ASN L 71 10.48 -31.39 -27.17
N LEU L 72 11.26 -32.14 -27.95
CA LEU L 72 11.93 -33.35 -27.50
C LEU L 72 13.39 -33.03 -27.28
N GLU L 73 14.07 -33.85 -26.49
CA GLU L 73 15.50 -33.62 -26.26
C GLU L 73 16.27 -34.91 -26.43
N PHE L 74 17.44 -34.80 -27.01
CA PHE L 74 18.21 -35.95 -27.34
C PHE L 74 19.61 -35.78 -26.90
N GLU L 75 20.18 -36.77 -26.27
CA GLU L 75 21.52 -36.71 -25.81
C GLU L 75 21.97 -38.13 -25.67
N GLU L 76 22.15 -38.82 -26.77
CA GLU L 76 22.28 -40.26 -26.72
C GLU L 76 23.65 -40.77 -27.04
N THR L 77 24.01 -41.95 -26.58
CA THR L 77 25.20 -42.62 -27.09
C THR L 77 24.91 -43.35 -28.38
N ASP L 78 23.68 -43.85 -28.55
CA ASP L 78 23.26 -44.47 -29.78
C ASP L 78 22.90 -43.41 -30.82
N GLU L 79 22.89 -43.82 -32.08
CA GLU L 79 22.44 -42.94 -33.16
C GLU L 79 20.92 -42.87 -33.16
N VAL L 80 20.39 -41.69 -33.46
CA VAL L 80 18.95 -41.48 -33.53
C VAL L 80 18.58 -41.30 -34.99
N ILE L 81 17.66 -42.13 -35.49
CA ILE L 81 17.31 -42.10 -36.90
C ILE L 81 15.90 -41.52 -37.03
N PHE L 82 15.82 -40.33 -37.62
CA PHE L 82 14.55 -39.71 -37.97
C PHE L 82 14.22 -40.09 -39.40
N SER L 83 12.95 -40.39 -39.64
CA SER L 83 12.51 -40.76 -40.97
C SER L 83 11.17 -40.11 -41.24
N VAL L 84 10.86 -39.93 -42.51
CA VAL L 84 9.61 -39.32 -42.95
C VAL L 84 8.92 -40.29 -43.89
N ILE L 85 7.66 -40.59 -43.60
CA ILE L 85 6.84 -41.37 -44.52
C ILE L 85 5.79 -40.42 -45.10
N GLY L 86 5.83 -40.22 -46.41
CA GLY L 86 4.94 -39.28 -47.05
C GLY L 86 5.60 -38.55 -48.21
N PRO L 87 4.80 -37.73 -48.91
CA PRO L 87 5.30 -37.10 -50.15
C PRO L 87 6.12 -35.83 -49.94
N ARG L 88 6.08 -35.19 -48.77
CA ARG L 88 6.74 -33.91 -48.58
C ARG L 88 7.79 -34.00 -47.48
N SER L 89 8.84 -33.19 -47.64
CA SER L 89 9.94 -33.17 -46.68
C SER L 89 9.47 -32.52 -45.39
N VAL L 90 10.28 -32.69 -44.33
CA VAL L 90 10.00 -32.11 -43.04
C VAL L 90 11.24 -31.35 -42.56
N HIS L 91 11.08 -30.06 -42.30
CA HIS L 91 12.14 -29.23 -41.73
C HIS L 91 12.07 -29.36 -40.22
N LEU L 92 13.10 -29.96 -39.64
CA LEU L 92 13.24 -30.05 -38.19
C LEU L 92 14.11 -28.89 -37.75
N THR L 93 13.65 -28.15 -36.74
CA THR L 93 14.42 -27.05 -36.19
C THR L 93 14.42 -27.12 -34.67
N GLY L 94 15.51 -26.63 -34.08
CA GLY L 94 15.71 -26.68 -32.66
C GLY L 94 17.02 -26.02 -32.28
N TYR L 95 17.61 -26.40 -31.16
CA TYR L 95 18.82 -25.75 -30.70
C TYR L 95 19.58 -26.67 -29.76
N PHE L 96 20.89 -26.48 -29.71
CA PHE L 96 21.73 -27.24 -28.79
C PHE L 96 21.69 -26.61 -27.40
N LEU L 97 21.89 -27.45 -26.39
CA LEU L 97 21.80 -27.08 -24.97
C LEU L 97 20.34 -26.81 -24.60
N ALA M 2 2.60 -16.20 -7.19
CA ALA M 2 3.23 -16.27 -8.51
C ALA M 2 2.24 -15.94 -9.61
N PHE M 3 1.00 -16.41 -9.45
CA PHE M 3 -0.01 -16.23 -10.49
C PHE M 3 -0.25 -14.75 -10.79
N TRP M 4 -0.52 -14.46 -12.06
CA TRP M 4 -0.80 -13.11 -12.52
C TRP M 4 -1.85 -13.21 -13.62
N GLY M 5 -2.71 -12.19 -13.70
CA GLY M 5 -3.70 -12.17 -14.76
C GLY M 5 -4.51 -10.88 -14.80
N VAL M 6 -5.00 -10.55 -15.99
CA VAL M 6 -5.81 -9.34 -16.18
C VAL M 6 -6.68 -9.54 -17.41
N GLU M 7 -7.91 -9.01 -17.35
CA GLU M 7 -8.78 -8.96 -18.52
C GLU M 7 -8.62 -7.61 -19.20
N VAL M 8 -8.15 -7.63 -20.44
CA VAL M 8 -8.03 -6.42 -21.25
C VAL M 8 -9.29 -6.26 -22.08
N LYS M 9 -10.01 -5.16 -21.85
CA LYS M 9 -11.29 -4.90 -22.48
C LYS M 9 -11.11 -4.35 -23.90
N PRO M 10 -12.11 -4.55 -24.76
CA PRO M 10 -12.03 -4.03 -26.14
C PRO M 10 -11.87 -2.51 -26.13
N GLY M 11 -10.73 -2.05 -26.62
CA GLY M 11 -10.45 -0.62 -26.66
C GLY M 11 -9.56 -0.16 -25.54
N LYS M 12 -9.82 -0.65 -24.33
CA LYS M 12 -9.03 -0.26 -23.17
C LYS M 12 -7.62 -0.83 -23.28
N THR M 13 -6.73 -0.33 -22.41
CA THR M 13 -5.31 -0.62 -22.47
C THR M 13 -4.83 -1.07 -21.10
N PHE M 14 -3.98 -2.10 -21.06
CA PHE M 14 -3.30 -2.47 -19.83
C PHE M 14 -1.84 -2.09 -19.93
N THR M 15 -1.29 -1.57 -18.82
CA THR M 15 0.10 -1.17 -18.74
C THR M 15 0.77 -2.00 -17.65
N LEU M 16 1.92 -2.58 -17.97
CA LEU M 16 2.65 -3.36 -16.97
C LEU M 16 3.57 -2.43 -16.18
N LYS M 17 3.49 -2.53 -14.86
CA LYS M 17 4.27 -1.67 -13.97
C LYS M 17 5.07 -2.51 -12.98
N ARG M 25 10.28 -7.02 -11.12
CA ARG M 25 9.92 -8.43 -11.30
C ARG M 25 9.90 -8.82 -12.77
N ARG M 26 9.88 -10.11 -13.03
CA ARG M 26 9.86 -10.66 -14.38
C ARG M 26 8.58 -11.47 -14.55
N LEU M 27 7.76 -11.08 -15.51
CA LEU M 27 6.46 -11.70 -15.74
C LEU M 27 6.52 -12.63 -16.93
N HIS M 28 6.03 -13.86 -16.75
CA HIS M 28 5.86 -14.82 -17.83
C HIS M 28 4.40 -14.85 -18.24
N LEU M 29 4.11 -14.31 -19.42
CA LEU M 29 2.77 -14.35 -19.99
C LEU M 29 2.57 -15.67 -20.73
N SER M 30 1.63 -16.48 -20.25
CA SER M 30 1.44 -17.85 -20.72
C SER M 30 0.27 -18.02 -21.66
N GLN M 31 -0.88 -17.42 -21.37
CA GLN M 31 -2.12 -17.83 -22.01
C GLN M 31 -2.99 -16.62 -22.30
N ALA M 32 -3.64 -16.62 -23.46
CA ALA M 32 -4.66 -15.63 -23.80
C ALA M 32 -5.96 -16.36 -24.11
N THR M 33 -7.03 -15.98 -23.42
CA THR M 33 -8.32 -16.64 -23.56
C THR M 33 -9.38 -15.61 -23.90
N LEU M 34 -10.21 -15.92 -24.90
CA LEU M 34 -11.25 -15.00 -25.31
C LEU M 34 -12.33 -14.88 -24.23
N GLY M 35 -12.78 -13.65 -23.97
CA GLY M 35 -13.77 -13.41 -22.95
C GLY M 35 -15.19 -13.54 -23.49
N HIS M 36 -16.14 -13.37 -22.59
CA HIS M 36 -17.55 -13.54 -22.95
C HIS M 36 -18.03 -12.41 -23.87
N THR M 38 -20.70 -12.77 -27.70
CA THR M 38 -21.46 -13.35 -28.81
C THR M 38 -20.88 -12.91 -30.15
N ALA M 39 -20.11 -11.84 -30.12
CA ALA M 39 -19.49 -11.33 -31.35
C ALA M 39 -18.60 -12.40 -31.97
N THR M 40 -18.70 -12.52 -33.30
CA THR M 40 -17.94 -13.53 -34.04
C THR M 40 -16.67 -13.00 -34.67
N ASN M 41 -16.47 -11.68 -34.66
CA ASN M 41 -15.25 -11.13 -35.22
C ASN M 41 -14.06 -11.44 -34.33
N ARG M 42 -12.88 -11.50 -34.93
CA ARG M 42 -11.69 -11.89 -34.19
C ARG M 42 -11.23 -10.76 -33.26
N SER M 43 -10.47 -11.14 -32.25
CA SER M 43 -9.80 -10.20 -31.37
C SER M 43 -8.30 -10.39 -31.49
N ILE M 44 -7.56 -9.30 -31.58
CA ILE M 44 -6.12 -9.31 -31.76
C ILE M 44 -5.49 -8.70 -30.52
N LEU M 45 -4.46 -9.38 -29.99
CA LEU M 45 -3.70 -8.88 -28.87
C LEU M 45 -2.45 -8.18 -29.40
N GLN M 46 -2.23 -6.96 -28.95
CA GLN M 46 -1.18 -6.11 -29.48
C GLN M 46 -0.29 -5.64 -28.35
N CYS M 47 0.97 -5.37 -28.68
CA CYS M 47 1.99 -5.06 -27.69
C CYS M 47 2.77 -3.85 -28.17
N ASN M 48 2.95 -2.87 -27.29
CA ASN M 48 3.71 -1.66 -27.58
C ASN M 48 4.80 -1.47 -26.54
N VAL M 49 6.01 -1.17 -27.02
CA VAL M 49 7.11 -0.71 -26.17
C VAL M 49 7.53 0.70 -26.54
N GLY M 50 7.84 0.94 -27.81
CA GLY M 50 8.22 2.25 -28.29
C GLY M 50 8.81 2.23 -29.69
N SER M 53 6.17 1.14 -32.69
CA SER M 53 5.28 0.42 -33.58
C SER M 53 4.79 -0.87 -32.92
N PRO M 54 3.50 -1.17 -33.09
CA PRO M 54 2.90 -2.31 -32.38
C PRO M 54 3.27 -3.65 -33.01
N LEU M 55 3.46 -4.64 -32.14
CA LEU M 55 3.72 -6.02 -32.55
C LEU M 55 2.52 -6.87 -32.18
N LEU M 56 2.10 -7.72 -33.11
CA LEU M 56 0.98 -8.62 -32.88
C LEU M 56 1.42 -9.80 -32.03
N LEU M 57 0.70 -10.09 -30.95
CA LEU M 57 1.00 -11.21 -30.09
C LEU M 57 0.20 -12.46 -30.41
N CYS M 58 -1.09 -12.33 -30.73
CA CYS M 58 -1.90 -13.46 -31.12
C CYS M 58 -3.24 -12.96 -31.65
N VAL M 59 -3.96 -13.86 -32.31
CA VAL M 59 -5.29 -13.62 -32.85
C VAL M 59 -6.22 -14.72 -32.34
N LEU M 60 -7.33 -14.33 -31.74
CA LEU M 60 -8.32 -15.26 -31.22
C LEU M 60 -9.59 -15.13 -32.04
N THR M 61 -10.08 -16.26 -32.55
CA THR M 61 -11.29 -16.29 -33.35
C THR M 61 -12.37 -17.03 -32.57
N PRO M 62 -13.51 -16.40 -32.30
CA PRO M 62 -14.57 -17.09 -31.55
C PRO M 62 -14.97 -18.40 -32.21
N ASP M 63 -15.13 -19.44 -31.38
CA ASP M 63 -15.56 -20.77 -31.79
C ASP M 63 -14.59 -21.45 -32.74
N LYS M 64 -13.38 -20.92 -32.90
CA LYS M 64 -12.35 -21.55 -33.73
C LYS M 64 -11.04 -21.61 -32.95
N VAL M 65 -10.52 -20.46 -32.58
CA VAL M 65 -9.33 -20.35 -31.74
C VAL M 65 -9.73 -19.48 -30.55
N ASP M 66 -10.27 -20.11 -29.50
CA ASP M 66 -10.79 -19.39 -28.35
C ASP M 66 -9.73 -19.07 -27.31
N SER M 67 -8.58 -19.73 -27.37
CA SER M 67 -7.46 -19.44 -26.50
C SER M 67 -6.19 -19.91 -27.18
N CYS M 68 -5.06 -19.35 -26.73
CA CYS M 68 -3.78 -19.80 -27.28
C CYS M 68 -2.63 -19.49 -26.32
N GLN M 69 -1.59 -20.30 -26.43
CA GLN M 69 -0.35 -20.12 -25.68
C GLN M 69 0.42 -18.92 -26.21
N LEU M 70 1.07 -18.21 -25.30
CA LEU M 70 1.96 -17.11 -25.66
C LEU M 70 3.38 -17.39 -25.21
N ASN M 71 3.61 -17.52 -23.90
CA ASN M 71 4.94 -17.83 -23.34
C ASN M 71 5.94 -16.75 -23.72
N LEU M 72 5.57 -15.49 -23.44
CA LEU M 72 6.45 -14.35 -23.55
C LEU M 72 6.95 -13.96 -22.16
N GLU M 73 8.04 -13.22 -22.10
CA GLU M 73 8.54 -12.75 -20.81
C GLU M 73 8.86 -11.27 -20.87
N PHE M 74 8.42 -10.55 -19.85
CA PHE M 74 8.59 -9.11 -19.76
C PHE M 74 9.23 -8.75 -18.42
N GLU M 75 9.77 -7.55 -18.37
CA GLU M 75 10.33 -6.99 -17.14
C GLU M 75 9.68 -5.63 -16.94
N GLU M 76 9.29 -5.34 -15.70
CA GLU M 76 8.55 -4.11 -15.41
C GLU M 76 9.25 -2.87 -15.96
N THR M 77 10.54 -2.97 -16.23
CA THR M 77 11.30 -1.87 -16.83
C THR M 77 11.10 -1.76 -18.33
N ASP M 78 10.53 -2.79 -18.98
CA ASP M 78 10.34 -2.73 -20.43
C ASP M 78 9.26 -1.74 -20.83
N GLU M 79 8.40 -1.33 -19.89
CA GLU M 79 7.33 -0.36 -20.15
C GLU M 79 6.42 -0.84 -21.27
N VAL M 80 5.54 -1.79 -20.97
CA VAL M 80 4.82 -2.56 -21.99
C VAL M 80 3.34 -2.26 -21.90
N ILE M 81 2.75 -1.85 -23.03
CA ILE M 81 1.34 -1.52 -23.13
C ILE M 81 0.68 -2.59 -23.99
N PHE M 82 -0.20 -3.38 -23.37
CA PHE M 82 -1.02 -4.36 -24.07
C PHE M 82 -2.35 -3.74 -24.45
N SER M 83 -2.81 -4.04 -25.65
CA SER M 83 -4.09 -3.53 -26.13
C SER M 83 -4.81 -4.64 -26.89
N VAL M 84 -6.13 -4.51 -26.98
CA VAL M 84 -6.97 -5.48 -27.66
C VAL M 84 -7.75 -4.75 -28.74
N ILE M 85 -7.65 -5.25 -29.97
CA ILE M 85 -8.43 -4.74 -31.09
C ILE M 85 -9.45 -5.81 -31.46
N GLY M 86 -10.72 -5.49 -31.30
CA GLY M 86 -11.77 -6.46 -31.53
C GLY M 86 -12.93 -6.29 -30.57
N PRO M 87 -13.99 -7.08 -30.77
CA PRO M 87 -15.22 -6.86 -30.01
C PRO M 87 -15.24 -7.49 -28.63
N ARG M 88 -14.37 -8.46 -28.34
CA ARG M 88 -14.41 -9.19 -27.09
C ARG M 88 -13.09 -9.04 -26.35
N SER M 89 -13.16 -9.06 -25.02
CA SER M 89 -11.99 -8.88 -24.18
C SER M 89 -11.07 -10.09 -24.28
N VAL M 90 -9.85 -9.93 -23.77
CA VAL M 90 -8.88 -11.01 -23.74
C VAL M 90 -8.36 -11.15 -22.32
N HIS M 91 -8.49 -12.35 -21.74
CA HIS M 91 -7.95 -12.66 -20.43
C HIS M 91 -6.51 -13.12 -20.62
N LEU M 92 -5.56 -12.33 -20.12
CA LEU M 92 -4.17 -12.71 -20.10
C LEU M 92 -3.85 -13.35 -18.76
N THR M 93 -3.21 -14.52 -18.79
CA THR M 93 -2.81 -15.20 -17.58
C THR M 93 -1.36 -15.66 -17.71
N GLY M 94 -0.69 -15.71 -16.57
CA GLY M 94 0.72 -16.05 -16.52
C GLY M 94 1.22 -16.05 -15.08
N TYR M 95 2.53 -15.83 -14.89
CA TYR M 95 3.09 -15.91 -13.56
C TYR M 95 4.39 -15.13 -13.50
N PHE M 96 4.73 -14.66 -12.29
CA PHE M 96 6.00 -13.99 -12.06
C PHE M 96 7.11 -15.01 -11.85
N LEU M 97 8.33 -14.60 -12.20
CA LEU M 97 9.55 -15.42 -12.15
C LEU M 97 9.61 -16.35 -13.35
N ALA N 2 6.75 -33.73 -9.19
CA ALA N 2 5.80 -34.80 -8.91
C ALA N 2 4.44 -34.51 -9.54
N PHE N 3 3.84 -35.55 -10.11
CA PHE N 3 2.57 -35.43 -10.82
C PHE N 3 1.47 -34.88 -9.92
N TRP N 4 0.58 -34.07 -10.51
CA TRP N 4 -0.57 -33.52 -9.82
C TRP N 4 -1.74 -33.47 -10.78
N GLY N 5 -2.94 -33.68 -10.26
CA GLY N 5 -4.11 -33.60 -11.10
C GLY N 5 -5.43 -33.75 -10.36
N VAL N 6 -6.48 -33.17 -10.92
CA VAL N 6 -7.82 -33.26 -10.33
C VAL N 6 -8.85 -33.09 -11.42
N GLU N 7 -9.95 -33.82 -11.31
CA GLU N 7 -11.10 -33.62 -12.19
C GLU N 7 -12.05 -32.63 -11.54
N VAL N 8 -12.25 -31.49 -12.19
CA VAL N 8 -13.18 -30.47 -11.71
C VAL N 8 -14.52 -30.73 -12.39
N LYS N 9 -15.49 -31.21 -11.61
CA LYS N 9 -16.79 -31.57 -12.13
C LYS N 9 -17.58 -30.33 -12.55
N PRO N 10 -18.58 -30.49 -13.39
CA PRO N 10 -19.39 -29.34 -13.80
C PRO N 10 -20.11 -28.73 -12.60
N GLY N 11 -19.95 -27.41 -12.45
CA GLY N 11 -20.58 -26.72 -11.35
C GLY N 11 -19.95 -26.94 -9.99
N LYS N 12 -18.73 -27.48 -9.94
CA LYS N 12 -18.02 -27.71 -8.69
C LYS N 12 -16.77 -26.83 -8.65
N THR N 13 -16.04 -26.93 -7.54
CA THR N 13 -14.87 -26.09 -7.31
C THR N 13 -13.74 -26.95 -6.77
N PHE N 14 -12.53 -26.74 -7.25
CA PHE N 14 -11.35 -27.27 -6.60
C PHE N 14 -10.58 -26.11 -5.99
N THR N 15 -10.03 -26.30 -4.80
CA THR N 15 -9.26 -25.26 -4.14
C THR N 15 -7.84 -25.75 -3.93
N LEU N 16 -6.88 -24.97 -4.43
CA LEU N 16 -5.46 -25.20 -4.22
C LEU N 16 -5.03 -24.40 -2.99
N LYS N 17 -4.64 -25.12 -1.94
CA LYS N 17 -4.11 -24.56 -0.71
C LYS N 17 -2.59 -24.72 -0.67
N ASN N 18 -1.96 -23.98 0.25
CA ASN N 18 -0.52 -24.01 0.43
C ASN N 18 -0.21 -24.04 1.93
N ASN N 19 -0.46 -25.20 2.55
CA ASN N 19 -0.18 -25.38 3.97
C ASN N 19 0.69 -26.60 4.27
N GLU N 20 0.91 -27.49 3.30
CA GLU N 20 1.68 -28.70 3.55
C GLU N 20 3.18 -28.45 3.39
N ILE N 24 5.36 -25.02 1.55
CA ILE N 24 4.98 -24.16 0.44
C ILE N 24 5.55 -24.73 -0.87
N ARG N 25 4.66 -25.03 -1.82
CA ARG N 25 5.05 -25.66 -3.07
C ARG N 25 4.59 -24.83 -4.25
N ARG N 26 5.30 -24.97 -5.36
CA ARG N 26 5.00 -24.25 -6.60
C ARG N 26 4.45 -25.27 -7.60
N LEU N 27 3.17 -25.12 -7.95
CA LEU N 27 2.49 -26.05 -8.85
C LEU N 27 2.54 -25.53 -10.27
N HIS N 28 2.96 -26.37 -11.21
CA HIS N 28 2.89 -26.05 -12.63
C HIS N 28 1.67 -26.74 -13.21
N LEU N 29 0.66 -25.96 -13.55
CA LEU N 29 -0.54 -26.46 -14.21
C LEU N 29 -0.27 -26.50 -15.71
N SER N 30 -0.31 -27.70 -16.27
CA SER N 30 0.13 -27.94 -17.64
C SER N 30 -1.03 -28.06 -18.62
N GLN N 31 -2.07 -28.82 -18.27
CA GLN N 31 -3.01 -29.29 -19.27
C GLN N 31 -4.43 -29.28 -18.73
N ALA N 32 -5.38 -28.91 -19.58
CA ALA N 32 -6.80 -29.05 -19.28
C ALA N 32 -7.42 -29.92 -20.37
N THR N 33 -8.08 -31.00 -19.96
CA THR N 33 -8.66 -31.96 -20.89
C THR N 33 -10.15 -32.13 -20.61
N LEU N 34 -10.96 -32.14 -21.66
CA LEU N 34 -12.39 -32.28 -21.48
C LEU N 34 -12.73 -33.69 -20.99
N GLY N 35 -13.66 -33.77 -20.04
CA GLY N 35 -14.05 -35.04 -19.46
C GLY N 35 -15.11 -35.75 -20.28
N HIS N 36 -15.48 -36.93 -19.82
CA HIS N 36 -16.43 -37.76 -20.56
C HIS N 36 -17.83 -37.15 -20.53
N GLY N 37 -18.57 -37.39 -21.62
CA GLY N 37 -19.91 -36.88 -21.73
C GLY N 37 -20.35 -36.83 -23.18
N THR N 38 -21.66 -36.63 -23.36
CA THR N 38 -22.26 -36.52 -24.68
C THR N 38 -22.69 -35.10 -25.03
N ALA N 39 -22.72 -34.20 -24.06
CA ALA N 39 -23.10 -32.81 -24.29
C ALA N 39 -22.14 -32.12 -25.25
N THR N 40 -22.71 -31.30 -26.14
CA THR N 40 -21.93 -30.59 -27.15
C THR N 40 -21.58 -29.17 -26.76
N ASN N 41 -22.17 -28.64 -25.68
CA ASN N 41 -21.85 -27.29 -25.26
C ASN N 41 -20.43 -27.21 -24.70
N ARG N 42 -19.84 -26.02 -24.79
CA ARG N 42 -18.47 -25.82 -24.37
C ARG N 42 -18.36 -25.79 -22.85
N SER N 43 -17.15 -26.07 -22.36
CA SER N 43 -16.83 -25.92 -20.94
C SER N 43 -15.69 -24.92 -20.80
N ILE N 44 -15.83 -24.03 -19.82
CA ILE N 44 -14.86 -22.96 -19.58
C ILE N 44 -14.21 -23.19 -18.23
N LEU N 45 -12.89 -23.08 -18.18
CA LEU N 45 -12.14 -23.19 -16.94
C LEU N 45 -11.86 -21.80 -16.37
N GLN N 46 -12.17 -21.61 -15.09
CA GLN N 46 -12.14 -20.30 -14.44
C GLN N 46 -11.29 -20.37 -13.19
N CYS N 47 -10.68 -19.23 -12.84
CA CYS N 47 -9.73 -19.16 -11.73
C CYS N 47 -9.98 -17.91 -10.90
N ASN N 48 -10.04 -18.08 -9.58
CA ASN N 48 -10.23 -16.99 -8.62
C ASN N 48 -9.12 -17.03 -7.59
N VAL N 49 -8.48 -15.90 -7.34
CA VAL N 49 -7.57 -15.76 -6.20
C VAL N 49 -8.25 -14.80 -5.24
N GLY N 50 -8.95 -15.36 -4.25
CA GLY N 50 -9.75 -14.56 -3.35
C GLY N 50 -11.06 -14.14 -3.99
N ASN N 51 -11.68 -13.14 -3.37
CA ASN N 51 -12.94 -12.60 -3.89
C ASN N 51 -12.75 -11.76 -5.15
N LYS N 52 -11.58 -11.82 -5.78
CA LYS N 52 -11.34 -11.07 -7.01
C LYS N 52 -12.19 -11.62 -8.15
N SER N 53 -12.32 -10.82 -9.20
CA SER N 53 -13.13 -11.22 -10.34
C SER N 53 -12.50 -12.42 -11.04
N PRO N 54 -13.31 -13.38 -11.49
CA PRO N 54 -12.75 -14.60 -12.08
C PRO N 54 -12.12 -14.34 -13.45
N LEU N 55 -11.02 -15.04 -13.71
CA LEU N 55 -10.30 -14.97 -14.97
C LEU N 55 -10.47 -16.27 -15.73
N LEU N 56 -10.72 -16.17 -17.04
CA LEU N 56 -10.86 -17.35 -17.87
C LEU N 56 -9.48 -17.92 -18.20
N LEU N 57 -9.31 -19.22 -17.98
CA LEU N 57 -8.05 -19.89 -18.25
C LEU N 57 -8.05 -20.57 -19.63
N CYS N 58 -9.15 -21.19 -20.02
CA CYS N 58 -9.26 -21.81 -21.32
C CYS N 58 -10.71 -22.18 -21.57
N VAL N 59 -11.00 -22.50 -22.84
CA VAL N 59 -12.31 -22.95 -23.28
C VAL N 59 -12.12 -24.24 -24.06
N LEU N 60 -12.84 -25.28 -23.68
CA LEU N 60 -12.77 -26.57 -24.34
C LEU N 60 -14.12 -26.81 -25.02
N THR N 61 -14.08 -27.08 -26.32
CA THR N 61 -15.28 -27.32 -27.10
C THR N 61 -15.30 -28.77 -27.56
N PRO N 62 -16.33 -29.54 -27.22
CA PRO N 62 -16.37 -30.96 -27.59
C PRO N 62 -16.18 -31.18 -29.08
N ASP N 63 -15.37 -32.18 -29.41
CA ASP N 63 -15.08 -32.65 -30.78
C ASP N 63 -14.36 -31.60 -31.62
N LYS N 64 -13.87 -30.52 -31.01
CA LYS N 64 -13.11 -29.51 -31.72
C LYS N 64 -11.83 -29.19 -30.96
N VAL N 65 -11.97 -28.71 -29.73
CA VAL N 65 -10.85 -28.43 -28.84
C VAL N 65 -11.13 -29.21 -27.56
N ASP N 66 -10.67 -30.46 -27.52
CA ASP N 66 -10.96 -31.35 -26.40
C ASP N 66 -9.97 -31.22 -25.26
N SER N 67 -8.80 -30.63 -25.52
CA SER N 67 -7.82 -30.35 -24.48
C SER N 67 -6.92 -29.24 -24.98
N CYS N 68 -6.26 -28.57 -24.04
CA CYS N 68 -5.33 -27.52 -24.42
C CYS N 68 -4.30 -27.28 -23.31
N GLN N 69 -3.15 -26.79 -23.74
CA GLN N 69 -2.05 -26.43 -22.85
C GLN N 69 -2.40 -25.17 -22.05
N LEU N 70 -1.93 -25.13 -20.81
CA LEU N 70 -2.07 -23.95 -19.98
C LEU N 70 -0.71 -23.38 -19.58
N ASN N 71 0.12 -24.16 -18.90
CA ASN N 71 1.45 -23.73 -18.48
C ASN N 71 1.39 -22.51 -17.57
N LEU N 72 0.50 -22.58 -16.59
CA LEU N 72 0.43 -21.59 -15.52
C LEU N 72 1.18 -22.13 -14.31
N GLU N 73 1.58 -21.22 -13.43
CA GLU N 73 2.26 -21.62 -12.21
C GLU N 73 1.67 -20.89 -11.02
N PHE N 74 1.47 -21.63 -9.93
CA PHE N 74 0.82 -21.07 -8.74
C PHE N 74 1.59 -21.35 -7.45
N GLU N 75 1.94 -20.30 -6.75
CA GLU N 75 2.61 -20.35 -5.50
C GLU N 75 2.10 -19.22 -4.60
N GLU N 76 0.86 -19.34 -4.16
CA GLU N 76 0.16 -18.22 -3.55
C GLU N 76 0.03 -18.43 -2.04
N THR N 77 0.00 -17.33 -1.30
CA THR N 77 -0.40 -17.39 0.09
C THR N 77 -1.90 -17.62 0.21
N ASP N 78 -2.68 -16.98 -0.66
CA ASP N 78 -4.13 -17.15 -0.68
C ASP N 78 -4.51 -18.45 -1.38
N GLU N 79 -5.75 -18.88 -1.15
CA GLU N 79 -6.29 -20.04 -1.82
C GLU N 79 -6.59 -19.73 -3.28
N VAL N 80 -6.45 -20.73 -4.14
CA VAL N 80 -6.78 -20.60 -5.55
C VAL N 80 -8.00 -21.45 -5.83
N ILE N 81 -9.05 -20.85 -6.37
CA ILE N 81 -10.32 -21.55 -6.59
C ILE N 81 -10.51 -21.73 -8.10
N PHE N 82 -10.44 -22.98 -8.54
CA PHE N 82 -10.74 -23.36 -9.92
C PHE N 82 -12.21 -23.77 -10.01
N SER N 83 -12.88 -23.32 -11.07
CA SER N 83 -14.27 -23.66 -11.29
C SER N 83 -14.49 -23.95 -12.77
N VAL N 84 -15.55 -24.70 -13.05
CA VAL N 84 -15.90 -25.11 -14.41
C VAL N 84 -17.31 -24.66 -14.71
N ILE N 85 -17.48 -23.94 -15.82
CA ILE N 85 -18.79 -23.55 -16.30
C ILE N 85 -19.08 -24.35 -17.57
N GLY N 86 -20.12 -25.19 -17.52
CA GLY N 86 -20.42 -26.05 -18.63
C GLY N 86 -20.94 -27.40 -18.22
N PRO N 87 -21.33 -28.23 -19.20
CA PRO N 87 -21.96 -29.51 -18.88
C PRO N 87 -20.97 -30.63 -18.57
N ARG N 88 -19.70 -30.49 -18.95
CA ARG N 88 -18.72 -31.54 -18.81
C ARG N 88 -17.55 -31.09 -17.94
N SER N 89 -16.97 -32.05 -17.23
CA SER N 89 -15.89 -31.78 -16.30
C SER N 89 -14.61 -31.41 -17.05
N VAL N 90 -13.63 -30.91 -16.30
CA VAL N 90 -12.32 -30.58 -16.85
C VAL N 90 -11.26 -31.26 -16.00
N HIS N 91 -10.43 -32.10 -16.62
CA HIS N 91 -9.31 -32.74 -15.94
C HIS N 91 -8.12 -31.81 -16.02
N LEU N 92 -7.68 -31.31 -14.87
CA LEU N 92 -6.48 -30.49 -14.75
C LEU N 92 -5.31 -31.39 -14.40
N THR N 93 -4.21 -31.24 -15.14
CA THR N 93 -3.00 -32.01 -14.86
C THR N 93 -1.78 -31.11 -14.91
N GLY N 94 -0.78 -31.47 -14.12
CA GLY N 94 0.44 -30.69 -14.03
C GLY N 94 1.42 -31.35 -13.09
N TYR N 95 2.33 -30.55 -12.53
CA TYR N 95 3.36 -31.12 -11.68
C TYR N 95 3.90 -30.04 -10.75
N PHE N 96 4.40 -30.47 -9.60
CA PHE N 96 5.00 -29.54 -8.66
C PHE N 96 6.46 -29.25 -9.04
N LEU N 97 6.91 -28.05 -8.68
CA LEU N 97 8.23 -27.49 -8.99
C LEU N 97 8.25 -27.01 -10.43
N ALA O 2 18.71 -39.37 -22.98
CA ALA O 2 17.70 -38.41 -22.56
C ALA O 2 16.34 -38.77 -23.15
N PHE O 3 16.32 -39.06 -24.45
CA PHE O 3 15.07 -39.34 -25.14
C PHE O 3 14.35 -40.52 -24.51
N TRP O 4 13.02 -40.46 -24.51
CA TRP O 4 12.17 -41.50 -23.97
C TRP O 4 10.91 -41.58 -24.81
N GLY O 5 10.39 -42.80 -24.96
CA GLY O 5 9.14 -42.98 -25.68
C GLY O 5 8.60 -44.39 -25.64
N VAL O 6 7.28 -44.51 -25.75
CA VAL O 6 6.62 -45.82 -25.75
C VAL O 6 5.31 -45.69 -26.50
N GLU O 7 4.93 -46.74 -27.22
CA GLU O 7 3.61 -46.84 -27.83
C GLU O 7 2.68 -47.55 -26.86
N VAL O 8 1.64 -46.86 -26.42
CA VAL O 8 0.61 -47.45 -25.57
C VAL O 8 -0.48 -47.97 -26.48
N LYS O 9 -0.64 -49.30 -26.51
CA LYS O 9 -1.58 -49.99 -27.38
C LYS O 9 -3.01 -49.81 -26.89
N PRO O 10 -4.00 -49.81 -27.81
CA PRO O 10 -5.39 -49.54 -27.42
C PRO O 10 -5.91 -50.46 -26.32
N GLY O 11 -5.26 -51.61 -26.12
CA GLY O 11 -5.75 -52.57 -25.16
C GLY O 11 -4.76 -53.01 -24.12
N LYS O 12 -3.72 -52.21 -23.87
CA LYS O 12 -2.70 -52.56 -22.88
C LYS O 12 -2.33 -51.33 -22.08
N THR O 13 -2.04 -51.56 -20.80
CA THR O 13 -1.59 -50.51 -19.90
C THR O 13 -0.06 -50.53 -19.87
N PHE O 14 0.54 -49.33 -19.88
CA PHE O 14 1.97 -49.21 -19.69
C PHE O 14 2.25 -48.64 -18.30
N THR O 15 3.27 -49.16 -17.64
CA THR O 15 3.65 -48.70 -16.32
C THR O 15 5.04 -48.09 -16.39
N LEU O 16 5.17 -46.86 -15.89
CA LEU O 16 6.46 -46.17 -15.86
C LEU O 16 7.44 -46.89 -14.95
N LYS O 17 8.34 -47.68 -15.55
CA LYS O 17 9.36 -48.41 -14.82
C LYS O 17 10.38 -49.01 -15.79
N ASN O 19 13.79 -47.10 -16.97
CA ASN O 19 14.14 -45.73 -16.57
C ASN O 19 15.52 -45.35 -17.08
N GLU O 20 16.22 -44.53 -16.30
CA GLU O 20 17.53 -43.97 -16.65
C GLU O 20 18.48 -44.97 -17.31
N ILE O 24 17.82 -37.25 -13.48
CA ILE O 24 17.85 -38.34 -14.44
C ILE O 24 16.73 -39.33 -14.16
N ARG O 25 16.06 -39.14 -13.02
CA ARG O 25 14.88 -39.93 -12.69
C ARG O 25 13.59 -39.23 -13.08
N ARG O 26 13.64 -37.92 -13.34
CA ARG O 26 12.45 -37.13 -13.63
C ARG O 26 12.18 -37.16 -15.12
N LEU O 27 11.03 -37.70 -15.51
CA LEU O 27 10.65 -37.83 -16.91
C LEU O 27 9.79 -36.65 -17.33
N HIS O 28 10.15 -36.01 -18.44
CA HIS O 28 9.33 -34.96 -19.04
C HIS O 28 8.59 -35.56 -20.23
N LEU O 29 7.28 -35.73 -20.08
CA LEU O 29 6.41 -36.21 -21.15
C LEU O 29 6.01 -35.03 -22.02
N SER O 30 6.41 -35.05 -23.29
CA SER O 30 6.29 -33.92 -24.19
C SER O 30 5.15 -34.03 -25.19
N GLN O 31 4.97 -35.19 -25.81
CA GLN O 31 4.16 -35.28 -27.02
C GLN O 31 3.36 -36.58 -27.02
N ALA O 32 2.11 -36.50 -27.46
CA ALA O 32 1.29 -37.67 -27.72
C ALA O 32 0.84 -37.64 -29.17
N THR O 33 1.10 -38.73 -29.89
CA THR O 33 0.79 -38.79 -31.32
C THR O 33 -0.08 -40.00 -31.58
N LEU O 34 -1.13 -39.82 -32.37
CA LEU O 34 -2.02 -40.94 -32.68
C LEU O 34 -1.29 -41.94 -33.58
N GLY O 35 -1.48 -43.22 -33.29
CA GLY O 35 -0.80 -44.27 -34.02
C GLY O 35 -1.55 -44.67 -35.29
N HIS O 36 -0.95 -45.61 -36.01
CA HIS O 36 -1.52 -46.03 -37.29
C HIS O 36 -2.82 -46.79 -37.06
N GLY O 37 -3.74 -46.64 -38.01
CA GLY O 37 -5.01 -47.33 -37.92
C GLY O 37 -5.98 -46.80 -38.94
N THR O 38 -7.12 -47.49 -39.04
CA THR O 38 -8.17 -47.15 -39.97
C THR O 38 -9.40 -46.55 -39.31
N ALA O 39 -9.56 -46.73 -38.01
CA ALA O 39 -10.71 -46.22 -37.26
C ALA O 39 -10.68 -44.70 -37.16
N THR O 40 -11.84 -44.08 -37.26
CA THR O 40 -11.96 -42.63 -37.22
C THR O 40 -12.37 -42.06 -35.87
N ASN O 41 -12.81 -42.89 -34.93
CA ASN O 41 -13.21 -42.39 -33.61
C ASN O 41 -11.98 -42.00 -32.79
N ARG O 42 -12.21 -41.14 -31.80
CA ARG O 42 -11.15 -40.56 -30.99
C ARG O 42 -10.53 -41.58 -30.03
N SER O 43 -9.31 -41.28 -29.61
CA SER O 43 -8.60 -42.01 -28.56
C SER O 43 -8.28 -41.07 -27.41
N ILE O 44 -8.46 -41.53 -26.19
CA ILE O 44 -8.22 -40.73 -24.99
C ILE O 44 -7.08 -41.36 -24.20
N LEU O 45 -6.12 -40.53 -23.80
CA LEU O 45 -5.00 -40.97 -22.97
C LEU O 45 -5.30 -40.69 -21.50
N GLN O 46 -5.14 -41.73 -20.67
CA GLN O 46 -5.58 -41.71 -19.29
C GLN O 46 -4.41 -42.12 -18.39
N CYS O 47 -4.42 -41.61 -17.16
CA CYS O 47 -3.28 -41.79 -16.25
C CYS O 47 -3.77 -42.11 -14.84
N ASN O 48 -3.15 -43.11 -14.21
CA ASN O 48 -3.45 -43.51 -12.85
C ASN O 48 -2.18 -43.46 -12.02
N VAL O 49 -2.26 -42.89 -10.82
CA VAL O 49 -1.09 -42.85 -9.92
C VAL O 49 -1.51 -43.46 -8.59
N GLY O 50 -1.25 -44.76 -8.43
CA GLY O 50 -1.61 -45.44 -7.19
C GLY O 50 -3.08 -45.78 -7.12
N ASN O 51 -3.72 -45.43 -6.00
CA ASN O 51 -5.15 -45.79 -5.78
C ASN O 51 -6.03 -44.73 -6.39
N LYS O 52 -5.46 -43.56 -6.67
CA LYS O 52 -6.29 -42.45 -7.16
C LYS O 52 -7.08 -42.89 -8.39
N SER O 53 -8.19 -42.24 -8.65
CA SER O 53 -8.99 -42.54 -9.86
C SER O 53 -8.27 -41.99 -11.08
N PRO O 54 -8.67 -42.37 -12.30
CA PRO O 54 -7.93 -41.96 -13.47
C PRO O 54 -8.13 -40.49 -13.86
N LEU O 55 -7.09 -39.89 -14.39
CA LEU O 55 -7.20 -38.51 -14.88
C LEU O 55 -6.95 -38.52 -16.38
N LEU O 56 -7.76 -37.79 -17.15
CA LEU O 56 -7.61 -37.71 -18.61
C LEU O 56 -6.47 -36.75 -18.94
N LEU O 57 -5.59 -37.12 -19.86
CA LEU O 57 -4.40 -36.29 -20.15
C LEU O 57 -4.54 -35.62 -21.51
N CYS O 58 -5.19 -36.28 -22.45
CA CYS O 58 -5.43 -35.68 -23.79
C CYS O 58 -6.40 -36.53 -24.59
N VAL O 59 -6.96 -35.94 -25.63
CA VAL O 59 -7.93 -36.65 -26.50
C VAL O 59 -7.40 -36.47 -27.92
N LEU O 60 -7.15 -37.57 -28.62
CA LEU O 60 -6.57 -37.43 -29.98
C LEU O 60 -7.64 -37.91 -30.97
N THR O 61 -7.86 -37.14 -32.04
CA THR O 61 -8.95 -37.45 -32.98
C THR O 61 -8.39 -37.69 -34.37
N PRO O 62 -8.56 -38.90 -34.91
CA PRO O 62 -8.05 -39.22 -36.24
C PRO O 62 -8.53 -38.11 -37.18
N ASP O 63 -7.60 -37.55 -37.93
CA ASP O 63 -7.96 -36.50 -38.91
C ASP O 63 -8.61 -35.36 -38.14
N LYS O 64 -7.79 -34.52 -37.49
CA LYS O 64 -8.27 -33.37 -36.67
C LYS O 64 -7.13 -33.04 -35.71
N VAL O 65 -7.00 -33.83 -34.64
CA VAL O 65 -5.86 -33.68 -33.71
C VAL O 65 -5.16 -35.03 -33.65
N ASP O 66 -4.04 -35.13 -34.36
CA ASP O 66 -3.31 -36.42 -34.46
C ASP O 66 -2.13 -36.39 -33.51
N SER O 67 -1.83 -35.20 -32.97
CA SER O 67 -0.71 -35.05 -32.03
C SER O 67 -1.07 -33.93 -31.06
N CYS O 68 -0.76 -34.09 -29.78
CA CYS O 68 -1.04 -33.05 -28.76
C CYS O 68 0.16 -32.88 -27.83
N GLN O 69 0.53 -31.63 -27.58
CA GLN O 69 1.63 -31.34 -26.63
C GLN O 69 1.07 -31.61 -25.23
N LEU O 70 1.91 -32.06 -24.31
CA LEU O 70 1.42 -32.43 -22.95
C LEU O 70 2.22 -31.70 -21.86
N ASN O 71 3.52 -31.57 -22.00
CA ASN O 71 4.41 -30.90 -21.00
C ASN O 71 4.10 -31.36 -19.56
N LEU O 72 4.14 -32.66 -19.29
CA LEU O 72 3.91 -33.22 -17.94
C LEU O 72 5.23 -33.83 -17.43
N GLU O 73 5.48 -33.77 -16.12
CA GLU O 73 6.74 -34.29 -15.53
C GLU O 73 6.41 -35.34 -14.47
N PHE O 74 7.18 -36.41 -14.41
CA PHE O 74 6.90 -37.51 -13.47
C PHE O 74 8.16 -37.93 -12.71
N GLU O 75 8.02 -38.19 -11.42
CA GLU O 75 9.14 -38.58 -10.51
C GLU O 75 8.42 -39.15 -9.32
N GLU O 76 7.69 -40.24 -9.51
CA GLU O 76 6.83 -40.74 -8.42
C GLU O 76 7.38 -41.99 -7.75
N THR O 77 6.61 -42.48 -6.79
CA THR O 77 6.94 -43.76 -6.16
C THR O 77 5.69 -44.62 -6.22
N ASP O 78 4.53 -43.99 -6.29
CA ASP O 78 3.26 -44.74 -6.18
C ASP O 78 2.94 -45.48 -7.47
N GLU O 79 3.79 -45.32 -8.47
CA GLU O 79 3.56 -45.96 -9.80
C GLU O 79 2.64 -45.12 -10.68
N VAL O 80 2.94 -45.07 -11.99
CA VAL O 80 2.12 -44.34 -12.98
C VAL O 80 1.67 -45.32 -14.05
N ILE O 81 0.37 -45.44 -14.23
CA ILE O 81 -0.17 -46.35 -15.27
C ILE O 81 -0.84 -45.53 -16.39
N PHE O 82 -0.26 -45.55 -17.59
CA PHE O 82 -0.89 -44.92 -18.73
C PHE O 82 -1.73 -45.94 -19.46
N SER O 83 -2.92 -45.51 -19.89
CA SER O 83 -3.83 -46.35 -20.63
C SER O 83 -4.48 -45.54 -21.73
N VAL O 84 -4.95 -46.24 -22.76
CA VAL O 84 -5.59 -45.61 -23.91
C VAL O 84 -6.98 -46.21 -24.07
N ILE O 85 -7.99 -45.34 -24.14
CA ILE O 85 -9.36 -45.76 -24.42
C ILE O 85 -9.67 -45.32 -25.84
N GLY O 86 -9.90 -46.28 -26.72
CA GLY O 86 -10.11 -46.00 -28.12
C GLY O 86 -9.52 -47.07 -29.01
N PRO O 87 -9.73 -46.92 -30.32
CA PRO O 87 -9.31 -47.98 -31.26
C PRO O 87 -7.86 -47.92 -31.68
N ARG O 88 -7.17 -46.79 -31.51
CA ARG O 88 -5.82 -46.63 -32.04
C ARG O 88 -4.83 -46.32 -30.91
N SER O 89 -3.60 -46.77 -31.10
CA SER O 89 -2.57 -46.60 -30.09
C SER O 89 -2.14 -45.15 -29.99
N VAL O 90 -1.38 -44.83 -28.93
CA VAL O 90 -0.85 -43.49 -28.72
C VAL O 90 0.64 -43.60 -28.46
N HIS O 91 1.44 -42.92 -29.29
CA HIS O 91 2.89 -42.85 -29.10
C HIS O 91 3.18 -41.68 -28.17
N LEU O 92 3.66 -42.00 -26.97
CA LEU O 92 4.12 -41.01 -26.01
C LEU O 92 5.61 -40.82 -26.16
N THR O 93 6.05 -39.57 -26.28
CA THR O 93 7.46 -39.24 -26.37
C THR O 93 7.78 -38.08 -25.45
N GLY O 94 9.03 -38.06 -24.98
CA GLY O 94 9.49 -37.06 -24.05
C GLY O 94 10.95 -37.27 -23.73
N TYR O 95 11.42 -36.81 -22.58
CA TYR O 95 12.84 -36.92 -22.28
C TYR O 95 13.06 -36.86 -20.77
N PHE O 96 14.16 -37.47 -20.32
CA PHE O 96 14.54 -37.37 -18.93
C PHE O 96 15.33 -36.08 -18.73
N LEU O 97 15.23 -35.52 -17.52
CA LEU O 97 15.90 -34.26 -17.24
C LEU O 97 17.37 -34.49 -16.91
N ALA P 2 39.17 34.74 -18.10
CA ALA P 2 38.36 35.82 -18.64
C ALA P 2 37.61 35.40 -19.89
N PHE P 3 36.38 35.88 -20.01
CA PHE P 3 35.51 35.51 -21.12
C PHE P 3 36.14 35.86 -22.46
N TRP P 4 35.87 35.02 -23.46
CA TRP P 4 36.35 35.21 -24.82
C TRP P 4 35.26 34.76 -25.78
N GLY P 5 35.14 35.44 -26.91
CA GLY P 5 34.18 35.03 -27.91
C GLY P 5 34.23 35.84 -29.18
N VAL P 6 33.80 35.24 -30.28
CA VAL P 6 33.77 35.94 -31.55
C VAL P 6 32.69 35.32 -32.43
N GLU P 7 32.08 36.15 -33.27
CA GLU P 7 31.14 35.69 -34.28
C GLU P 7 31.90 35.44 -35.58
N VAL P 8 31.93 34.19 -36.01
CA VAL P 8 32.57 33.81 -37.27
C VAL P 8 31.48 33.80 -38.35
N LYS P 9 31.49 34.82 -39.21
CA LYS P 9 30.46 34.93 -40.25
C LYS P 9 30.99 34.24 -41.48
N PRO P 10 30.17 33.44 -42.17
CA PRO P 10 30.79 32.62 -43.20
C PRO P 10 31.78 33.42 -44.03
N LYS P 12 34.40 36.62 -43.20
CA LYS P 12 35.81 36.45 -42.91
C LYS P 12 36.23 35.31 -42.03
N THR P 13 37.08 34.46 -42.54
CA THR P 13 37.88 33.69 -41.61
C THR P 13 38.24 34.52 -40.37
N PHE P 14 38.21 33.89 -39.20
CA PHE P 14 38.68 34.52 -37.97
C PHE P 14 40.03 33.96 -37.58
N THR P 15 40.96 34.85 -37.22
CA THR P 15 42.31 34.51 -36.81
C THR P 15 42.62 35.09 -35.43
N LEU P 16 43.70 34.57 -34.84
CA LEU P 16 44.31 35.07 -33.59
C LEU P 16 45.48 34.14 -33.29
N LYS P 17 46.34 34.58 -32.37
CA LYS P 17 47.53 33.81 -32.03
C LYS P 17 47.69 33.69 -30.52
N ASN P 18 48.20 34.74 -29.87
CA ASN P 18 48.41 34.72 -28.43
C ASN P 18 48.58 36.14 -27.89
N ARG P 26 46.44 30.54 -22.87
CA ARG P 26 45.75 29.31 -23.17
C ARG P 26 44.24 29.55 -23.23
N LEU P 27 43.64 29.34 -24.41
CA LEU P 27 42.22 29.61 -24.61
C LEU P 27 41.44 28.30 -24.54
N HIS P 28 40.37 28.30 -23.74
CA HIS P 28 39.46 27.16 -23.66
C HIS P 28 38.21 27.47 -24.47
N LEU P 29 38.05 26.79 -25.59
CA LEU P 29 36.88 26.91 -26.44
C LEU P 29 35.79 25.99 -25.92
N SER P 30 34.68 26.59 -25.49
CA SER P 30 33.59 25.93 -24.78
C SER P 30 32.35 25.67 -25.63
N GLN P 31 31.91 26.63 -26.42
CA GLN P 31 30.55 26.58 -26.96
C GLN P 31 30.51 27.12 -28.38
N ALA P 32 29.71 26.48 -29.23
CA ALA P 32 29.40 26.99 -30.55
C ALA P 32 27.89 27.13 -30.67
N THR P 33 27.44 28.33 -31.05
CA THR P 33 26.01 28.65 -31.15
C THR P 33 25.68 29.15 -32.54
N LEU P 34 24.60 28.64 -33.12
CA LEU P 34 24.21 29.07 -34.45
C LEU P 34 23.72 30.51 -34.41
N GLY P 35 24.11 31.30 -35.43
CA GLY P 35 23.71 32.68 -35.45
C GLY P 35 22.35 32.87 -36.08
N HIS P 36 21.89 34.12 -36.05
CA HIS P 36 20.56 34.43 -36.52
C HIS P 36 20.46 34.36 -38.04
N GLY P 37 19.27 34.03 -38.52
CA GLY P 37 19.03 33.88 -39.95
C GLY P 37 17.84 32.99 -40.20
N THR P 38 17.32 33.10 -41.42
CA THR P 38 16.17 32.30 -41.85
C THR P 38 16.57 31.08 -42.68
N ALA P 39 17.86 30.89 -42.92
CA ALA P 39 18.33 29.77 -43.71
C ALA P 39 18.25 28.47 -42.92
N THR P 40 17.84 27.40 -43.59
CA THR P 40 17.69 26.09 -42.96
C THR P 40 18.89 25.17 -43.21
N ASN P 41 19.81 25.55 -44.10
CA ASN P 41 20.96 24.71 -44.36
C ASN P 41 21.93 24.73 -43.18
N ARG P 42 22.70 23.65 -43.04
CA ARG P 42 23.61 23.49 -41.92
C ARG P 42 24.85 24.36 -42.09
N SER P 43 25.50 24.65 -40.97
CA SER P 43 26.79 25.33 -40.94
C SER P 43 27.82 24.44 -40.26
N ILE P 44 29.03 24.39 -40.82
CA ILE P 44 30.12 23.58 -40.29
C ILE P 44 31.25 24.50 -39.84
N LEU P 45 31.79 24.22 -38.66
CA LEU P 45 32.91 24.94 -38.08
C LEU P 45 34.22 24.20 -38.35
N GLN P 46 35.23 24.93 -38.85
CA GLN P 46 36.49 24.36 -39.27
C GLN P 46 37.64 25.09 -38.58
N CYS P 47 38.74 24.37 -38.38
CA CYS P 47 39.89 24.86 -37.64
C CYS P 47 41.17 24.45 -38.36
N ASN P 48 42.02 25.45 -38.54
CA ASN P 48 43.30 25.22 -39.26
C ASN P 48 44.44 25.70 -38.38
N VAL P 49 45.36 24.80 -38.09
CA VAL P 49 46.56 25.19 -37.31
C VAL P 49 47.77 24.79 -38.15
N ASN P 51 48.88 25.69 -41.61
CA ASN P 51 48.77 25.27 -43.04
C ASN P 51 48.50 23.77 -43.04
N LYS P 52 47.79 23.28 -42.02
CA LYS P 52 47.52 21.84 -41.89
C LYS P 52 46.12 21.56 -42.43
N SER P 53 45.83 20.32 -42.79
CA SER P 53 44.54 19.98 -43.38
C SER P 53 43.40 20.44 -42.46
N PRO P 54 42.27 21.02 -42.96
CA PRO P 54 41.25 21.49 -42.01
C PRO P 54 40.52 20.34 -41.33
N LEU P 55 40.26 20.53 -40.04
CA LEU P 55 39.53 19.57 -39.22
C LEU P 55 38.18 20.14 -38.81
N LEU P 56 37.15 19.30 -38.86
CA LEU P 56 35.81 19.68 -38.44
C LEU P 56 35.69 19.69 -36.92
N LEU P 57 35.19 20.80 -36.38
CA LEU P 57 34.95 20.90 -34.95
C LEU P 57 33.51 20.60 -34.55
N CYS P 58 32.54 21.05 -35.35
CA CYS P 58 31.14 20.75 -35.09
C CYS P 58 30.31 21.17 -36.30
N VAL P 59 29.06 20.69 -36.33
CA VAL P 59 28.08 21.03 -37.35
C VAL P 59 26.78 21.43 -36.64
N LEU P 60 26.24 22.58 -37.01
CA LEU P 60 25.02 23.12 -36.43
C LEU P 60 23.92 23.15 -37.50
N THR P 61 22.77 22.55 -37.18
CA THR P 61 21.64 22.50 -38.09
C THR P 61 20.49 23.34 -37.54
N PRO P 62 19.99 24.30 -38.31
CA PRO P 62 18.91 25.17 -37.81
C PRO P 62 17.69 24.36 -37.36
N ASP P 63 17.15 24.76 -36.21
CA ASP P 63 15.94 24.17 -35.62
C ASP P 63 16.12 22.71 -35.23
N LYS P 64 17.34 22.20 -35.22
CA LYS P 64 17.60 20.82 -34.80
C LYS P 64 18.73 20.79 -33.79
N VAL P 65 19.92 21.23 -34.22
CA VAL P 65 21.08 21.36 -33.34
C VAL P 65 21.56 22.81 -33.50
N ASP P 66 21.02 23.71 -32.69
CA ASP P 66 21.32 25.13 -32.79
C ASP P 66 22.58 25.53 -32.01
N SER P 67 23.05 24.69 -31.11
CA SER P 67 24.29 24.94 -30.39
C SER P 67 24.83 23.60 -29.90
N CYS P 68 26.13 23.59 -29.61
CA CYS P 68 26.72 22.38 -29.05
C CYS P 68 27.98 22.74 -28.27
N GLN P 69 28.27 21.90 -27.27
CA GLN P 69 29.47 22.07 -26.46
C GLN P 69 30.73 21.70 -27.24
N LEU P 70 31.76 22.50 -27.02
CA LEU P 70 33.11 22.22 -27.44
C LEU P 70 33.96 22.20 -26.18
N ASN P 71 35.06 21.48 -26.20
CA ASN P 71 35.91 21.58 -25.03
C ASN P 71 37.35 21.43 -25.51
N LEU P 72 37.76 22.42 -26.25
CA LEU P 72 39.09 22.42 -26.81
C LEU P 72 39.95 23.45 -26.17
N GLU P 73 41.23 23.19 -26.12
CA GLU P 73 42.15 24.18 -25.67
C GLU P 73 43.21 24.50 -26.69
N PHE P 74 43.60 25.77 -26.76
CA PHE P 74 44.58 26.21 -27.76
C PHE P 74 45.70 27.01 -27.12
N GLU P 75 46.96 26.60 -27.29
CA GLU P 75 48.18 27.36 -26.87
C GLU P 75 49.17 27.06 -28.00
N GLU P 76 49.04 27.71 -29.17
CA GLU P 76 49.79 27.25 -30.32
C GLU P 76 50.87 28.24 -30.72
N THR P 77 51.98 27.68 -31.21
CA THR P 77 53.01 28.51 -31.84
C THR P 77 52.57 28.98 -33.23
N ASP P 78 51.70 28.22 -33.88
CA ASP P 78 51.14 28.58 -35.16
C ASP P 78 49.77 29.23 -34.97
N GLU P 79 49.35 29.99 -35.98
CA GLU P 79 48.08 30.70 -35.89
C GLU P 79 46.91 29.74 -36.09
N VAL P 80 45.87 29.91 -35.28
CA VAL P 80 44.67 29.09 -35.36
C VAL P 80 43.66 29.84 -36.22
N ILE P 81 43.19 29.18 -37.28
CA ILE P 81 42.28 29.78 -38.26
C ILE P 81 40.92 29.10 -38.14
N PHE P 82 39.92 29.85 -37.68
CA PHE P 82 38.55 29.35 -37.67
C PHE P 82 37.79 29.83 -38.90
N SER P 83 37.01 28.93 -39.50
CA SER P 83 36.19 29.27 -40.65
C SER P 83 34.85 28.55 -40.56
N VAL P 84 33.85 29.10 -41.24
CA VAL P 84 32.50 28.55 -41.26
C VAL P 84 32.05 28.34 -42.69
N ILE P 85 31.60 27.13 -43.02
CA ILE P 85 30.99 26.83 -44.31
C ILE P 85 29.50 26.62 -44.10
N GLY P 86 28.68 27.46 -44.72
CA GLY P 86 27.24 27.40 -44.54
C GLY P 86 26.62 28.79 -44.60
N PRO P 87 25.29 28.86 -44.52
CA PRO P 87 24.61 30.14 -44.71
C PRO P 87 24.55 31.02 -43.47
N ARG P 88 24.75 30.47 -42.27
CA ARG P 88 24.57 31.22 -41.04
C ARG P 88 25.86 31.23 -40.24
N SER P 89 26.06 32.31 -39.49
CA SER P 89 27.29 32.51 -38.72
C SER P 89 27.33 31.55 -37.52
N VAL P 90 28.51 31.49 -36.89
CA VAL P 90 28.72 30.67 -35.71
C VAL P 90 29.35 31.54 -34.62
N HIS P 91 28.69 31.65 -33.48
CA HIS P 91 29.22 32.37 -32.32
C HIS P 91 30.02 31.38 -31.47
N LEU P 92 31.34 31.60 -31.40
CA LEU P 92 32.22 30.81 -30.55
C LEU P 92 32.40 31.53 -29.23
N THR P 93 32.24 30.80 -28.12
CA THR P 93 32.44 31.36 -26.79
C THR P 93 33.28 30.42 -25.94
N GLY P 94 34.01 31.02 -25.00
CA GLY P 94 34.91 30.26 -24.15
C GLY P 94 35.59 31.19 -23.17
N TYR P 95 36.76 30.78 -22.69
CA TYR P 95 37.42 31.57 -21.67
C TYR P 95 38.92 31.26 -21.67
N PHE P 96 39.71 32.23 -21.24
CA PHE P 96 41.14 32.03 -21.07
C PHE P 96 41.42 31.38 -19.72
N LEU P 97 42.49 30.59 -19.67
CA LEU P 97 42.85 29.88 -18.45
C LEU P 97 43.87 30.66 -17.64
N ALA Q 2 49.19 22.97 -28.15
CA ALA Q 2 48.38 22.09 -27.30
C ALA Q 2 47.35 21.34 -28.13
N PHE Q 3 46.83 21.99 -29.17
CA PHE Q 3 45.77 21.40 -29.98
C PHE Q 3 46.23 20.10 -30.61
N TRP Q 4 45.30 19.16 -30.75
CA TRP Q 4 45.55 17.87 -31.37
C TRP Q 4 44.31 17.47 -32.14
N GLY Q 5 44.53 16.81 -33.29
CA GLY Q 5 43.39 16.34 -34.07
C GLY Q 5 43.77 15.52 -35.28
N VAL Q 6 42.88 14.64 -35.69
CA VAL Q 6 43.11 13.83 -36.89
C VAL Q 6 41.76 13.38 -37.44
N GLU Q 7 41.68 13.29 -38.77
CA GLU Q 7 40.53 12.71 -39.45
C GLU Q 7 40.78 11.23 -39.67
N VAL Q 8 39.97 10.39 -39.03
CA VAL Q 8 40.04 8.95 -39.23
C VAL Q 8 39.05 8.58 -40.32
N LYS Q 9 39.57 8.13 -41.46
CA LYS Q 9 38.78 7.83 -42.64
C LYS Q 9 38.06 6.49 -42.48
N PRO Q 10 37.01 6.24 -43.27
CA PRO Q 10 36.27 4.97 -43.14
C PRO Q 10 37.18 3.76 -43.35
N GLY Q 11 37.06 2.80 -42.45
CA GLY Q 11 37.87 1.61 -42.52
C GLY Q 11 39.35 1.84 -42.33
N LYS Q 12 39.73 2.94 -41.70
CA LYS Q 12 41.13 3.23 -41.41
C LYS Q 12 41.32 3.34 -39.90
N THR Q 13 42.58 3.28 -39.48
CA THR Q 13 42.93 3.32 -38.06
C THR Q 13 43.99 4.37 -37.82
N PHE Q 14 43.84 5.11 -36.72
CA PHE Q 14 44.89 5.98 -36.22
C PHE Q 14 45.44 5.38 -34.94
N THR Q 15 46.75 5.44 -34.76
CA THR Q 15 47.37 4.89 -33.56
C THR Q 15 48.04 6.03 -32.79
N LEU Q 16 47.68 6.15 -31.52
CA LEU Q 16 48.30 7.07 -30.59
C LEU Q 16 49.42 6.34 -29.87
N LYS Q 17 50.62 6.89 -29.96
CA LYS Q 17 51.81 6.32 -29.35
C LYS Q 17 52.34 7.26 -28.29
N ASN Q 18 53.12 6.70 -27.37
CA ASN Q 18 53.55 7.45 -26.20
C ASN Q 18 54.99 7.10 -25.83
N ILE Q 24 56.63 11.41 -23.21
CA ILE Q 24 55.34 10.86 -22.82
C ILE Q 24 54.40 11.98 -22.42
N ARG Q 25 53.26 12.07 -23.11
CA ARG Q 25 52.31 13.15 -22.92
C ARG Q 25 50.95 12.59 -22.52
N ARG Q 26 50.04 13.49 -22.17
CA ARG Q 26 48.67 13.15 -21.80
C ARG Q 26 47.74 13.86 -22.77
N LEU Q 27 46.94 13.08 -23.50
CA LEU Q 27 46.06 13.61 -24.52
C LEU Q 27 44.63 13.66 -24.00
N HIS Q 28 43.98 14.81 -24.12
CA HIS Q 28 42.56 14.94 -23.81
C HIS Q 28 41.79 14.92 -25.12
N LEU Q 29 41.09 13.83 -25.39
CA LEU Q 29 40.24 13.69 -26.56
C LEU Q 29 38.89 14.32 -26.24
N SER Q 30 38.55 15.38 -26.97
CA SER Q 30 37.41 16.22 -26.63
C SER Q 30 36.18 15.96 -27.49
N GLN Q 31 36.33 15.86 -28.80
CA GLN Q 31 35.19 15.96 -29.70
C GLN Q 31 35.36 15.01 -30.88
N ALA Q 32 34.25 14.40 -31.29
CA ALA Q 32 34.19 13.61 -32.52
C ALA Q 32 33.10 14.19 -33.41
N THR Q 33 33.45 14.51 -34.65
CA THR Q 33 32.53 15.15 -35.59
C THR Q 33 32.44 14.33 -36.86
N LEU Q 34 31.22 14.09 -37.32
CA LEU Q 34 31.02 13.30 -38.53
C LEU Q 34 31.48 14.08 -39.76
N GLY Q 35 32.15 13.39 -40.68
CA GLY Q 35 32.68 14.01 -41.87
C GLY Q 35 31.67 14.07 -43.00
N HIS Q 36 32.09 14.70 -44.09
CA HIS Q 36 31.21 14.92 -45.23
C HIS Q 36 30.93 13.63 -45.99
N GLY Q 37 29.85 13.66 -46.74
CA GLY Q 37 29.41 12.51 -47.51
C GLY Q 37 27.92 12.55 -47.73
N THR Q 38 27.46 11.67 -48.62
CA THR Q 38 26.05 11.57 -48.93
C THR Q 38 25.38 10.39 -48.24
N ALA Q 39 26.16 9.40 -47.80
CA ALA Q 39 25.62 8.23 -47.13
C ALA Q 39 24.92 8.61 -45.83
N THR Q 40 23.79 7.97 -45.56
CA THR Q 40 23.00 8.24 -44.37
C THR Q 40 23.25 7.25 -43.25
N ASN Q 41 24.02 6.18 -43.50
CA ASN Q 41 24.28 5.20 -42.46
C ASN Q 41 25.21 5.77 -41.40
N ARG Q 42 25.10 5.22 -40.20
CA ARG Q 42 25.84 5.72 -39.04
C ARG Q 42 27.31 5.33 -39.13
N SER Q 43 28.13 6.10 -38.41
CA SER Q 43 29.54 5.80 -38.21
C SER Q 43 29.81 5.58 -36.73
N ILE Q 44 30.61 4.58 -36.40
CA ILE Q 44 30.92 4.23 -35.03
C ILE Q 44 32.41 4.43 -34.81
N LEU Q 45 32.75 5.13 -33.72
CA LEU Q 45 34.14 5.31 -33.33
C LEU Q 45 34.50 4.30 -32.26
N GLN Q 46 35.58 3.56 -32.48
CA GLN Q 46 35.97 2.46 -31.61
C GLN Q 46 37.42 2.63 -31.16
N CYS Q 47 37.74 2.05 -30.02
CA CYS Q 47 39.04 2.23 -29.38
C CYS Q 47 39.55 0.88 -28.88
N ASN Q 48 40.81 0.56 -29.19
CA ASN Q 48 41.46 -0.67 -28.79
C ASN Q 48 42.74 -0.34 -28.05
N VAL Q 49 42.95 -1.02 -26.94
CA VAL Q 49 44.23 -0.88 -26.19
C VAL Q 49 44.86 -2.27 -26.17
N GLY Q 50 44.90 -2.96 -27.33
CA GLY Q 50 45.48 -4.31 -27.44
C GLY Q 50 44.47 -5.36 -27.85
N ASN Q 51 44.44 -6.53 -27.17
CA ASN Q 51 43.41 -7.57 -27.43
C ASN Q 51 42.26 -7.32 -26.46
N LYS Q 52 42.42 -6.37 -25.55
CA LYS Q 52 41.27 -5.97 -24.70
C LYS Q 52 40.17 -5.74 -25.72
N SER Q 53 38.93 -6.09 -25.41
CA SER Q 53 37.93 -6.00 -26.50
C SER Q 53 37.66 -4.57 -26.92
N PRO Q 54 37.39 -4.34 -28.21
CA PRO Q 54 36.95 -3.03 -28.70
C PRO Q 54 35.89 -2.29 -27.86
N LEU Q 55 36.14 -1.03 -27.51
CA LEU Q 55 35.14 -0.22 -26.82
C LEU Q 55 34.62 0.84 -27.77
N LEU Q 56 33.30 1.01 -27.79
CA LEU Q 56 32.69 2.07 -28.58
C LEU Q 56 32.82 3.39 -27.84
N LEU Q 57 33.33 4.40 -28.53
CA LEU Q 57 33.46 5.72 -27.92
C LEU Q 57 32.25 6.59 -28.23
N CYS Q 58 31.71 6.50 -29.43
CA CYS Q 58 30.53 7.26 -29.79
C CYS Q 58 29.95 6.75 -31.11
N VAL Q 59 28.72 7.16 -31.37
CA VAL Q 59 27.99 6.85 -32.59
C VAL Q 59 27.50 8.16 -33.19
N LEU Q 60 27.82 8.37 -34.47
CA LEU Q 60 27.41 9.56 -35.20
C LEU Q 60 26.45 9.17 -36.32
N THR Q 61 25.29 9.81 -36.34
CA THR Q 61 24.26 9.53 -37.33
C THR Q 61 24.09 10.72 -38.25
N PRO Q 62 24.26 10.56 -39.56
CA PRO Q 62 24.10 11.71 -40.48
C PRO Q 62 22.74 12.38 -40.32
N ASP Q 63 22.77 13.71 -40.28
CA ASP Q 63 21.58 14.56 -40.20
C ASP Q 63 20.80 14.36 -38.90
N LYS Q 64 21.38 13.69 -37.91
CA LYS Q 64 20.72 13.52 -36.62
C LYS Q 64 21.65 13.84 -35.46
N VAL Q 65 22.75 13.09 -35.34
CA VAL Q 65 23.78 13.35 -34.34
C VAL Q 65 25.09 13.47 -35.10
N ASP Q 66 25.43 14.70 -35.51
CA ASP Q 66 26.58 14.95 -36.35
C ASP Q 66 27.88 15.16 -35.59
N SER Q 67 27.82 15.42 -34.28
CA SER Q 67 29.02 15.54 -33.47
C SER Q 67 28.67 15.25 -32.02
N CYS Q 68 29.69 14.88 -31.24
CA CYS Q 68 29.45 14.66 -29.82
C CYS Q 68 30.75 14.77 -29.02
N GLN Q 69 30.57 15.13 -27.75
CA GLN Q 69 31.65 15.24 -26.78
C GLN Q 69 32.17 13.87 -26.38
N LEU Q 70 33.49 13.80 -26.13
CA LEU Q 70 34.11 12.59 -25.59
C LEU Q 70 34.75 12.85 -24.23
N ASN Q 71 35.77 13.72 -24.18
CA ASN Q 71 36.42 14.12 -22.93
C ASN Q 71 37.06 12.91 -22.24
N LEU Q 72 37.81 12.14 -23.00
CA LEU Q 72 38.62 11.04 -22.51
C LEU Q 72 40.07 11.50 -22.40
N GLU Q 73 40.86 10.83 -21.59
CA GLU Q 73 42.26 11.16 -21.46
C GLU Q 73 43.12 9.95 -21.61
N PHE Q 74 44.29 10.09 -22.20
CA PHE Q 74 45.11 8.96 -22.55
C PHE Q 74 46.53 9.17 -22.17
N GLU Q 75 47.11 8.22 -21.48
CA GLU Q 75 48.51 8.30 -21.11
C GLU Q 75 49.02 6.91 -20.89
N GLU Q 76 49.09 6.15 -21.94
CA GLU Q 76 49.30 4.71 -21.82
C GLU Q 76 50.72 4.33 -22.21
N THR Q 77 51.17 3.19 -21.69
CA THR Q 77 52.39 2.58 -22.19
C THR Q 77 52.12 1.80 -23.47
N ASP Q 78 50.91 1.28 -23.62
CA ASP Q 78 50.50 0.56 -24.82
C ASP Q 78 49.95 1.54 -25.85
N GLU Q 79 50.06 1.14 -27.12
CA GLU Q 79 49.47 1.93 -28.19
C GLU Q 79 47.95 1.93 -28.10
N VAL Q 80 47.34 3.04 -28.52
CA VAL Q 80 45.88 3.15 -28.55
C VAL Q 80 45.45 3.25 -30.00
N ILE Q 81 44.57 2.35 -30.43
CA ILE Q 81 44.15 2.32 -31.83
C ILE Q 81 42.71 2.77 -31.92
N PHE Q 82 42.49 3.92 -32.55
CA PHE Q 82 41.16 4.42 -32.86
C PHE Q 82 40.80 3.95 -34.27
N SER Q 83 39.56 3.50 -34.44
CA SER Q 83 39.08 3.06 -35.74
C SER Q 83 37.66 3.53 -35.95
N VAL Q 84 37.28 3.62 -37.23
CA VAL Q 84 35.95 4.08 -37.61
C VAL Q 84 35.30 3.00 -38.47
N ILE Q 85 34.12 2.56 -38.05
CA ILE Q 85 33.32 1.61 -38.83
C ILE Q 85 32.10 2.35 -39.36
N GLY Q 86 31.98 2.43 -40.68
CA GLY Q 86 30.91 3.18 -41.29
C GLY Q 86 31.34 3.86 -42.58
N PRO Q 87 30.39 4.52 -43.26
CA PRO Q 87 30.71 5.10 -44.57
C PRO Q 87 31.40 6.45 -44.53
N ARG Q 88 31.37 7.16 -43.40
CA ARG Q 88 31.91 8.51 -43.32
C ARG Q 88 33.01 8.58 -42.27
N SER Q 89 33.97 9.48 -42.50
CA SER Q 89 35.09 9.66 -41.60
C SER Q 89 34.64 10.33 -40.31
N VAL Q 90 35.54 10.33 -39.31
CA VAL Q 90 35.29 10.99 -38.03
C VAL Q 90 36.48 11.89 -37.72
N HIS Q 91 36.22 13.17 -37.50
CA HIS Q 91 37.24 14.13 -37.10
C HIS Q 91 37.34 14.10 -35.58
N LEU Q 92 38.48 13.64 -35.06
CA LEU Q 92 38.75 13.67 -33.64
C LEU Q 92 39.57 14.92 -33.32
N THR Q 93 39.13 15.67 -32.32
CA THR Q 93 39.84 16.85 -31.86
C THR Q 93 39.95 16.85 -30.34
N GLY Q 94 41.03 17.46 -29.85
CA GLY Q 94 41.30 17.50 -28.44
C GLY Q 94 42.58 18.27 -28.17
N TYR Q 95 43.22 17.98 -27.03
CA TYR Q 95 44.40 18.76 -26.69
C TYR Q 95 45.29 17.97 -25.73
N PHE Q 96 46.58 18.29 -25.75
CA PHE Q 96 47.54 17.72 -24.82
C PHE Q 96 47.51 18.49 -23.50
N LEU Q 97 47.88 17.78 -22.43
CA LEU Q 97 47.86 18.27 -21.04
C LEU Q 97 46.44 18.33 -20.50
N ALA R 2 29.43 28.39 -2.57
CA ALA R 2 30.00 28.40 -3.93
C ALA R 2 28.91 28.59 -4.98
N PHE R 3 27.71 28.08 -4.69
CA PHE R 3 26.62 28.12 -5.67
C PHE R 3 26.28 29.55 -6.05
N TRP R 4 25.91 29.74 -7.31
CA TRP R 4 25.49 31.03 -7.83
C TRP R 4 24.39 30.82 -8.85
N GLY R 5 23.47 31.78 -8.91
CA GLY R 5 22.41 31.72 -9.90
C GLY R 5 21.56 32.96 -9.94
N VAL R 6 20.97 33.24 -11.12
CA VAL R 6 20.13 34.42 -11.32
C VAL R 6 19.11 34.10 -12.40
N GLU R 7 17.90 34.65 -12.25
CA GLU R 7 16.89 34.61 -13.29
C GLU R 7 16.99 35.90 -14.11
N VAL R 8 17.36 35.78 -15.37
CA VAL R 8 17.38 36.93 -16.28
C VAL R 8 16.08 36.96 -17.08
N GLY R 11 12.49 38.65 -20.80
CA GLY R 11 12.63 40.08 -21.04
C GLY R 11 13.65 40.79 -20.16
N LYS R 12 14.56 40.00 -19.58
CA LYS R 12 15.40 40.48 -18.48
C LYS R 12 16.73 41.13 -18.88
N THR R 13 17.51 41.52 -17.86
CA THR R 13 18.80 42.16 -18.07
C THR R 13 19.65 42.17 -16.79
N PHE R 14 20.68 41.33 -16.78
CA PHE R 14 21.55 41.25 -15.59
C PHE R 14 22.84 41.97 -15.92
N THR R 15 23.69 42.18 -14.93
CA THR R 15 25.02 42.78 -15.16
C THR R 15 25.86 42.26 -14.02
N LEU R 16 27.06 41.79 -14.29
CA LEU R 16 27.80 41.18 -13.17
C LEU R 16 28.71 42.23 -12.56
N LYS R 17 29.57 41.80 -11.64
CA LYS R 17 30.57 42.70 -11.05
C LYS R 17 31.68 41.81 -10.53
N ARG R 26 36.09 34.62 -9.61
CA ARG R 26 35.93 33.97 -10.92
C ARG R 26 34.67 33.11 -10.93
N LEU R 27 33.72 33.48 -11.78
CA LEU R 27 32.43 32.82 -11.85
C LEU R 27 32.43 31.79 -12.98
N HIS R 28 32.01 30.56 -12.66
CA HIS R 28 31.81 29.53 -13.66
C HIS R 28 30.30 29.42 -13.93
N LEU R 29 29.89 29.87 -15.11
CA LEU R 29 28.50 29.76 -15.55
C LEU R 29 28.30 28.39 -16.20
N SER R 30 27.45 27.57 -15.59
CA SER R 30 27.32 26.17 -15.99
C SER R 30 26.09 25.89 -16.84
N GLN R 31 24.93 26.45 -16.49
CA GLN R 31 23.67 25.94 -17.05
C GLN R 31 22.70 27.09 -17.30
N ALA R 32 21.96 27.01 -18.41
CA ALA R 32 20.87 27.92 -18.69
C ALA R 32 19.59 27.11 -18.87
N THR R 33 18.55 27.47 -18.12
CA THR R 33 17.30 26.73 -18.11
C THR R 33 16.13 27.65 -18.44
N LEU R 34 15.25 27.21 -19.33
CA LEU R 34 14.11 28.03 -19.70
C LEU R 34 13.13 28.13 -18.55
N GLY R 35 12.61 29.35 -18.31
CA GLY R 35 11.68 29.58 -17.24
C GLY R 35 10.23 29.36 -17.66
N HIS R 36 9.33 29.54 -16.71
CA HIS R 36 7.92 29.31 -16.94
C HIS R 36 7.32 30.36 -17.89
N ALA R 39 4.16 30.19 -23.34
CA ALA R 39 4.75 30.73 -24.56
C ALA R 39 5.57 29.67 -25.29
N THR R 40 5.40 29.59 -26.61
CA THR R 40 6.09 28.59 -27.42
C THR R 40 7.27 29.15 -28.20
N ASN R 41 7.45 30.46 -28.27
CA ASN R 41 8.55 31.04 -29.04
C ASN R 41 9.89 30.83 -28.33
N ARG R 42 10.96 30.80 -29.12
CA ARG R 42 12.30 30.53 -28.61
C ARG R 42 12.86 31.75 -27.87
N SER R 43 13.81 31.49 -26.97
CA SER R 43 14.57 32.52 -26.27
C SER R 43 16.07 32.37 -26.52
N ILE R 44 16.74 33.51 -26.73
CA ILE R 44 18.17 33.54 -27.00
C ILE R 44 18.88 34.29 -25.88
N LEU R 45 19.98 33.71 -25.37
CA LEU R 45 20.81 34.32 -24.34
C LEU R 45 22.04 34.98 -24.97
N GLN R 46 22.29 36.24 -24.60
CA GLN R 46 23.34 37.06 -25.21
C GLN R 46 24.24 37.66 -24.14
N CYS R 47 25.50 37.94 -24.52
CA CYS R 47 26.51 38.46 -23.61
C CYS R 47 27.31 39.56 -24.28
N ASN R 48 27.47 40.70 -23.60
CA ASN R 48 28.24 41.83 -24.12
C ASN R 48 29.27 42.32 -23.11
N VAL R 49 30.45 42.71 -23.61
CA VAL R 49 31.38 43.57 -22.88
C VAL R 49 32.07 44.50 -23.85
N PRO R 54 28.12 41.81 -28.86
CA PRO R 54 26.98 40.92 -28.65
C PRO R 54 27.25 39.51 -29.17
N LEU R 55 27.47 38.57 -28.26
CA LEU R 55 27.72 37.18 -28.61
C LEU R 55 26.55 36.32 -28.15
N LEU R 56 26.11 35.41 -29.02
CA LEU R 56 25.04 34.48 -28.66
C LEU R 56 25.63 33.35 -27.83
N LEU R 57 25.03 33.08 -26.68
CA LEU R 57 25.49 31.99 -25.81
C LEU R 57 24.71 30.71 -26.03
N CYS R 58 23.40 30.79 -26.21
CA CYS R 58 22.58 29.61 -26.48
C CYS R 58 21.19 30.05 -26.87
N VAL R 59 20.43 29.11 -27.41
CA VAL R 59 19.02 29.30 -27.77
C VAL R 59 18.23 28.14 -27.19
N LEU R 60 17.18 28.47 -26.44
CA LEU R 60 16.30 27.48 -25.83
C LEU R 60 14.93 27.56 -26.50
N THR R 61 14.45 26.43 -27.00
CA THR R 61 13.16 26.34 -27.66
C THR R 61 12.22 25.51 -26.80
N PRO R 62 11.08 26.06 -26.40
CA PRO R 62 10.15 25.30 -25.53
C PRO R 62 9.77 23.95 -26.12
N ASP R 63 9.74 22.94 -25.26
CA ASP R 63 9.35 21.57 -25.57
C ASP R 63 10.31 20.88 -26.55
N LYS R 64 11.47 21.47 -26.80
CA LYS R 64 12.49 20.84 -27.64
C LYS R 64 13.85 20.92 -26.96
N VAL R 65 14.32 22.13 -26.72
CA VAL R 65 15.57 22.37 -26.00
C VAL R 65 15.22 23.30 -24.83
N ASP R 66 14.86 22.70 -23.70
CA ASP R 66 14.40 23.45 -22.54
C ASP R 66 15.53 23.90 -21.62
N SER R 67 16.74 23.34 -21.79
CA SER R 67 17.90 23.75 -21.01
C SER R 67 19.15 23.40 -21.79
N CYS R 68 20.26 24.01 -21.43
CA CYS R 68 21.51 23.67 -22.09
C CYS R 68 22.72 23.99 -21.20
N GLN R 69 23.77 23.20 -21.44
CA GLN R 69 25.05 23.38 -20.79
C GLN R 69 25.77 24.59 -21.37
N LEU R 70 26.51 25.31 -20.51
CA LEU R 70 27.32 26.44 -20.97
C LEU R 70 28.79 26.23 -20.65
N ASN R 71 29.19 26.19 -19.38
CA ASN R 71 30.59 26.02 -18.97
C ASN R 71 31.46 27.17 -19.47
N LEU R 72 31.00 28.38 -19.23
CA LEU R 72 31.76 29.60 -19.47
C LEU R 72 32.35 30.09 -18.15
N GLU R 73 33.39 30.92 -18.24
CA GLU R 73 33.96 31.50 -17.03
C GLU R 73 34.18 32.99 -17.24
N PHE R 74 33.70 33.77 -16.26
CA PHE R 74 33.77 35.25 -16.37
C PHE R 74 34.46 35.87 -15.16
N GLU R 75 35.71 36.33 -15.30
CA GLU R 75 36.40 37.13 -14.26
C GLU R 75 36.60 38.46 -14.98
N GLU R 76 35.51 39.03 -15.49
CA GLU R 76 35.56 40.25 -16.34
C GLU R 76 36.08 39.79 -17.71
N VAL R 80 29.61 42.56 -17.60
CA VAL R 80 29.14 41.58 -18.60
C VAL R 80 27.63 41.74 -18.58
N ILE R 81 26.98 41.81 -19.74
CA ILE R 81 25.58 42.17 -19.63
C ILE R 81 24.88 40.98 -20.24
N PHE R 82 24.19 40.20 -19.42
CA PHE R 82 23.43 39.08 -19.92
C PHE R 82 22.04 39.56 -20.28
N SER R 83 21.53 39.10 -21.41
CA SER R 83 20.21 39.48 -21.86
C SER R 83 19.51 38.28 -22.46
N VAL R 84 18.18 38.32 -22.43
CA VAL R 84 17.34 37.27 -22.97
C VAL R 84 16.38 37.93 -23.96
N ILE R 85 16.38 37.43 -25.19
CA ILE R 85 15.43 37.87 -26.21
C ILE R 85 14.44 36.74 -26.43
N GLY R 86 13.18 36.99 -26.14
CA GLY R 86 12.17 35.96 -26.21
C GLY R 86 11.12 36.11 -25.13
N PRO R 87 10.11 35.24 -25.15
CA PRO R 87 8.98 35.40 -24.23
C PRO R 87 9.24 34.86 -22.83
N ARG R 88 10.25 34.02 -22.64
CA ARG R 88 10.50 33.39 -21.34
C ARG R 88 11.89 33.74 -20.83
N SER R 89 12.01 33.82 -19.51
CA SER R 89 13.26 34.14 -18.84
C SER R 89 14.23 32.96 -18.95
N VAL R 90 15.48 33.22 -18.56
CA VAL R 90 16.52 32.19 -18.55
C VAL R 90 17.16 32.16 -17.16
N HIS R 91 17.12 31.00 -16.52
CA HIS R 91 17.78 30.79 -15.24
C HIS R 91 19.21 30.37 -15.51
N LEU R 92 20.16 31.23 -15.13
CA LEU R 92 21.57 30.91 -15.21
C LEU R 92 22.02 30.39 -13.85
N THR R 93 22.73 29.26 -13.86
CA THR R 93 23.26 28.65 -12.64
C THR R 93 24.71 28.26 -12.85
N GLY R 94 25.46 28.27 -11.75
CA GLY R 94 26.88 27.95 -11.81
C GLY R 94 27.49 28.04 -10.42
N TYR R 95 28.79 28.25 -10.37
CA TYR R 95 29.48 28.25 -9.09
C TYR R 95 30.75 29.09 -9.17
N PHE R 96 31.15 29.63 -8.02
CA PHE R 96 32.39 30.37 -7.88
C PHE R 96 33.56 29.43 -7.64
N LEU R 97 34.75 29.90 -8.04
CA LEU R 97 36.03 29.17 -7.98
C LEU R 97 36.13 28.16 -9.12
N ALA S 2 34.22 11.05 -4.04
CA ALA S 2 33.40 9.87 -3.79
C ALA S 2 32.00 10.05 -4.35
N PHE S 3 31.42 8.95 -4.83
CA PHE S 3 30.11 8.99 -5.48
C PHE S 3 29.04 9.53 -4.54
N TRP S 4 28.09 10.26 -5.12
CA TRP S 4 26.95 10.80 -4.39
C TRP S 4 25.73 10.76 -5.30
N GLY S 5 24.57 10.49 -4.73
CA GLY S 5 23.35 10.49 -5.53
C GLY S 5 22.08 10.27 -4.74
N VAL S 6 20.97 10.78 -5.26
CA VAL S 6 19.68 10.60 -4.60
C VAL S 6 18.58 10.70 -5.65
N GLU S 7 17.53 9.92 -5.48
CA GLU S 7 16.32 10.03 -6.30
C GLU S 7 15.35 10.98 -5.60
N VAL S 8 15.04 12.10 -6.24
CA VAL S 8 14.07 13.05 -5.72
C VAL S 8 12.72 12.70 -6.32
N LYS S 9 11.79 12.25 -5.47
CA LYS S 9 10.49 11.79 -5.91
C LYS S 9 9.62 12.98 -6.32
N PRO S 10 8.59 12.73 -7.13
CA PRO S 10 7.71 13.83 -7.55
C PRO S 10 7.06 14.52 -6.36
N GLY S 11 7.20 15.84 -6.32
CA GLY S 11 6.66 16.61 -5.21
C GLY S 11 7.34 16.38 -3.89
N LYS S 12 8.60 15.96 -3.90
CA LYS S 12 9.38 15.76 -2.70
C LYS S 12 10.61 16.67 -2.71
N THR S 13 11.42 16.57 -1.66
CA THR S 13 12.55 17.47 -1.47
C THR S 13 13.73 16.68 -0.94
N PHE S 14 14.91 16.95 -1.47
CA PHE S 14 16.13 16.48 -0.85
C PHE S 14 16.89 17.69 -0.32
N THR S 15 17.49 17.56 0.86
CA THR S 15 18.26 18.67 1.42
C THR S 15 19.71 18.24 1.57
N LEU S 16 20.60 19.03 0.98
CA LEU S 16 22.03 18.86 1.12
C LEU S 16 22.48 19.74 2.28
N LYS S 17 22.81 19.11 3.41
CA LYS S 17 23.42 19.76 4.55
C LYS S 17 24.94 19.65 4.46
N ASN S 18 25.62 20.57 5.15
CA ASN S 18 27.09 20.60 5.19
C ASN S 18 27.50 20.66 6.65
N ASN S 19 27.45 19.52 7.32
CA ASN S 19 27.77 19.44 8.74
C ASN S 19 28.99 18.56 8.99
N ILE S 24 33.03 19.72 6.51
CA ILE S 24 32.38 20.52 5.49
C ILE S 24 32.95 20.15 4.13
N ARG S 25 32.09 19.65 3.25
CA ARG S 25 32.51 19.11 1.97
C ARG S 25 31.99 19.96 0.82
N ARG S 26 32.47 19.65 -0.38
CA ARG S 26 32.07 20.34 -1.61
C ARG S 26 31.55 19.29 -2.58
N LEU S 27 30.29 19.43 -2.97
CA LEU S 27 29.61 18.46 -3.84
C LEU S 27 29.61 18.94 -5.27
N HIS S 28 30.02 18.07 -6.19
CA HIS S 28 29.90 18.33 -7.62
C HIS S 28 28.69 17.56 -8.14
N LEU S 29 27.63 18.29 -8.46
CA LEU S 29 26.42 17.71 -9.04
C LEU S 29 26.62 17.61 -10.55
N SER S 30 26.60 16.39 -11.07
CA SER S 30 26.97 16.12 -12.45
C SER S 30 25.77 15.87 -13.37
N GLN S 31 24.80 15.06 -12.94
CA GLN S 31 23.83 14.51 -13.87
C GLN S 31 22.45 14.46 -13.26
N ALA S 32 21.44 14.76 -14.07
CA ALA S 32 20.04 14.55 -13.68
C ALA S 32 19.39 13.64 -14.71
N THR S 33 18.79 12.54 -14.24
CA THR S 33 18.20 11.55 -15.13
C THR S 33 16.74 11.31 -14.75
N LEU S 34 15.87 11.27 -15.73
CA LEU S 34 14.45 11.06 -15.47
C LEU S 34 14.20 9.64 -14.97
N GLY S 35 13.31 9.51 -13.97
CA GLY S 35 13.02 8.22 -13.39
C GLY S 35 11.92 7.49 -14.15
N HIS S 36 11.65 6.26 -13.70
CA HIS S 36 10.69 5.41 -14.38
C HIS S 36 9.26 5.89 -14.20
N GLY S 37 8.43 5.58 -15.19
CA GLY S 37 7.04 5.97 -15.15
C GLY S 37 6.41 5.85 -16.53
N THR S 38 5.12 6.16 -16.57
CA THR S 38 4.34 6.15 -17.80
C THR S 38 3.89 7.52 -18.24
N ALA S 39 4.00 8.52 -17.37
CA ALA S 39 3.57 9.88 -17.66
C ALA S 39 4.48 10.55 -18.69
N THR S 40 3.87 11.34 -19.57
CA THR S 40 4.58 12.04 -20.63
C THR S 40 4.87 13.50 -20.28
N ASN S 41 4.31 14.02 -19.20
CA ASN S 41 4.56 15.41 -18.82
C ASN S 41 5.99 15.60 -18.32
N ARG S 42 6.47 16.83 -18.45
CA ARG S 42 7.85 17.17 -18.12
C ARG S 42 8.07 17.21 -16.61
N SER S 43 9.33 17.04 -16.21
CA SER S 43 9.78 17.23 -14.84
C SER S 43 10.81 18.34 -14.79
N ILE S 44 10.70 19.21 -13.78
CA ILE S 44 11.62 20.33 -13.62
C ILE S 44 12.39 20.14 -12.33
N LEU S 45 13.71 20.24 -12.40
CA LEU S 45 14.59 20.19 -11.24
C LEU S 45 14.97 21.61 -10.83
N GLN S 46 14.74 21.94 -9.55
CA GLN S 46 14.81 23.28 -8.98
C GLN S 46 15.65 23.27 -7.70
N CYS S 47 16.22 24.43 -7.40
CA CYS S 47 17.17 24.57 -6.29
C CYS S 47 16.87 25.82 -5.45
N ASN S 48 16.89 25.64 -4.13
CA ASN S 48 16.66 26.69 -3.14
C ASN S 48 17.85 26.76 -2.19
N VAL S 49 18.37 27.95 -1.94
CA VAL S 49 19.40 28.08 -0.91
C VAL S 49 18.93 28.99 0.21
N SER S 53 13.80 32.47 -3.16
CA SER S 53 14.09 32.92 -4.51
C SER S 53 14.72 31.78 -5.27
N PRO S 54 13.87 30.81 -5.65
CA PRO S 54 14.37 29.51 -6.15
C PRO S 54 14.62 29.44 -7.65
N LEU S 55 15.68 28.72 -8.00
CA LEU S 55 16.18 28.68 -9.37
C LEU S 55 15.97 27.33 -10.04
N LEU S 56 15.58 27.37 -11.31
CA LEU S 56 15.42 26.15 -12.10
C LEU S 56 16.78 25.64 -12.55
N LEU S 57 17.05 24.37 -12.30
CA LEU S 57 18.30 23.74 -12.72
C LEU S 57 18.18 23.03 -14.06
N CYS S 58 17.08 22.33 -14.31
CA CYS S 58 16.95 21.71 -15.63
C CYS S 58 15.53 21.18 -15.82
N VAL S 59 15.21 20.84 -17.08
CA VAL S 59 13.91 20.27 -17.43
C VAL S 59 14.14 19.00 -18.23
N LEU S 60 13.51 17.91 -17.78
CA LEU S 60 13.60 16.61 -18.43
C LEU S 60 12.22 16.25 -18.99
N THR S 61 12.17 15.92 -20.28
CA THR S 61 10.93 15.55 -20.93
C THR S 61 10.98 14.08 -21.33
N PRO S 62 10.02 13.26 -20.89
CA PRO S 62 10.07 11.83 -21.22
C PRO S 62 10.16 11.58 -22.73
N ASP S 63 11.02 10.64 -23.09
CA ASP S 63 11.25 10.19 -24.47
C ASP S 63 11.80 11.28 -25.37
N LYS S 64 12.27 12.40 -24.81
CA LYS S 64 12.89 13.45 -25.61
C LYS S 64 14.21 13.89 -24.99
N VAL S 65 14.14 14.42 -23.77
CA VAL S 65 15.33 14.79 -23.00
C VAL S 65 15.19 14.07 -21.66
N ASP S 66 15.67 12.83 -21.60
CA ASP S 66 15.50 11.99 -20.42
C ASP S 66 16.60 12.17 -19.39
N SER S 67 17.73 12.79 -19.75
CA SER S 67 18.78 13.09 -18.80
C SER S 67 19.58 14.27 -19.34
N CYS S 68 20.29 14.96 -18.45
CA CYS S 68 21.12 16.07 -18.88
C CYS S 68 22.22 16.37 -17.87
N GLN S 69 23.31 16.95 -18.40
CA GLN S 69 24.44 17.39 -17.60
C GLN S 69 24.07 18.61 -16.78
N LEU S 70 24.63 18.70 -15.58
CA LEU S 70 24.47 19.88 -14.72
C LEU S 70 25.81 20.53 -14.42
N ASN S 71 26.73 19.83 -13.75
CA ASN S 71 28.04 20.34 -13.41
C ASN S 71 27.95 21.63 -12.59
N LEU S 72 27.26 21.51 -11.46
CA LEU S 72 27.18 22.57 -10.47
C LEU S 72 28.01 22.15 -9.26
N GLU S 73 28.43 23.12 -8.46
CA GLU S 73 29.18 22.78 -7.26
C GLU S 73 28.62 23.54 -6.06
N PHE S 74 28.63 22.85 -4.93
CA PHE S 74 28.01 23.40 -3.71
C PHE S 74 28.92 23.19 -2.52
N GLU S 75 29.25 24.25 -1.80
CA GLU S 75 30.04 24.17 -0.57
C GLU S 75 29.45 25.28 0.29
N GLU S 76 28.24 25.08 0.77
CA GLU S 76 27.52 26.17 1.47
C GLU S 76 27.38 25.98 2.97
N THR S 77 27.26 27.09 3.71
CA THR S 77 26.93 26.98 5.13
C THR S 77 25.44 26.76 5.33
N ASP S 78 24.62 27.28 4.43
CA ASP S 78 23.18 27.04 4.46
C ASP S 78 22.84 25.71 3.81
N GLU S 79 21.67 25.19 4.13
CA GLU S 79 21.16 24.00 3.47
C GLU S 79 20.76 24.31 2.04
N VAL S 80 20.91 23.32 1.16
CA VAL S 80 20.48 23.44 -0.22
C VAL S 80 19.32 22.49 -0.43
N ILE S 81 18.19 23.00 -0.89
CA ILE S 81 16.98 22.19 -1.03
C ILE S 81 16.70 22.00 -2.52
N PHE S 82 16.81 20.76 -2.98
CA PHE S 82 16.44 20.37 -4.34
C PHE S 82 15.00 19.86 -4.33
N SER S 83 14.24 20.26 -5.35
CA SER S 83 12.87 19.80 -5.49
C SER S 83 12.56 19.52 -6.95
N VAL S 84 11.54 18.68 -7.16
CA VAL S 84 11.11 18.23 -8.47
C VAL S 84 9.64 18.59 -8.65
N ILE S 85 9.34 19.27 -9.75
CA ILE S 85 7.97 19.57 -10.15
C ILE S 85 7.63 18.71 -11.37
N GLY S 86 6.66 17.81 -11.22
CA GLY S 86 6.34 16.92 -12.31
C GLY S 86 5.93 15.53 -11.85
N PRO S 87 5.57 14.67 -12.81
CA PRO S 87 5.02 13.36 -12.44
C PRO S 87 6.07 12.29 -12.15
N ARG S 88 7.31 12.48 -12.58
CA ARG S 88 8.35 11.46 -12.45
C ARG S 88 9.54 11.99 -11.66
N SER S 89 10.20 11.08 -10.95
CA SER S 89 11.32 11.45 -10.10
C SER S 89 12.53 11.87 -10.95
N VAL S 90 13.51 12.46 -10.27
CA VAL S 90 14.76 12.87 -10.91
C VAL S 90 15.91 12.29 -10.11
N HIS S 91 16.75 11.49 -10.76
CA HIS S 91 17.94 10.92 -10.14
C HIS S 91 19.09 11.91 -10.29
N LEU S 92 19.55 12.46 -9.17
CA LEU S 92 20.71 13.34 -9.14
C LEU S 92 21.94 12.51 -8.81
N THR S 93 23.00 12.67 -9.61
CA THR S 93 24.26 12.00 -9.36
C THR S 93 25.44 12.95 -9.51
N GLY S 94 26.49 12.66 -8.77
CA GLY S 94 27.67 13.50 -8.76
C GLY S 94 28.72 12.94 -7.83
N TYR S 95 29.59 13.81 -7.31
CA TYR S 95 30.68 13.32 -6.48
C TYR S 95 31.19 14.45 -5.59
N PHE S 96 31.75 14.08 -4.44
CA PHE S 96 32.36 15.04 -3.54
C PHE S 96 33.78 15.37 -3.97
N LEU S 97 34.21 16.60 -3.63
CA LEU S 97 35.52 17.17 -3.99
C LEU S 97 35.51 17.57 -5.46
N ALA T 2 46.09 5.70 -18.12
CA ALA T 2 45.02 6.54 -17.63
C ALA T 2 43.66 6.07 -18.16
N PHE T 3 43.61 5.70 -19.43
CA PHE T 3 42.35 5.31 -20.05
C PHE T 3 41.72 4.12 -19.32
N TRP T 4 40.40 4.12 -19.26
CA TRP T 4 39.63 3.06 -18.63
C TRP T 4 38.34 2.86 -19.41
N GLY T 5 37.88 1.62 -19.45
CA GLY T 5 36.61 1.34 -20.10
C GLY T 5 36.14 -0.09 -19.94
N VAL T 6 34.82 -0.29 -19.99
CA VAL T 6 34.23 -1.63 -19.86
C VAL T 6 32.87 -1.62 -20.54
N GLU T 7 32.53 -2.74 -21.17
CA GLU T 7 31.20 -2.95 -21.72
C GLU T 7 30.34 -3.67 -20.68
N VAL T 8 29.29 -3.02 -20.22
CA VAL T 8 28.35 -3.63 -19.29
C VAL T 8 27.23 -4.24 -20.13
N LYS T 9 27.16 -5.57 -20.11
CA LYS T 9 26.23 -6.33 -20.94
C LYS T 9 24.84 -6.30 -20.34
N PRO T 10 23.80 -6.38 -21.19
CA PRO T 10 22.42 -6.19 -20.71
C PRO T 10 22.03 -7.02 -19.49
N GLY T 11 22.54 -8.25 -19.38
CA GLY T 11 22.14 -9.11 -18.29
C GLY T 11 23.21 -9.39 -17.25
N LYS T 12 24.21 -8.51 -17.17
CA LYS T 12 25.33 -8.70 -16.25
C LYS T 12 25.55 -7.43 -15.43
N THR T 13 26.32 -7.60 -14.35
CA THR T 13 26.68 -6.52 -13.45
C THR T 13 28.19 -6.38 -13.45
N PHE T 14 28.67 -5.14 -13.46
CA PHE T 14 30.09 -4.84 -13.32
C PHE T 14 30.37 -4.23 -11.96
N THR T 15 31.48 -4.63 -11.36
CA THR T 15 31.89 -4.09 -10.06
C THR T 15 33.23 -3.39 -10.28
N LEU T 16 33.30 -2.12 -9.87
CA LEU T 16 34.54 -1.36 -9.97
C LEU T 16 35.36 -1.44 -8.68
N ARG T 26 41.27 6.88 -8.21
CA ARG T 26 40.09 7.70 -8.45
C ARG T 26 39.74 7.72 -9.94
N LEU T 27 38.60 7.13 -10.28
CA LEU T 27 38.19 6.95 -11.66
C LEU T 27 37.22 8.04 -12.08
N HIS T 28 37.50 8.68 -13.22
CA HIS T 28 36.59 9.65 -13.83
C HIS T 28 35.87 8.97 -14.99
N LEU T 29 34.58 8.72 -14.80
CA LEU T 29 33.72 8.17 -15.85
C LEU T 29 33.20 9.29 -16.73
N SER T 30 33.56 9.26 -18.01
CA SER T 30 33.33 10.35 -18.95
C SER T 30 32.14 10.10 -19.88
N GLN T 31 32.01 8.89 -20.43
CA GLN T 31 31.16 8.67 -21.59
C GLN T 31 30.44 7.35 -21.47
N ALA T 32 29.16 7.33 -21.88
CA ALA T 32 28.40 6.10 -22.03
C ALA T 32 27.90 6.01 -23.46
N THR T 33 28.20 4.90 -24.14
CA THR T 33 27.84 4.71 -25.54
C THR T 33 27.03 3.44 -25.70
N LEU T 34 25.94 3.52 -26.46
CA LEU T 34 25.12 2.34 -26.67
C LEU T 34 25.87 1.34 -27.54
N GLY T 35 25.77 0.06 -27.18
CA GLY T 35 26.49 -0.99 -27.89
C GLY T 35 25.74 -1.49 -29.10
N HIS T 36 26.38 -2.44 -29.79
CA HIS T 36 25.84 -2.97 -31.02
C HIS T 36 24.57 -3.80 -30.74
N GLY T 37 23.68 -3.82 -31.71
CA GLY T 37 22.43 -4.55 -31.58
C GLY T 37 21.40 -4.04 -32.54
N THR T 38 20.28 -4.76 -32.58
CA THR T 38 19.17 -4.43 -33.46
C THR T 38 17.94 -3.92 -32.73
N ALA T 39 17.82 -4.23 -31.44
CA ALA T 39 16.65 -3.81 -30.66
C ALA T 39 16.60 -2.30 -30.51
N THR T 40 15.39 -1.75 -30.58
CA THR T 40 15.15 -0.32 -30.49
C THR T 40 14.75 0.13 -29.09
N ASN T 41 14.57 -0.81 -28.16
CA ASN T 41 14.19 -0.44 -26.81
C ASN T 41 15.34 0.31 -26.13
N ARG T 42 14.99 1.17 -25.18
CA ARG T 42 16.00 1.98 -24.54
C ARG T 42 16.83 1.14 -23.58
N SER T 43 18.05 1.59 -23.33
CA SER T 43 18.90 1.00 -22.31
C SER T 43 19.24 2.05 -21.27
N ILE T 44 19.14 1.69 -20.00
CA ILE T 44 19.42 2.63 -18.91
C ILE T 44 20.62 2.09 -18.13
N LEU T 45 21.54 2.98 -17.81
CA LEU T 45 22.69 2.65 -16.99
C LEU T 45 22.34 2.96 -15.54
N GLN T 46 22.54 1.98 -14.68
CA GLN T 46 22.07 2.01 -13.31
C GLN T 46 23.25 1.73 -12.38
N CYS T 47 23.17 2.27 -11.16
CA CYS T 47 24.27 2.25 -10.23
C CYS T 47 23.78 1.90 -8.82
N ASN T 48 24.49 0.99 -8.17
CA ASN T 48 24.19 0.58 -6.80
C ASN T 48 25.43 0.77 -5.93
N VAL T 49 25.22 1.29 -4.73
CA VAL T 49 26.29 1.46 -3.75
C VAL T 49 25.84 0.81 -2.45
N GLY T 50 26.54 -0.23 -2.03
CA GLY T 50 26.13 -0.96 -0.84
C GLY T 50 24.78 -1.60 -1.02
N ASN T 51 23.94 -1.49 0.01
CA ASN T 51 22.58 -2.00 -0.03
C ASN T 51 21.56 -0.90 -0.32
N LYS T 52 22.00 0.22 -0.88
CA LYS T 52 21.10 1.32 -1.18
C LYS T 52 20.34 1.05 -2.48
N SER T 53 19.26 1.79 -2.66
CA SER T 53 18.42 1.63 -3.84
C SER T 53 19.17 2.12 -5.08
N PRO T 54 18.82 1.59 -6.26
CA PRO T 54 19.57 1.92 -7.48
C PRO T 54 19.28 3.34 -7.97
N LEU T 55 20.32 3.99 -8.47
CA LEU T 55 20.24 5.32 -9.03
C LEU T 55 20.46 5.26 -10.54
N LEU T 56 19.63 5.98 -11.28
CA LEU T 56 19.77 6.06 -12.74
C LEU T 56 20.89 7.04 -13.10
N LEU T 57 21.81 6.58 -13.94
CA LEU T 57 22.91 7.42 -14.39
C LEU T 57 22.64 8.08 -15.73
N CYS T 58 22.04 7.35 -16.68
CA CYS T 58 21.64 7.89 -17.97
C CYS T 58 20.79 6.86 -18.69
N VAL T 59 20.12 7.32 -19.74
CA VAL T 59 19.31 6.47 -20.61
C VAL T 59 19.68 6.75 -22.06
N LEU T 60 19.98 5.68 -22.80
CA LEU T 60 20.38 5.75 -24.19
C LEU T 60 19.27 5.14 -25.05
N THR T 61 18.84 5.89 -26.07
CA THR T 61 17.78 5.45 -26.97
C THR T 61 18.38 5.18 -28.35
N PRO T 62 18.22 3.98 -28.90
CA PRO T 62 18.80 3.66 -30.21
C PRO T 62 18.35 4.64 -31.29
N ASP T 63 19.31 5.06 -32.12
CA ASP T 63 19.10 5.93 -33.27
C ASP T 63 18.58 7.31 -32.89
N LYS T 64 18.62 7.66 -31.59
CA LYS T 64 18.20 8.98 -31.14
C LYS T 64 19.26 9.55 -30.20
N VAL T 65 19.50 8.87 -29.09
CA VAL T 65 20.53 9.23 -28.12
C VAL T 65 21.41 8.00 -27.96
N ASP T 66 22.44 7.87 -28.81
CA ASP T 66 23.29 6.69 -28.82
C ASP T 66 24.45 6.78 -27.85
N SER T 67 24.77 7.98 -27.35
CA SER T 67 25.80 8.15 -26.35
C SER T 67 25.53 9.45 -25.59
N CYS T 68 26.09 9.54 -24.38
CA CYS T 68 25.94 10.76 -23.59
C CYS T 68 27.06 10.88 -22.58
N GLN T 69 27.35 12.14 -22.23
CA GLN T 69 28.36 12.46 -21.22
C GLN T 69 27.83 12.13 -19.82
N LEU T 70 28.74 11.68 -18.95
CA LEU T 70 28.43 11.43 -17.55
C LEU T 70 29.25 12.30 -16.61
N ASN T 71 30.59 12.15 -16.64
CA ASN T 71 31.50 12.96 -15.82
C ASN T 71 31.26 12.76 -14.33
N LEU T 72 31.27 11.49 -13.92
CA LEU T 72 31.19 11.09 -12.52
C LEU T 72 32.57 10.65 -12.04
N GLU T 73 32.77 10.63 -10.72
CA GLU T 73 34.05 10.19 -10.17
C GLU T 73 33.81 9.22 -9.03
N PHE T 74 34.58 8.14 -9.04
CA PHE T 74 34.42 7.09 -8.03
C PHE T 74 35.80 6.79 -7.43
N GLU T 75 35.84 6.53 -6.12
CA GLU T 75 37.11 6.25 -5.42
C GLU T 75 36.96 4.88 -4.80
N GLU T 76 35.79 4.60 -4.22
CA GLU T 76 35.57 3.24 -3.69
C GLU T 76 34.14 3.06 -3.25
N THR T 77 33.70 1.81 -3.17
CA THR T 77 32.36 1.53 -2.62
C THR T 77 32.55 1.24 -1.14
N VAL T 80 30.76 -0.18 -5.79
CA VAL T 80 29.82 0.41 -6.77
C VAL T 80 29.50 -0.68 -7.79
N ILE T 81 28.23 -0.87 -8.09
CA ILE T 81 27.86 -1.96 -9.00
C ILE T 81 27.05 -1.37 -10.15
N PHE T 82 27.62 -1.38 -11.34
CA PHE T 82 26.95 -0.87 -12.53
C PHE T 82 26.13 -1.98 -13.17
N SER T 83 24.94 -1.62 -13.64
CA SER T 83 24.05 -2.55 -14.30
C SER T 83 23.39 -1.85 -15.47
N VAL T 84 22.91 -2.63 -16.43
CA VAL T 84 22.25 -2.13 -17.61
C VAL T 84 20.87 -2.75 -17.69
N ILE T 85 19.84 -1.93 -17.81
CA ILE T 85 18.48 -2.41 -18.03
C ILE T 85 18.11 -2.11 -19.46
N GLY T 86 17.87 -3.16 -20.24
CA GLY T 86 17.58 -3.00 -21.64
C GLY T 86 18.19 -4.11 -22.48
N PRO T 87 17.92 -4.08 -23.79
CA PRO T 87 18.37 -5.18 -24.66
C PRO T 87 19.81 -5.04 -25.14
N ARG T 88 20.42 -3.86 -25.03
CA ARG T 88 21.74 -3.61 -25.58
C ARG T 88 22.71 -3.17 -24.49
N SER T 89 23.97 -3.53 -24.68
CA SER T 89 25.03 -3.24 -23.71
C SER T 89 25.35 -1.74 -23.72
N VAL T 90 26.12 -1.32 -22.71
CA VAL T 90 26.56 0.06 -22.59
C VAL T 90 28.08 0.07 -22.41
N HIS T 91 28.78 0.75 -23.31
CA HIS T 91 30.23 0.93 -23.20
C HIS T 91 30.50 2.17 -22.35
N LEU T 92 31.06 1.96 -21.16
CA LEU T 92 31.49 3.03 -20.28
C LEU T 92 32.97 3.30 -20.52
N THR T 93 33.31 4.57 -20.72
CA THR T 93 34.70 4.95 -20.91
C THR T 93 35.02 6.17 -20.05
N GLY T 94 36.28 6.28 -19.67
CA GLY T 94 36.75 7.35 -18.81
C GLY T 94 38.24 7.27 -18.54
N TYR T 95 38.70 7.84 -17.43
CA TYR T 95 40.14 7.88 -17.16
C TYR T 95 40.38 8.03 -15.67
N PHE T 96 41.53 7.53 -15.23
CA PHE T 96 41.95 7.70 -13.84
C PHE T 96 42.65 9.04 -13.67
N LEU T 97 42.55 9.60 -12.47
CA LEU T 97 43.14 10.90 -12.18
C LEU T 97 44.58 10.73 -11.71
#